data_8P23
#
_entry.id   8P23
#
_cell.length_a   1.00
_cell.length_b   1.00
_cell.length_c   1.00
_cell.angle_alpha   90.00
_cell.angle_beta   90.00
_cell.angle_gamma   90.00
#
_symmetry.space_group_name_H-M   'P 1'
#
loop_
_entity.id
_entity.type
_entity.pdbx_description
1 polymer 'Anaerobic ribonucleoside-triphosphate reductase'
2 non-polymer "ADENOSINE-5'-TRIPHOSPHATE"
3 non-polymer "CYTIDINE-5'-TRIPHOSPHATE"
4 non-polymer 'ZINC ION'
#
_entity_poly.entity_id   1
_entity_poly.type   'polypeptide(L)'
_entity_poly.pdbx_seq_one_letter_code
;GPGSMIQTVVKRDGRIVGFNEQKIMAAIRKAMLHTDKGEDTTLIEQITDHISYRGKSQMSVEAIQDAIEMELMKSARKDV
AQKYIAYRNQRNIARKAKTRDVFMSIVNAKNNDITRENANMNADTPAGMMMKFASETTKPFVDDYLLSEDVRDAVMHNYI
HIHDKDYYPTKSLTCVQHPLDVILNHGFTAGHGSSRPAKRIETAAVLACISLETCQNEMHGGQAIPAFDFYLAPYVRMSY
QEEVKNLEKLTGEDLSNLYDAPIDDYIEKPLDGLQGRERLEQHAINKTVNRVHQAMEAFIHNMNTIHSRGGNQVVFSSIN
YGTDTSAEGRCIMREILQSTYQGVGNGETAIFPIQIWKKKRGVNYLPEDRNYDLYKLACKVTARRFFPNFLNLDATFNQN
EKWRADDPERYKWEIATMGCRTRVFEDRWGEKTSIARGNLSFSTINIVKLAIECMGIENEKQRIDMFFAKLDNILDITAK
QLDERFQFQKTAMAKQFPLLMKYLWVGAENLKPEETIESVINHGTLGIGFIGLAECLVALIGKHHGESEKAQELGLKIIT
YMRDRANEFSEQYHHNYSILATPAEGLSGKFTKKDRKQFGVIPGVTDRDYYTNSNHVPVYYKCTALKKAQIEAPYHDLTR
GGHIFYVEIDGDATHNPSVIESVVDMMDKYNMGYGSVNHNRNRCLDCGYENADAHLEVCPKCGSHHIDKLQRITGYLVGT
TDRWNSGKLAELHDRVTHIGGEK
;
_entity_poly.pdbx_strand_id   A,B
#
# COMPACT_ATOMS: atom_id res chain seq x y z
N ILE A 6 -37.84 -30.07 -18.39
CA ILE A 6 -38.80 -29.63 -17.37
C ILE A 6 -38.48 -30.30 -16.04
N GLN A 7 -37.72 -31.40 -16.10
CA GLN A 7 -37.37 -32.19 -14.92
C GLN A 7 -35.86 -32.22 -14.72
N THR A 8 -35.20 -31.07 -14.89
CA THR A 8 -33.76 -30.97 -14.72
C THR A 8 -33.45 -29.70 -13.93
N VAL A 9 -32.70 -29.86 -12.84
CA VAL A 9 -32.29 -28.74 -12.00
C VAL A 9 -30.83 -28.93 -11.64
N VAL A 10 -30.02 -27.90 -11.90
CA VAL A 10 -28.62 -27.91 -11.47
C VAL A 10 -28.56 -27.66 -9.97
N LYS A 11 -27.55 -28.24 -9.32
CA LYS A 11 -27.45 -28.19 -7.87
C LYS A 11 -26.05 -27.76 -7.47
N ARG A 12 -25.93 -27.32 -6.21
CA ARG A 12 -24.65 -26.85 -5.70
C ARG A 12 -23.59 -27.95 -5.78
N ASP A 13 -23.95 -29.16 -5.38
CA ASP A 13 -22.97 -30.25 -5.36
C ASP A 13 -22.49 -30.62 -6.75
N GLY A 14 -23.19 -30.19 -7.80
CA GLY A 14 -22.83 -30.52 -9.16
C GLY A 14 -23.69 -31.59 -9.80
N ARG A 15 -24.41 -32.38 -9.01
CA ARG A 15 -25.37 -33.31 -9.58
C ARG A 15 -26.57 -32.54 -10.12
N ILE A 16 -27.01 -32.94 -11.31
CA ILE A 16 -28.11 -32.25 -12.01
C ILE A 16 -29.41 -33.05 -11.91
N VAL A 17 -29.43 -34.26 -12.46
CA VAL A 17 -30.57 -35.16 -12.40
C VAL A 17 -31.88 -34.39 -12.53
N GLY A 18 -32.91 -34.79 -11.77
CA GLY A 18 -34.21 -34.15 -11.83
C GLY A 18 -34.78 -33.96 -10.43
N PHE A 19 -35.99 -33.40 -10.39
CA PHE A 19 -36.66 -33.07 -9.14
C PHE A 19 -38.04 -33.71 -9.10
N ASN A 20 -38.39 -34.26 -7.93
CA ASN A 20 -39.72 -34.83 -7.74
C ASN A 20 -40.78 -33.75 -7.52
N GLU A 21 -40.38 -32.56 -7.09
CA GLU A 21 -41.18 -31.37 -6.85
C GLU A 21 -41.96 -31.45 -5.54
N GLN A 22 -41.97 -32.58 -4.84
CA GLN A 22 -42.59 -32.64 -3.52
C GLN A 22 -41.68 -32.11 -2.42
N LYS A 23 -40.38 -31.99 -2.70
CA LYS A 23 -39.44 -31.52 -1.68
C LYS A 23 -39.77 -30.08 -1.27
N ILE A 24 -40.21 -29.26 -2.23
CA ILE A 24 -40.51 -27.86 -1.93
C ILE A 24 -41.61 -27.77 -0.89
N MET A 25 -42.65 -28.61 -1.03
CA MET A 25 -43.73 -28.58 -0.06
C MET A 25 -43.23 -28.90 1.34
N ALA A 26 -42.36 -29.92 1.45
CA ALA A 26 -41.80 -30.26 2.76
C ALA A 26 -40.98 -29.12 3.33
N ALA A 27 -40.19 -28.46 2.47
CA ALA A 27 -39.39 -27.33 2.93
C ALA A 27 -40.28 -26.22 3.48
N ILE A 28 -41.33 -25.88 2.76
CA ILE A 28 -42.23 -24.82 3.21
C ILE A 28 -42.92 -25.24 4.50
N ARG A 29 -43.30 -26.52 4.61
CA ARG A 29 -43.92 -26.98 5.85
C ARG A 29 -42.97 -26.83 7.03
N LYS A 30 -41.72 -27.26 6.85
CA LYS A 30 -40.74 -27.10 7.91
C LYS A 30 -40.56 -25.64 8.28
N ALA A 31 -40.58 -24.76 7.28
CA ALA A 31 -40.44 -23.33 7.55
C ALA A 31 -41.62 -22.83 8.38
N MET A 32 -42.84 -23.23 8.03
CA MET A 32 -44.03 -22.71 8.68
C MET A 32 -44.32 -23.36 10.02
N LEU A 33 -43.68 -24.48 10.34
CA LEU A 33 -43.99 -25.21 11.56
C LEU A 33 -43.41 -24.57 12.82
N HIS A 34 -42.87 -23.35 12.74
CA HIS A 34 -42.29 -22.69 13.90
C HIS A 34 -42.95 -21.35 14.24
N THR A 35 -43.40 -20.61 13.23
CA THR A 35 -43.85 -19.23 13.44
C THR A 35 -45.20 -19.13 14.15
N ASP A 36 -45.77 -20.24 14.65
CA ASP A 36 -47.08 -20.22 15.27
C ASP A 36 -48.18 -19.85 14.28
N LYS A 37 -47.95 -20.14 13.01
CA LYS A 37 -48.90 -19.88 11.92
C LYS A 37 -48.99 -21.18 11.12
N GLY A 38 -49.92 -22.05 11.50
CA GLY A 38 -50.05 -23.34 10.86
C GLY A 38 -50.81 -23.27 9.55
N GLU A 39 -50.25 -22.59 8.56
CA GLU A 39 -50.92 -22.45 7.28
C GLU A 39 -51.11 -23.82 6.64
N ASP A 40 -52.27 -24.01 6.01
CA ASP A 40 -52.59 -25.24 5.32
C ASP A 40 -52.10 -25.18 3.88
N THR A 41 -52.47 -26.18 3.08
CA THR A 41 -51.98 -26.29 1.71
C THR A 41 -52.61 -25.29 0.75
N THR A 42 -53.48 -24.40 1.23
CA THR A 42 -54.14 -23.45 0.34
C THR A 42 -53.11 -22.64 -0.44
N LEU A 43 -52.28 -21.87 0.27
CA LEU A 43 -51.27 -21.06 -0.39
C LEU A 43 -50.20 -21.91 -1.06
N ILE A 44 -49.90 -23.08 -0.47
CA ILE A 44 -48.82 -23.91 -1.00
C ILE A 44 -49.17 -24.43 -2.39
N GLU A 45 -50.43 -24.80 -2.62
CA GLU A 45 -50.82 -25.30 -3.93
C GLU A 45 -50.52 -24.28 -5.01
N GLN A 46 -50.99 -23.05 -4.82
CA GLN A 46 -50.80 -22.02 -5.84
C GLN A 46 -49.34 -21.60 -5.94
N ILE A 47 -48.60 -21.55 -4.83
CA ILE A 47 -47.20 -21.16 -4.92
C ILE A 47 -46.42 -22.20 -5.71
N THR A 48 -46.68 -23.48 -5.46
CA THR A 48 -46.00 -24.53 -6.21
C THR A 48 -46.38 -24.49 -7.68
N ASP A 49 -47.66 -24.30 -7.98
CA ASP A 49 -48.09 -24.23 -9.37
C ASP A 49 -47.42 -23.06 -10.09
N HIS A 50 -47.37 -21.90 -9.44
CA HIS A 50 -46.78 -20.73 -10.08
C HIS A 50 -45.28 -20.90 -10.28
N ILE A 51 -44.58 -21.44 -9.26
CA ILE A 51 -43.13 -21.58 -9.37
C ILE A 51 -42.72 -22.74 -10.24
N SER A 52 -43.63 -23.66 -10.55
CA SER A 52 -43.31 -24.80 -11.41
C SER A 52 -43.55 -24.51 -12.88
N TYR A 53 -44.56 -23.71 -13.21
CA TYR A 53 -44.89 -23.40 -14.60
C TYR A 53 -45.11 -24.68 -15.40
N LYS A 56 -38.02 -26.60 -18.69
CA LYS A 56 -37.17 -27.09 -19.77
C LYS A 56 -35.70 -27.08 -19.35
N SER A 57 -35.44 -27.44 -18.10
CA SER A 57 -34.10 -27.44 -17.51
C SER A 57 -33.59 -26.02 -17.26
N GLN A 58 -34.41 -25.00 -17.52
CA GLN A 58 -33.96 -23.63 -17.43
C GLN A 58 -33.72 -23.18 -15.99
N MET A 59 -34.28 -23.89 -15.02
CA MET A 59 -34.20 -23.46 -13.63
C MET A 59 -32.93 -23.97 -12.97
N SER A 60 -32.60 -23.37 -11.82
CA SER A 60 -31.46 -23.76 -11.03
C SER A 60 -31.82 -23.57 -9.56
N VAL A 61 -31.10 -24.27 -8.69
CA VAL A 61 -31.45 -24.25 -7.28
C VAL A 61 -31.41 -22.83 -6.73
N GLU A 62 -30.44 -22.03 -7.16
CA GLU A 62 -30.38 -20.65 -6.71
C GLU A 62 -31.60 -19.87 -7.17
N ALA A 63 -32.01 -20.05 -8.42
CA ALA A 63 -33.17 -19.32 -8.94
C ALA A 63 -34.44 -19.68 -8.18
N ILE A 64 -34.64 -20.98 -7.91
CA ILE A 64 -35.85 -21.41 -7.21
C ILE A 64 -35.91 -20.78 -5.83
N GLN A 65 -34.75 -20.65 -5.17
CA GLN A 65 -34.72 -20.01 -3.87
C GLN A 65 -35.27 -18.58 -3.94
N ASP A 66 -34.77 -17.79 -4.88
CA ASP A 66 -35.23 -16.42 -5.01
C ASP A 66 -36.71 -16.36 -5.37
N ALA A 67 -37.14 -17.22 -6.29
CA ALA A 67 -38.55 -17.19 -6.71
C ALA A 67 -39.47 -17.51 -5.54
N ILE A 68 -39.15 -18.56 -4.78
CA ILE A 68 -40.02 -18.95 -3.68
C ILE A 68 -39.98 -17.89 -2.57
N GLU A 69 -38.81 -17.29 -2.33
CA GLU A 69 -38.73 -16.24 -1.33
C GLU A 69 -39.61 -15.05 -1.72
N MET A 70 -39.53 -14.63 -2.98
CA MET A 70 -40.36 -13.51 -3.43
C MET A 70 -41.84 -13.84 -3.34
N GLU A 71 -42.22 -15.05 -3.74
CA GLU A 71 -43.63 -15.43 -3.68
C GLU A 71 -44.13 -15.45 -2.23
N LEU A 72 -43.31 -15.97 -1.32
CA LEU A 72 -43.70 -15.97 0.09
C LEU A 72 -43.81 -14.56 0.63
N MET A 73 -42.89 -13.69 0.25
CA MET A 73 -42.95 -12.29 0.71
C MET A 73 -44.22 -11.62 0.20
N LYS A 74 -44.61 -11.90 -1.05
CA LYS A 74 -45.80 -11.29 -1.63
C LYS A 74 -47.08 -11.69 -0.91
N SER A 75 -47.05 -12.72 -0.08
CA SER A 75 -48.21 -13.17 0.67
C SER A 75 -48.37 -12.45 2.01
N ALA A 76 -47.58 -11.41 2.25
CA ALA A 76 -47.67 -10.62 3.48
C ALA A 76 -47.45 -11.48 4.72
N ARG A 77 -46.52 -12.44 4.63
CA ARG A 77 -46.14 -13.28 5.76
C ARG A 77 -44.77 -12.94 6.30
N LYS A 78 -43.76 -12.85 5.43
CA LYS A 78 -42.43 -12.37 5.81
C LYS A 78 -41.75 -13.31 6.80
N ASP A 79 -42.31 -13.43 8.01
CA ASP A 79 -41.66 -14.24 9.04
C ASP A 79 -41.32 -15.63 8.52
N VAL A 80 -42.22 -16.22 7.73
CA VAL A 80 -41.92 -17.49 7.10
C VAL A 80 -40.65 -17.37 6.27
N ALA A 81 -40.57 -16.32 5.46
CA ALA A 81 -39.33 -16.06 4.73
C ALA A 81 -38.18 -15.73 5.68
N GLN A 82 -38.47 -15.04 6.78
CA GLN A 82 -37.41 -14.61 7.69
C GLN A 82 -36.65 -15.82 8.24
N LYS A 83 -37.36 -16.84 8.69
CA LYS A 83 -36.70 -18.04 9.20
C LYS A 83 -36.57 -19.15 8.16
N TYR A 84 -37.00 -18.90 6.92
CA TYR A 84 -36.59 -19.74 5.80
C TYR A 84 -35.24 -19.33 5.24
N ILE A 85 -34.86 -18.06 5.38
CA ILE A 85 -33.54 -17.60 4.99
C ILE A 85 -32.56 -17.61 6.16
N ALA A 86 -33.06 -17.67 7.39
CA ALA A 86 -32.19 -17.74 8.57
C ALA A 86 -31.69 -19.14 8.85
N TYR A 87 -32.14 -20.14 8.08
CA TYR A 87 -31.66 -21.50 8.21
C TYR A 87 -30.52 -21.82 7.27
N ARG A 88 -30.57 -21.30 6.04
CA ARG A 88 -29.46 -21.51 5.11
C ARG A 88 -28.20 -20.83 5.59
N ASN A 89 -28.32 -19.65 6.20
CA ASN A 89 -27.15 -18.91 6.64
C ASN A 89 -26.47 -19.60 7.81
N GLN A 90 -27.24 -20.09 8.78
CA GLN A 90 -26.65 -20.81 9.91
C GLN A 90 -26.11 -22.17 9.51
N ARG A 91 -26.43 -22.64 8.31
CA ARG A 91 -25.83 -23.86 7.78
C ARG A 91 -24.54 -23.59 7.03
N ASN A 92 -24.54 -22.57 6.16
CA ASN A 92 -23.31 -22.20 5.46
C ASN A 92 -22.21 -21.82 6.43
N ILE A 93 -22.58 -21.24 7.57
CA ILE A 93 -21.57 -20.92 8.58
C ILE A 93 -20.95 -22.21 9.13
N ALA A 94 -21.76 -23.22 9.42
CA ALA A 94 -21.22 -24.48 9.90
C ALA A 94 -20.39 -25.18 8.83
N ARG A 95 -20.75 -25.02 7.56
CA ARG A 95 -19.94 -25.53 6.46
C ARG A 95 -18.60 -24.82 6.35
N LYS A 96 -18.32 -23.86 7.24
CA LYS A 96 -17.08 -23.09 7.24
C LYS A 96 -16.78 -22.74 8.69
N ALA A 97 -15.86 -21.80 8.89
CA ALA A 97 -15.38 -21.34 10.19
C ALA A 97 -14.34 -22.29 10.76
N LYS A 98 -13.89 -23.30 10.00
CA LYS A 98 -12.72 -24.04 10.43
C LYS A 98 -11.46 -23.17 10.40
N THR A 99 -11.54 -22.00 9.76
CA THR A 99 -10.47 -21.01 9.74
C THR A 99 -10.90 -19.74 10.44
N ARG A 100 -11.61 -19.89 11.56
CA ARG A 100 -12.09 -18.76 12.34
C ARG A 100 -11.16 -18.40 13.49
N ASP A 101 -10.43 -19.37 14.03
CA ASP A 101 -9.50 -19.08 15.12
C ASP A 101 -8.39 -18.15 14.66
N VAL A 102 -7.87 -18.38 13.45
CA VAL A 102 -6.79 -17.53 12.93
C VAL A 102 -7.24 -16.08 12.80
N PHE A 103 -8.44 -15.88 12.24
CA PHE A 103 -8.95 -14.52 12.08
C PHE A 103 -9.20 -13.87 13.43
N MET A 104 -9.72 -14.64 14.39
CA MET A 104 -9.94 -14.09 15.72
C MET A 104 -8.62 -13.66 16.36
N SER A 105 -7.58 -14.49 16.24
CA SER A 105 -6.28 -14.14 16.79
C SER A 105 -5.72 -12.89 16.12
N ILE A 106 -5.86 -12.79 14.79
CA ILE A 106 -5.37 -11.62 14.08
C ILE A 106 -6.10 -10.36 14.54
N VAL A 107 -7.43 -10.45 14.64
CA VAL A 107 -8.21 -9.28 15.04
C VAL A 107 -7.85 -8.86 16.46
N ASN A 108 -7.73 -9.82 17.37
CA ASN A 108 -7.38 -9.51 18.75
C ASN A 108 -5.94 -9.04 18.91
N ALA A 109 -5.13 -9.15 17.85
CA ALA A 109 -3.73 -8.70 17.88
C ALA A 109 -2.96 -9.41 18.99
N LYS A 110 -2.89 -10.74 18.87
CA LYS A 110 -2.14 -11.58 19.78
C LYS A 110 -0.80 -11.98 19.17
N ASN A 111 0.12 -12.40 20.03
CA ASN A 111 1.47 -12.74 19.60
C ASN A 111 1.51 -14.22 19.18
N ASN A 112 0.87 -14.48 18.05
CA ASN A 112 0.84 -15.82 17.46
C ASN A 112 1.88 -15.95 16.37
N ASP A 113 2.11 -17.20 15.95
CA ASP A 113 3.10 -17.45 14.90
C ASP A 113 2.68 -16.86 13.58
N ILE A 114 1.38 -16.83 13.29
CA ILE A 114 0.90 -16.28 12.03
C ILE A 114 1.23 -14.80 11.93
N THR A 115 1.05 -14.07 13.03
CA THR A 115 1.30 -12.63 13.01
C THR A 115 2.76 -12.31 12.71
N ARG A 116 3.68 -13.09 13.28
CA ARG A 116 5.11 -12.83 13.17
C ARG A 116 5.70 -13.75 12.11
N GLU A 117 5.82 -13.25 10.87
CA GLU A 117 6.48 -13.98 9.81
C GLU A 117 7.57 -13.11 9.20
N ASN A 118 7.34 -11.80 9.16
CA ASN A 118 8.32 -10.82 8.72
C ASN A 118 8.49 -9.79 9.81
N ALA A 119 9.72 -9.58 10.26
CA ALA A 119 9.99 -8.66 11.36
C ALA A 119 9.96 -7.20 10.94
N ASN A 120 9.99 -6.91 9.63
CA ASN A 120 9.92 -5.54 9.15
C ASN A 120 8.49 -5.06 8.93
N MET A 121 7.50 -5.94 9.07
CA MET A 121 6.10 -5.58 8.93
C MET A 121 5.43 -5.47 10.30
N ASN A 122 4.45 -4.59 10.39
CA ASN A 122 3.70 -4.36 11.62
C ASN A 122 2.32 -5.00 11.48
N ALA A 123 2.01 -5.93 12.38
CA ALA A 123 0.73 -6.62 12.35
C ALA A 123 -0.36 -5.92 13.15
N ASP A 124 -0.02 -4.87 13.89
CA ASP A 124 -0.97 -4.13 14.71
C ASP A 124 -1.49 -2.88 14.01
N THR A 125 -1.49 -2.87 12.68
CA THR A 125 -1.96 -1.74 11.89
C THR A 125 -2.89 -2.26 10.80
N PRO A 126 -3.78 -1.40 10.30
CA PRO A 126 -4.71 -1.86 9.25
C PRO A 126 -4.01 -2.45 8.03
N ALA A 127 -2.89 -1.87 7.60
CA ALA A 127 -2.21 -2.38 6.42
C ALA A 127 -1.69 -3.80 6.66
N GLY A 128 -1.10 -4.04 7.83
CA GLY A 128 -0.61 -5.38 8.12
C GLY A 128 -1.72 -6.41 8.17
N MET A 129 -2.85 -6.05 8.80
CA MET A 129 -3.97 -6.97 8.85
C MET A 129 -4.52 -7.25 7.45
N MET A 130 -4.59 -6.23 6.61
CA MET A 130 -5.07 -6.43 5.25
C MET A 130 -4.15 -7.38 4.49
N MET A 131 -2.83 -7.19 4.62
CA MET A 131 -1.89 -8.08 3.95
C MET A 131 -2.00 -9.50 4.49
N LYS A 132 -2.18 -9.65 5.80
CA LYS A 132 -2.33 -11.00 6.35
C LYS A 132 -3.58 -11.68 5.81
N PHE A 133 -4.69 -10.95 5.73
CA PHE A 133 -5.89 -11.54 5.14
C PHE A 133 -5.68 -11.93 3.69
N ALA A 134 -4.99 -11.07 2.93
CA ALA A 134 -4.70 -11.41 1.53
C ALA A 134 -3.87 -12.67 1.44
N SER A 135 -2.84 -12.79 2.27
CA SER A 135 -2.01 -13.99 2.24
C SER A 135 -2.80 -15.22 2.61
N GLU A 136 -3.65 -15.12 3.65
CA GLU A 136 -4.43 -16.27 4.08
C GLU A 136 -5.40 -16.71 3.00
N THR A 137 -6.02 -15.76 2.30
CA THR A 137 -6.99 -16.11 1.28
C THR A 137 -6.36 -16.48 -0.05
N THR A 138 -5.07 -16.19 -0.26
CA THR A 138 -4.41 -16.56 -1.50
C THR A 138 -3.55 -17.82 -1.39
N LYS A 139 -3.09 -18.18 -0.19
CA LYS A 139 -2.28 -19.38 -0.06
C LYS A 139 -3.05 -20.64 -0.44
N PRO A 140 -4.25 -20.89 0.05
CA PRO A 140 -4.97 -22.10 -0.36
C PRO A 140 -5.24 -22.16 -1.86
N PHE A 141 -5.42 -21.01 -2.52
CA PHE A 141 -5.77 -21.01 -3.93
C PHE A 141 -4.68 -21.64 -4.77
N VAL A 142 -3.41 -21.32 -4.49
CA VAL A 142 -2.32 -21.81 -5.33
C VAL A 142 -2.18 -23.32 -5.20
N ASP A 143 -2.56 -23.89 -4.05
CA ASP A 143 -2.42 -25.32 -3.84
C ASP A 143 -3.26 -26.14 -4.81
N ASP A 144 -4.26 -25.52 -5.46
CA ASP A 144 -5.08 -26.21 -6.45
C ASP A 144 -5.34 -25.28 -7.62
N TYR A 145 -5.54 -25.87 -8.79
CA TYR A 145 -5.80 -25.24 -10.07
C TYR A 145 -4.53 -24.61 -10.67
N LEU A 146 -3.41 -24.60 -9.96
CA LEU A 146 -2.17 -24.04 -10.48
C LEU A 146 -1.02 -25.03 -10.49
N LEU A 147 -0.77 -25.72 -9.38
CA LEU A 147 0.34 -26.66 -9.32
C LEU A 147 -0.06 -27.98 -9.97
N SER A 148 0.84 -28.95 -9.92
CA SER A 148 0.62 -30.27 -10.46
C SER A 148 0.51 -31.30 -9.33
N GLU A 149 -0.05 -32.46 -9.65
CA GLU A 149 -0.30 -33.47 -8.64
C GLU A 149 1.00 -33.96 -8.00
N ASP A 150 2.03 -34.20 -8.81
CA ASP A 150 3.31 -34.66 -8.26
C ASP A 150 3.94 -33.56 -7.41
N VAL A 151 3.89 -32.31 -7.87
CA VAL A 151 4.45 -31.21 -7.09
C VAL A 151 3.65 -31.02 -5.81
N ARG A 152 2.32 -31.15 -5.87
CA ARG A 152 1.52 -31.02 -4.66
C ARG A 152 1.87 -32.11 -3.65
N ASP A 153 2.04 -33.34 -4.12
CA ASP A 153 2.44 -34.42 -3.23
C ASP A 153 3.80 -34.14 -2.62
N ALA A 154 4.75 -33.66 -3.43
CA ALA A 154 6.09 -33.39 -2.92
C ALA A 154 6.07 -32.29 -1.86
N VAL A 155 5.34 -31.21 -2.12
CA VAL A 155 5.30 -30.11 -1.17
C VAL A 155 4.57 -30.50 0.11
N MET A 156 3.54 -31.33 -0.02
CA MET A 156 2.77 -31.72 1.17
C MET A 156 3.64 -32.50 2.16
N HIS A 157 4.55 -33.34 1.67
CA HIS A 157 5.35 -34.20 2.52
C HIS A 157 6.61 -33.52 3.04
N ASN A 158 6.66 -32.18 3.02
CA ASN A 158 7.72 -31.43 3.69
C ASN A 158 9.09 -31.70 3.06
N TYR A 159 9.17 -31.54 1.73
CA TYR A 159 10.41 -31.65 1.00
C TYR A 159 10.82 -30.35 0.33
N ILE A 160 9.92 -29.74 -0.44
CA ILE A 160 10.19 -28.54 -1.21
C ILE A 160 9.43 -27.37 -0.61
N HIS A 161 10.11 -26.24 -0.47
CA HIS A 161 9.50 -25.00 0.01
C HIS A 161 9.55 -23.98 -1.11
N ILE A 162 8.40 -23.44 -1.48
CA ILE A 162 8.29 -22.45 -2.53
C ILE A 162 8.26 -21.07 -1.89
N HIS A 163 9.26 -20.25 -2.17
CA HIS A 163 9.32 -18.91 -1.61
C HIS A 163 8.36 -17.97 -2.32
N ASP A 164 7.85 -17.00 -1.57
CA ASP A 164 6.93 -16.01 -2.12
C ASP A 164 5.73 -16.69 -2.78
N LYS A 165 5.18 -17.70 -2.11
CA LYS A 165 4.02 -18.40 -2.64
C LYS A 165 2.76 -17.56 -2.56
N ASP A 166 2.74 -16.53 -1.71
CA ASP A 166 1.58 -15.66 -1.62
C ASP A 166 1.34 -14.91 -2.93
N TYR A 167 2.41 -14.43 -3.55
CA TYR A 167 2.33 -13.62 -4.76
C TYR A 167 2.35 -14.45 -6.03
N TYR A 168 2.13 -15.76 -5.93
CA TYR A 168 2.18 -16.61 -7.12
C TYR A 168 1.23 -16.15 -8.21
N PRO A 169 -0.06 -15.88 -7.93
CA PRO A 169 -0.97 -15.51 -9.02
C PRO A 169 -0.70 -14.15 -9.63
N THR A 170 0.10 -13.30 -8.98
CA THR A 170 0.32 -11.94 -9.47
C THR A 170 1.38 -11.84 -10.56
N LYS A 171 2.15 -12.90 -10.80
CA LYS A 171 3.19 -12.89 -11.83
C LYS A 171 4.22 -11.80 -11.56
N SER A 172 4.85 -11.88 -10.40
CA SER A 172 5.78 -10.86 -9.93
C SER A 172 7.19 -11.42 -9.84
N LEU A 173 8.18 -10.61 -10.23
CA LEU A 173 9.57 -10.95 -10.08
C LEU A 173 10.05 -10.56 -8.68
N THR A 174 11.34 -10.72 -8.42
CA THR A 174 11.87 -10.57 -7.07
C THR A 174 12.72 -9.31 -6.89
N CYS A 175 13.77 -9.14 -7.71
CA CYS A 175 14.70 -8.04 -7.51
C CYS A 175 15.27 -7.59 -8.84
N VAL A 176 15.85 -6.40 -8.84
CA VAL A 176 16.46 -5.83 -10.03
C VAL A 176 17.49 -4.80 -9.61
N GLN A 177 18.48 -4.56 -10.47
CA GLN A 177 19.50 -3.54 -10.24
C GLN A 177 19.11 -2.29 -11.01
N HIS A 178 19.10 -1.15 -10.33
CA HIS A 178 18.59 0.08 -10.92
C HIS A 178 19.65 0.76 -11.77
N PRO A 179 19.43 0.93 -13.08
CA PRO A 179 20.29 1.82 -13.87
C PRO A 179 19.86 3.28 -13.71
N LEU A 180 20.31 3.89 -12.62
CA LEU A 180 19.82 5.20 -12.24
C LEU A 180 20.51 6.31 -13.02
N ASP A 181 20.51 6.19 -14.34
CA ASP A 181 21.06 7.21 -15.22
C ASP A 181 20.06 7.67 -16.26
N VAL A 182 19.28 6.75 -16.83
CA VAL A 182 18.24 7.14 -17.78
C VAL A 182 17.13 7.89 -17.08
N ILE A 183 16.82 7.51 -15.84
CA ILE A 183 15.74 8.16 -15.10
C ILE A 183 16.09 9.62 -14.82
N LEU A 184 17.34 9.89 -14.41
CA LEU A 184 17.72 11.25 -14.07
C LEU A 184 17.82 12.14 -15.31
N ASN A 185 18.48 11.64 -16.36
CA ASN A 185 18.67 12.45 -17.56
C ASN A 185 17.34 12.79 -18.21
N HIS A 186 16.45 11.80 -18.33
CA HIS A 186 15.12 11.99 -18.91
C HIS A 186 14.10 11.62 -17.84
N GLY A 187 13.47 12.63 -17.24
CA GLY A 187 12.55 12.37 -16.15
C GLY A 187 11.36 11.54 -16.62
N PHE A 188 10.77 10.83 -15.66
CA PHE A 188 9.61 10.01 -15.94
C PHE A 188 8.32 10.78 -15.68
N PRO A 197 14.36 16.49 -15.57
CA PRO A 197 15.82 16.38 -15.46
C PRO A 197 16.38 17.15 -14.27
N ALA A 198 17.02 16.44 -13.35
CA ALA A 198 17.57 17.07 -12.16
C ALA A 198 18.72 18.01 -12.53
N LYS A 199 18.82 19.11 -11.79
CA LYS A 199 19.88 20.09 -12.00
C LYS A 199 20.65 20.42 -10.74
N ARG A 200 20.28 19.85 -9.59
CA ARG A 200 20.96 20.11 -8.34
C ARG A 200 21.05 18.81 -7.55
N ILE A 201 21.88 18.82 -6.50
CA ILE A 201 22.12 17.60 -5.74
C ILE A 201 20.86 17.14 -5.03
N GLU A 202 20.10 18.09 -4.46
CA GLU A 202 18.91 17.72 -3.70
C GLU A 202 17.89 17.04 -4.61
N THR A 203 17.74 17.52 -5.84
CA THR A 203 16.79 16.91 -6.76
C THR A 203 17.15 15.45 -7.04
N ALA A 204 18.44 15.18 -7.25
CA ALA A 204 18.87 13.80 -7.47
C ALA A 204 18.64 12.94 -6.23
N ALA A 205 18.93 13.50 -5.05
CA ALA A 205 18.71 12.73 -3.83
C ALA A 205 17.24 12.36 -3.66
N VAL A 206 16.34 13.28 -4.01
CA VAL A 206 14.91 12.97 -3.92
C VAL A 206 14.51 11.96 -4.98
N LEU A 207 15.01 12.12 -6.21
CA LEU A 207 14.62 11.23 -7.29
C LEU A 207 15.05 9.79 -7.04
N ALA A 208 16.21 9.59 -6.41
CA ALA A 208 16.64 8.24 -6.10
C ALA A 208 15.61 7.53 -5.21
N CYS A 209 15.21 8.19 -4.12
CA CYS A 209 14.24 7.58 -3.22
C CYS A 209 12.90 7.38 -3.90
N ILE A 210 12.48 8.34 -4.73
CA ILE A 210 11.21 8.19 -5.44
C ILE A 210 11.26 6.97 -6.34
N SER A 211 12.36 6.79 -7.08
CA SER A 211 12.48 5.64 -7.97
C SER A 211 12.44 4.33 -7.19
N LEU A 212 13.18 4.26 -6.08
CA LEU A 212 13.16 3.04 -5.27
C LEU A 212 11.75 2.74 -4.79
N GLU A 213 11.06 3.73 -4.23
CA GLU A 213 9.73 3.50 -3.68
C GLU A 213 8.75 3.06 -4.78
N THR A 214 8.79 3.71 -5.94
CA THR A 214 7.84 3.37 -6.99
C THR A 214 8.14 2.01 -7.60
N CYS A 215 9.41 1.60 -7.66
CA CYS A 215 9.75 0.30 -8.18
C CYS A 215 9.50 -0.82 -7.17
N GLN A 216 9.39 -0.49 -5.88
CA GLN A 216 9.15 -1.51 -4.88
C GLN A 216 7.83 -2.24 -5.12
N ASN A 217 6.77 -1.48 -5.45
CA ASN A 217 5.45 -2.08 -5.56
C ASN A 217 5.38 -3.13 -6.67
N GLU A 218 6.00 -2.84 -7.82
CA GLU A 218 5.91 -3.74 -8.95
C GLU A 218 6.61 -5.07 -8.74
N MET A 219 7.40 -5.20 -7.68
CA MET A 219 8.09 -6.44 -7.33
C MET A 219 7.80 -6.77 -5.88
N HIS A 220 8.40 -7.85 -5.38
CA HIS A 220 8.20 -8.29 -4.01
C HIS A 220 9.53 -8.62 -3.32
N GLY A 221 10.61 -7.96 -3.74
CA GLY A 221 11.90 -8.15 -3.13
C GLY A 221 12.64 -6.85 -2.91
N GLY A 222 13.93 -6.94 -2.58
CA GLY A 222 14.71 -5.75 -2.32
C GLY A 222 15.12 -5.02 -3.59
N GLN A 223 15.69 -3.83 -3.38
CA GLN A 223 16.17 -3.00 -4.47
C GLN A 223 17.61 -2.57 -4.17
N ALA A 224 18.38 -2.35 -5.23
CA ALA A 224 19.80 -2.06 -5.08
C ALA A 224 20.25 -1.04 -6.11
N ILE A 225 21.15 -0.16 -5.69
CA ILE A 225 21.82 0.78 -6.58
C ILE A 225 23.24 0.27 -6.79
N PRO A 226 23.67 0.00 -8.03
CA PRO A 226 24.96 -0.66 -8.24
C PRO A 226 26.16 0.27 -8.21
N ALA A 227 25.96 1.54 -8.54
CA ALA A 227 27.07 2.49 -8.59
C ALA A 227 26.54 3.86 -8.16
N PHE A 228 26.69 4.16 -6.87
CA PHE A 228 26.20 5.42 -6.32
C PHE A 228 27.06 6.59 -6.77
N ASP A 229 28.38 6.44 -6.67
CA ASP A 229 29.28 7.55 -6.97
C ASP A 229 29.25 7.91 -8.45
N PHE A 230 29.34 6.91 -9.33
CA PHE A 230 29.40 7.20 -10.76
C PHE A 230 28.11 7.83 -11.26
N TYR A 231 27.03 7.76 -10.50
CA TYR A 231 25.77 8.40 -10.87
C TYR A 231 25.60 9.77 -10.24
N LEU A 232 25.98 9.95 -8.97
CA LEU A 232 25.77 11.23 -8.30
C LEU A 232 26.95 12.19 -8.40
N ALA A 233 28.07 11.77 -9.00
CA ALA A 233 29.21 12.68 -9.10
C ALA A 233 28.92 13.90 -9.98
N PRO A 234 28.31 13.77 -11.16
CA PRO A 234 28.25 14.91 -12.08
C PRO A 234 27.37 16.07 -11.62
N TYR A 235 26.78 16.01 -10.43
CA TYR A 235 25.93 17.11 -9.95
C TYR A 235 26.64 18.02 -8.96
N VAL A 236 27.67 17.55 -8.28
CA VAL A 236 28.44 18.43 -7.40
C VAL A 236 29.08 19.54 -8.21
N ARG A 237 29.54 19.23 -9.42
CA ARG A 237 30.15 20.25 -10.25
C ARG A 237 29.13 21.31 -10.65
N MET A 238 27.90 20.89 -10.98
CA MET A 238 26.86 21.85 -11.31
C MET A 238 26.52 22.72 -10.11
N SER A 239 26.47 22.12 -8.92
CA SER A 239 26.22 22.91 -7.72
C SER A 239 27.32 23.95 -7.51
N TYR A 240 28.57 23.54 -7.71
CA TYR A 240 29.68 24.48 -7.57
C TYR A 240 29.58 25.60 -8.60
N GLN A 241 29.21 25.27 -9.84
CA GLN A 241 29.05 26.30 -10.86
C GLN A 241 27.96 27.29 -10.48
N GLU A 242 26.83 26.79 -9.97
CA GLU A 242 25.76 27.68 -9.55
C GLU A 242 26.21 28.58 -8.41
N GLU A 243 26.95 28.02 -7.45
CA GLU A 243 27.41 28.82 -6.31
C GLU A 243 28.35 29.93 -6.76
N VAL A 244 29.30 29.61 -7.65
CA VAL A 244 30.22 30.62 -8.12
C VAL A 244 29.49 31.67 -8.95
N LYS A 245 28.50 31.27 -9.74
CA LYS A 245 27.72 32.23 -10.50
C LYS A 245 26.97 33.18 -9.57
N ASN A 246 26.38 32.66 -8.50
CA ASN A 246 25.69 33.51 -7.54
C ASN A 246 26.66 34.48 -6.88
N LEU A 247 27.84 33.98 -6.47
CA LEU A 247 28.82 34.84 -5.83
C LEU A 247 29.27 35.95 -6.79
N GLU A 248 29.47 35.60 -8.05
CA GLU A 248 29.82 36.61 -9.05
C GLU A 248 28.72 37.64 -9.20
N LYS A 249 27.46 37.18 -9.19
CA LYS A 249 26.34 38.12 -9.27
C LYS A 249 26.37 39.08 -8.09
N LEU A 250 26.74 38.59 -6.90
CA LEU A 250 26.84 39.46 -5.73
C LEU A 250 27.77 40.64 -6.00
N THR A 251 29.05 40.34 -6.26
CA THR A 251 30.07 41.35 -6.49
C THR A 251 30.50 41.29 -7.95
N GLY A 252 30.41 42.43 -8.64
CA GLY A 252 30.72 42.47 -10.05
C GLY A 252 32.14 42.03 -10.38
N GLU A 253 32.27 40.85 -10.98
CA GLU A 253 33.56 40.34 -11.44
C GLU A 253 33.31 39.36 -12.56
N ASP A 254 34.37 39.04 -13.30
CA ASP A 254 34.22 38.12 -14.43
C ASP A 254 34.08 36.67 -13.94
N LEU A 255 35.10 36.14 -13.27
CA LEU A 255 35.07 34.79 -12.72
C LEU A 255 34.65 33.74 -13.75
N SER A 256 34.79 34.06 -15.04
CA SER A 256 34.33 33.14 -16.08
C SER A 256 35.28 31.96 -16.22
N ASN A 257 36.57 32.18 -16.04
CA ASN A 257 37.54 31.11 -16.24
C ASN A 257 37.38 29.99 -15.22
N LEU A 258 36.90 30.31 -14.02
CA LEU A 258 36.88 29.36 -12.91
C LEU A 258 35.64 28.46 -12.98
N TYR A 259 35.49 27.79 -14.13
CA TYR A 259 34.46 26.77 -14.31
C TYR A 259 35.06 25.41 -14.58
N ASP A 260 35.95 25.28 -15.56
CA ASP A 260 36.65 24.03 -15.85
C ASP A 260 37.99 23.96 -15.13
N ALA A 261 37.98 24.19 -13.82
CA ALA A 261 39.20 24.19 -13.03
C ALA A 261 39.28 22.90 -12.21
N PRO A 262 40.25 22.02 -12.45
CA PRO A 262 40.31 20.78 -11.68
C PRO A 262 40.54 21.07 -10.20
N ILE A 263 39.91 20.24 -9.36
CA ILE A 263 40.03 20.36 -7.91
C ILE A 263 40.59 19.05 -7.38
N ASP A 264 41.65 19.14 -6.57
CA ASP A 264 42.24 17.94 -6.00
C ASP A 264 41.29 17.29 -5.00
N ASP A 265 40.68 18.09 -4.12
CA ASP A 265 39.76 17.56 -3.13
C ASP A 265 39.03 18.72 -2.46
N TYR A 266 37.73 18.52 -2.24
CA TYR A 266 36.89 19.55 -1.60
C TYR A 266 37.09 19.46 -0.09
N ILE A 267 37.91 20.35 0.46
CA ILE A 267 38.15 20.46 1.89
C ILE A 267 37.84 21.88 2.33
N GLU A 268 37.23 22.01 3.51
CA GLU A 268 36.81 23.30 4.04
C GLU A 268 37.75 23.72 5.16
N LYS A 269 38.24 24.95 5.10
CA LYS A 269 39.15 25.51 6.09
C LYS A 269 38.69 26.91 6.42
N PRO A 270 39.09 27.44 7.58
CA PRO A 270 38.63 28.78 7.97
C PRO A 270 39.11 29.85 7.00
N LEU A 271 38.29 30.90 6.87
CA LEU A 271 38.60 32.04 6.01
C LEU A 271 39.30 33.10 6.85
N ASP A 272 40.57 32.85 7.14
CA ASP A 272 41.42 33.79 7.88
C ASP A 272 42.64 34.11 7.05
N GLY A 273 42.96 35.39 6.95
CA GLY A 273 44.12 35.82 6.19
C GLY A 273 44.03 35.55 4.71
N LEU A 274 42.85 35.75 4.13
CA LEU A 274 42.65 35.62 2.69
C LEU A 274 42.00 36.90 2.16
N GLN A 275 42.37 37.26 0.93
CA GLN A 275 41.83 38.47 0.32
C GLN A 275 41.94 38.34 -1.19
N GLY A 276 41.18 39.20 -1.89
CA GLY A 276 41.16 39.21 -3.35
C GLY A 276 40.51 37.92 -3.87
N ARG A 277 40.97 37.44 -5.03
CA ARG A 277 40.34 36.28 -5.65
C ARG A 277 40.93 34.98 -5.10
N GLU A 278 40.95 34.86 -3.77
CA GLU A 278 41.27 33.59 -3.12
C GLU A 278 40.22 33.31 -2.06
N ARG A 279 39.61 34.37 -1.53
CA ARG A 279 38.48 34.25 -0.62
C ARG A 279 37.19 33.92 -1.36
N LEU A 280 37.16 34.08 -2.68
CA LEU A 280 35.96 33.82 -3.47
C LEU A 280 35.90 32.40 -4.03
N GLU A 281 36.87 31.55 -3.70
CA GLU A 281 36.85 30.14 -4.09
C GLU A 281 36.70 29.22 -2.89
N GLN A 282 37.40 29.50 -1.79
CA GLN A 282 37.21 28.74 -0.58
C GLN A 282 35.77 28.81 -0.10
N HIS A 283 35.15 29.98 -0.25
CA HIS A 283 33.75 30.14 0.16
C HIS A 283 32.84 29.25 -0.67
N ALA A 284 33.04 29.21 -1.99
CA ALA A 284 32.23 28.35 -2.84
C ALA A 284 32.44 26.88 -2.49
N ILE A 285 33.69 26.49 -2.22
CA ILE A 285 33.95 25.11 -1.83
C ILE A 285 33.21 24.77 -0.55
N ASN A 286 33.25 25.67 0.44
CA ASN A 286 32.55 25.42 1.69
C ASN A 286 31.04 25.27 1.46
N LYS A 287 30.47 26.15 0.63
CA LYS A 287 29.04 26.06 0.37
C LYS A 287 28.68 24.75 -0.31
N THR A 288 29.47 24.32 -1.29
CA THR A 288 29.19 23.04 -1.95
C THR A 288 29.28 21.88 -0.96
N VAL A 289 30.29 21.91 -0.09
CA VAL A 289 30.43 20.84 0.90
C VAL A 289 29.20 20.79 1.80
N ASN A 290 28.74 21.95 2.28
CA ASN A 290 27.57 21.97 3.13
C ASN A 290 26.34 21.46 2.39
N ARG A 291 26.17 21.85 1.13
CA ARG A 291 25.02 21.40 0.35
C ARG A 291 25.02 19.88 0.23
N VAL A 292 26.17 19.29 -0.10
CA VAL A 292 26.22 17.84 -0.26
C VAL A 292 25.96 17.15 1.07
N HIS A 293 26.53 17.67 2.16
CA HIS A 293 26.31 17.09 3.47
C HIS A 293 24.82 17.08 3.81
N GLN A 294 24.14 18.21 3.60
CA GLN A 294 22.72 18.29 3.91
C GLN A 294 21.91 17.34 3.04
N ALA A 295 22.24 17.25 1.75
CA ALA A 295 21.51 16.36 0.87
C ALA A 295 21.64 14.91 1.31
N MET A 296 22.85 14.49 1.66
CA MET A 296 23.04 13.10 2.08
C MET A 296 22.36 12.83 3.42
N GLU A 297 22.41 13.78 4.35
CA GLU A 297 21.69 13.60 5.61
C GLU A 297 20.19 13.46 5.36
N ALA A 298 19.65 14.26 4.46
CA ALA A 298 18.23 14.16 4.13
C ALA A 298 17.92 12.80 3.53
N PHE A 299 18.77 12.31 2.62
CA PHE A 299 18.55 11.01 2.02
C PHE A 299 18.50 9.91 3.08
N ILE A 300 19.49 9.90 3.97
CA ILE A 300 19.58 8.83 4.96
C ILE A 300 18.42 8.92 5.95
N HIS A 301 17.98 10.14 6.29
CA HIS A 301 16.86 10.28 7.20
C HIS A 301 15.53 9.93 6.53
N ASN A 302 15.42 10.14 5.23
CA ASN A 302 14.18 9.86 4.53
C ASN A 302 14.01 8.39 4.21
N MET A 303 15.09 7.68 3.91
CA MET A 303 14.99 6.27 3.55
C MET A 303 14.88 5.35 4.76
N ASN A 304 14.53 5.83 5.94
CA ASN A 304 14.54 4.98 7.15
C ASN A 304 13.32 5.33 7.99
N THR A 305 12.52 6.30 7.55
CA THR A 305 11.25 6.68 8.25
C THR A 305 10.19 7.03 7.20
N ILE A 306 10.09 6.25 6.13
CA ILE A 306 8.98 6.50 5.17
C ILE A 306 8.23 5.17 4.95
N HIS A 307 7.03 5.04 5.52
CA HIS A 307 6.26 3.76 5.45
C HIS A 307 5.52 3.69 4.12
N VAL A 314 9.93 -0.19 5.40
CA VAL A 314 10.63 0.83 4.58
C VAL A 314 11.44 0.10 3.51
N VAL A 315 10.98 0.09 2.26
CA VAL A 315 11.65 -0.54 1.08
C VAL A 315 13.07 -1.03 1.32
N PHE A 316 13.27 -2.31 1.68
CA PHE A 316 14.60 -2.92 1.73
C PHE A 316 15.44 -2.41 0.57
N SER A 317 16.46 -1.62 0.85
CA SER A 317 17.28 -0.99 -0.17
C SER A 317 18.75 -1.12 0.16
N SER A 318 19.57 -1.23 -0.89
CA SER A 318 21.01 -1.33 -0.76
C SER A 318 21.68 -0.40 -1.75
N ILE A 319 22.89 0.04 -1.42
CA ILE A 319 23.66 0.94 -2.27
C ILE A 319 25.11 0.45 -2.32
N ASN A 320 25.73 0.56 -3.48
CA ASN A 320 27.10 0.13 -3.69
C ASN A 320 27.97 1.32 -4.07
N TYR A 321 29.17 1.38 -3.51
CA TYR A 321 30.13 2.44 -3.83
C TYR A 321 31.51 2.03 -3.37
N GLY A 322 32.53 2.69 -3.92
CA GLY A 322 33.89 2.50 -3.44
C GLY A 322 34.97 2.48 -4.49
N THR A 323 34.60 2.47 -5.77
CA THR A 323 35.56 2.30 -6.85
C THR A 323 35.61 3.54 -7.75
N ASP A 324 35.61 4.72 -7.14
CA ASP A 324 35.74 5.98 -7.85
C ASP A 324 36.95 6.74 -7.34
N THR A 325 37.58 7.51 -8.24
CA THR A 325 38.80 8.23 -7.93
C THR A 325 38.69 9.74 -8.12
N SER A 326 37.61 10.24 -8.72
CA SER A 326 37.47 11.67 -8.95
C SER A 326 37.22 12.40 -7.62
N ALA A 327 37.14 13.72 -7.71
CA ALA A 327 36.93 14.52 -6.49
C ALA A 327 35.48 14.43 -6.02
N GLU A 328 34.52 14.47 -6.94
CA GLU A 328 33.12 14.48 -6.56
C GLU A 328 32.73 13.18 -5.84
N GLY A 329 33.17 12.04 -6.37
CA GLY A 329 32.87 10.78 -5.73
C GLY A 329 33.47 10.68 -4.34
N ARG A 330 34.71 11.16 -4.19
CA ARG A 330 35.34 11.15 -2.88
C ARG A 330 34.57 12.03 -1.91
N CYS A 331 34.09 13.19 -2.36
CA CYS A 331 33.31 14.05 -1.49
C CYS A 331 32.02 13.37 -1.07
N ILE A 332 31.32 12.73 -2.01
CA ILE A 332 30.07 12.06 -1.68
C ILE A 332 30.33 10.95 -0.66
N MET A 333 31.36 10.14 -0.89
CA MET A 333 31.65 9.04 0.02
C MET A 333 32.00 9.56 1.41
N ARG A 334 32.83 10.60 1.48
CA ARG A 334 33.20 11.15 2.78
C ARG A 334 31.97 11.67 3.51
N GLU A 335 31.10 12.40 2.81
CA GLU A 335 29.93 12.96 3.47
C GLU A 335 28.99 11.86 3.97
N ILE A 336 28.77 10.82 3.16
CA ILE A 336 27.85 9.78 3.58
C ILE A 336 28.43 8.99 4.76
N LEU A 337 29.74 8.72 4.73
CA LEU A 337 30.36 8.02 5.85
C LEU A 337 30.27 8.86 7.12
N GLN A 338 30.53 10.16 7.02
CA GLN A 338 30.44 11.01 8.20
C GLN A 338 29.02 11.06 8.74
N SER A 339 28.03 11.17 7.86
CA SER A 339 26.64 11.19 8.30
C SER A 339 26.27 9.89 9.01
N THR A 340 26.69 8.75 8.45
CA THR A 340 26.42 7.48 9.11
C THR A 340 27.10 7.41 10.48
N TYR A 341 28.35 7.87 10.57
CA TYR A 341 29.07 7.83 11.83
C TYR A 341 28.36 8.67 12.89
N GLN A 342 27.92 9.87 12.50
CA GLN A 342 27.20 10.72 13.45
C GLN A 342 25.89 10.09 13.87
N GLY A 343 25.15 9.52 12.92
CA GLY A 343 23.90 8.86 13.20
C GLY A 343 22.69 9.71 12.81
N VAL A 344 21.55 9.05 12.70
CA VAL A 344 20.28 9.69 12.41
C VAL A 344 19.51 9.83 13.71
N GLY A 345 19.03 11.04 13.99
CA GLY A 345 18.38 11.30 15.26
C GLY A 345 19.39 11.63 16.34
N ASN A 346 18.96 11.46 17.60
CA ASN A 346 19.81 11.76 18.75
C ASN A 346 20.72 10.56 19.03
N GLY A 347 21.63 10.32 18.08
CA GLY A 347 22.63 9.28 18.25
C GLY A 347 22.06 7.88 18.33
N GLU A 348 21.15 7.54 17.43
CA GLU A 348 20.58 6.19 17.36
C GLU A 348 21.02 5.53 16.06
N THR A 349 21.46 4.28 16.16
CA THR A 349 21.96 3.57 14.99
C THR A 349 20.87 3.43 13.93
N ALA A 350 21.25 3.63 12.67
CA ALA A 350 20.32 3.47 11.57
C ALA A 350 20.15 2.01 11.22
N ILE A 351 19.00 1.67 10.68
CA ILE A 351 18.68 0.31 10.28
C ILE A 351 18.83 0.12 8.77
N PHE A 352 18.25 1.02 7.99
CA PHE A 352 18.38 1.02 6.54
C PHE A 352 19.09 2.30 6.07
N PRO A 353 19.65 2.30 4.86
CA PRO A 353 19.70 1.21 3.87
C PRO A 353 20.88 0.28 4.09
N ILE A 354 21.16 -0.60 3.13
CA ILE A 354 22.29 -1.52 3.21
C ILE A 354 23.46 -0.88 2.47
N GLN A 355 24.62 -0.82 3.13
CA GLN A 355 25.82 -0.20 2.56
C GLN A 355 26.91 -1.25 2.41
N ILE A 356 27.45 -1.36 1.20
CA ILE A 356 28.50 -2.32 0.90
C ILE A 356 29.67 -1.59 0.27
N TRP A 357 30.88 -2.02 0.64
CA TRP A 357 32.12 -1.39 0.19
C TRP A 357 32.86 -2.36 -0.73
N LYS A 358 32.97 -1.99 -2.00
CA LYS A 358 33.66 -2.83 -2.97
C LYS A 358 35.17 -2.66 -2.82
N LYS A 359 35.89 -3.78 -2.76
CA LYS A 359 37.33 -3.79 -2.62
C LYS A 359 37.97 -4.19 -3.94
N LYS A 360 38.93 -3.40 -4.41
CA LYS A 360 39.72 -3.72 -5.58
C LYS A 360 41.20 -3.57 -5.23
N ARG A 361 42.01 -4.51 -5.71
CA ARG A 361 43.43 -4.51 -5.40
C ARG A 361 44.14 -3.52 -6.31
N GLY A 362 44.80 -2.54 -5.71
CA GLY A 362 45.54 -1.53 -6.44
C GLY A 362 44.82 -0.22 -6.64
N VAL A 363 43.54 -0.15 -6.28
CA VAL A 363 42.76 1.08 -6.42
C VAL A 363 42.19 1.48 -5.07
N ASN A 364 42.02 0.51 -4.16
CA ASN A 364 41.36 0.77 -2.89
C ASN A 364 41.96 0.04 -1.70
N TYR A 365 42.98 -0.79 -1.88
CA TYR A 365 43.47 -1.66 -0.82
C TYR A 365 44.87 -1.31 -0.33
N LEU A 366 45.84 -1.20 -1.23
CA LEU A 366 47.22 -1.00 -0.83
C LEU A 366 47.41 0.38 -0.23
N PRO A 367 48.43 0.55 0.63
CA PRO A 367 48.71 1.89 1.17
C PRO A 367 49.00 2.91 0.10
N GLU A 368 49.61 2.51 -1.01
CA GLU A 368 49.92 3.43 -2.09
C GLU A 368 48.69 3.83 -2.89
N ASP A 369 47.56 3.14 -2.72
CA ASP A 369 46.37 3.42 -3.50
C ASP A 369 45.85 4.83 -3.18
N ARG A 370 44.81 5.23 -3.92
CA ARG A 370 44.30 6.60 -3.85
C ARG A 370 43.16 6.76 -2.86
N ASN A 371 42.44 5.67 -2.52
CA ASN A 371 41.29 5.74 -1.64
C ASN A 371 41.55 5.07 -0.29
N TYR A 372 42.82 5.05 0.15
CA TYR A 372 43.16 4.38 1.39
C TYR A 372 42.50 5.06 2.59
N ASP A 373 42.48 6.40 2.61
CA ASP A 373 41.90 7.12 3.73
C ASP A 373 40.42 6.79 3.89
N LEU A 374 39.68 6.74 2.78
CA LEU A 374 38.27 6.38 2.85
C LEU A 374 38.10 4.96 3.36
N TYR A 375 39.00 4.05 2.95
CA TYR A 375 38.95 2.69 3.46
C TYR A 375 39.13 2.65 4.97
N LYS A 376 40.10 3.41 5.48
CA LYS A 376 40.30 3.44 6.93
C LYS A 376 39.10 4.06 7.64
N LEU A 377 38.50 5.09 7.05
CA LEU A 377 37.31 5.68 7.65
C LEU A 377 36.16 4.68 7.70
N ALA A 378 35.99 3.89 6.63
CA ALA A 378 34.95 2.86 6.63
C ALA A 378 35.22 1.82 7.71
N CYS A 379 36.47 1.40 7.86
CA CYS A 379 36.80 0.45 8.91
C CYS A 379 36.54 1.05 10.29
N LYS A 380 36.72 2.36 10.44
CA LYS A 380 36.45 3.03 11.71
C LYS A 380 34.97 3.20 11.98
N VAL A 381 34.15 3.26 10.94
CA VAL A 381 32.71 3.45 11.11
C VAL A 381 32.03 2.11 11.36
N THR A 382 32.59 1.04 10.79
CA THR A 382 32.02 -0.30 10.92
C THR A 382 32.36 -0.95 12.26
N ALA A 383 32.87 -0.17 13.22
CA ALA A 383 33.08 -0.65 14.57
C ALA A 383 32.01 -0.18 15.55
N ARG A 384 31.46 1.02 15.35
CA ARG A 384 30.37 1.51 16.18
C ARG A 384 29.01 1.49 15.49
N ARG A 385 28.97 1.63 14.17
CA ARG A 385 27.71 1.64 13.43
C ARG A 385 27.66 0.46 12.45
N PHE A 386 27.97 -0.74 12.95
CA PHE A 386 28.23 -1.88 12.08
C PHE A 386 27.19 -2.00 10.98
N PHE A 387 27.64 -1.89 9.74
CA PHE A 387 26.76 -2.05 8.59
C PHE A 387 27.53 -2.00 7.28
N PRO A 388 28.56 -1.15 7.15
CA PRO A 388 29.36 -1.19 5.92
C PRO A 388 30.04 -2.53 5.75
N ASN A 389 29.60 -3.28 4.75
CA ASN A 389 30.11 -4.63 4.50
C ASN A 389 31.28 -4.54 3.52
N PHE A 390 31.76 -5.70 3.08
CA PHE A 390 32.92 -5.75 2.19
C PHE A 390 32.69 -6.79 1.12
N LEU A 391 32.90 -6.39 -0.13
CA LEU A 391 32.80 -7.27 -1.29
C LEU A 391 34.16 -7.35 -1.95
N ASN A 392 34.73 -8.54 -2.01
CA ASN A 392 36.09 -8.74 -2.50
C ASN A 392 36.04 -9.02 -3.99
N LEU A 393 36.41 -8.03 -4.81
CA LEU A 393 36.42 -8.22 -6.24
C LEU A 393 37.66 -9.00 -6.66
N ASP A 394 37.56 -9.62 -7.84
CA ASP A 394 38.66 -10.41 -8.40
C ASP A 394 39.05 -11.55 -7.47
N ALA A 395 38.05 -12.20 -6.87
CA ALA A 395 38.30 -13.37 -6.02
C ALA A 395 38.23 -14.67 -6.81
N THR A 396 38.96 -14.70 -7.92
CA THR A 396 39.14 -15.90 -8.74
C THR A 396 37.88 -16.28 -9.52
N PHE A 397 36.77 -15.60 -9.25
CA PHE A 397 35.57 -15.75 -10.07
C PHE A 397 34.87 -14.43 -10.35
N ASN A 398 35.18 -13.35 -9.63
CA ASN A 398 34.59 -12.04 -9.87
C ASN A 398 35.36 -11.23 -10.90
N GLN A 399 36.48 -11.74 -11.39
CA GLN A 399 37.26 -11.03 -12.39
C GLN A 399 36.48 -10.94 -13.70
N ASN A 400 36.61 -9.80 -14.38
CA ASN A 400 36.02 -9.60 -15.69
C ASN A 400 37.12 -9.16 -16.65
N GLU A 401 37.03 -9.63 -17.89
CA GLU A 401 38.09 -9.41 -18.88
C GLU A 401 38.06 -8.02 -19.50
N LYS A 402 36.98 -7.26 -19.33
CA LYS A 402 36.82 -5.95 -19.95
C LYS A 402 36.66 -4.86 -18.91
N TRP A 403 37.48 -4.91 -17.85
CA TRP A 403 37.51 -3.86 -16.83
C TRP A 403 38.87 -3.18 -16.89
N ARG A 404 38.87 -1.91 -17.30
CA ARG A 404 40.07 -1.09 -17.33
C ARG A 404 39.74 0.29 -16.77
N ALA A 405 40.66 0.82 -15.98
CA ALA A 405 40.40 2.02 -15.19
C ALA A 405 40.83 3.31 -15.87
N ASP A 406 41.26 3.26 -17.13
CA ASP A 406 41.89 4.44 -17.72
C ASP A 406 40.85 5.45 -18.24
N ASP A 407 40.03 5.06 -19.20
CA ASP A 407 39.20 6.09 -19.84
C ASP A 407 38.02 6.52 -18.97
N PRO A 408 36.94 5.70 -18.78
CA PRO A 408 35.90 6.12 -17.83
C PRO A 408 36.04 5.47 -16.45
N GLU A 409 36.93 4.49 -16.32
CA GLU A 409 36.92 3.59 -15.17
C GLU A 409 35.50 3.06 -14.94
N ARG A 410 34.99 2.37 -15.95
CA ARG A 410 33.57 2.11 -16.03
C ARG A 410 33.13 1.10 -14.96
N TYR A 411 31.82 1.08 -14.74
CA TYR A 411 31.21 0.32 -13.66
C TYR A 411 30.28 -0.77 -14.14
N LYS A 412 29.97 -0.85 -15.43
CA LYS A 412 29.05 -1.85 -15.94
C LYS A 412 29.71 -3.21 -16.12
N TRP A 413 30.96 -3.38 -15.70
CA TRP A 413 31.66 -4.65 -15.80
C TRP A 413 32.32 -5.02 -14.48
N GLU A 414 31.74 -4.58 -13.37
CA GLU A 414 32.22 -4.93 -12.04
C GLU A 414 31.05 -5.41 -11.19
N ILE A 415 31.34 -6.37 -10.30
CA ILE A 415 30.28 -6.99 -9.54
C ILE A 415 29.56 -5.96 -8.70
N ALA A 416 28.30 -6.26 -8.37
CA ALA A 416 27.49 -5.39 -7.52
C ALA A 416 26.51 -6.26 -6.77
N THR A 417 26.60 -6.27 -5.44
CA THR A 417 25.72 -7.08 -4.63
C THR A 417 24.33 -6.46 -4.53
N MET A 418 23.41 -7.18 -3.90
CA MET A 418 22.03 -6.77 -3.79
C MET A 418 21.47 -7.01 -2.39
N GLY A 419 22.30 -7.39 -1.43
CA GLY A 419 21.80 -7.77 -0.12
C GLY A 419 21.18 -9.15 -0.17
N CYS A 420 20.71 -9.60 0.99
CA CYS A 420 20.05 -10.90 1.13
C CYS A 420 20.84 -12.01 0.46
N ARG A 421 22.16 -11.84 0.35
CA ARG A 421 23.09 -12.85 -0.13
C ARG A 421 22.94 -13.17 -1.61
N THR A 422 22.08 -12.45 -2.33
CA THR A 422 21.87 -12.75 -3.74
C THR A 422 23.06 -12.27 -4.58
N ARG A 423 23.27 -12.94 -5.71
CA ARG A 423 24.38 -12.61 -6.59
C ARG A 423 24.03 -13.07 -8.00
N VAL A 424 23.84 -12.12 -8.91
CA VAL A 424 23.52 -12.40 -10.30
C VAL A 424 24.61 -11.78 -11.17
N PHE A 425 25.50 -12.62 -11.70
CA PHE A 425 26.62 -12.13 -12.49
C PHE A 425 26.87 -12.86 -13.79
N GLU A 426 26.39 -14.10 -13.97
CA GLU A 426 26.74 -14.91 -15.12
C GLU A 426 25.51 -15.15 -16.00
N ASP A 427 25.73 -15.18 -17.31
CA ASP A 427 24.70 -15.50 -18.28
C ASP A 427 25.30 -16.32 -19.40
N ARG A 428 24.44 -17.05 -20.11
CA ARG A 428 24.88 -17.89 -21.22
C ARG A 428 24.41 -17.39 -22.58
N TRP A 429 23.54 -16.38 -22.62
CA TRP A 429 23.03 -15.84 -23.88
C TRP A 429 23.03 -14.32 -23.83
N GLY A 430 24.11 -13.74 -23.32
CA GLY A 430 24.20 -12.30 -23.24
C GLY A 430 25.56 -11.86 -22.75
N GLU A 431 25.60 -10.63 -22.24
CA GLU A 431 26.83 -10.05 -21.72
C GLU A 431 26.95 -10.31 -20.22
N LYS A 432 28.20 -10.47 -19.77
CA LYS A 432 28.47 -10.80 -18.38
C LYS A 432 28.44 -9.52 -17.55
N THR A 433 27.24 -9.12 -17.16
CA THR A 433 27.03 -7.91 -16.38
C THR A 433 26.01 -8.20 -15.29
N SER A 434 25.86 -7.24 -14.37
CA SER A 434 24.91 -7.32 -13.27
C SER A 434 24.13 -6.03 -13.14
N ILE A 435 23.76 -5.43 -14.27
CA ILE A 435 22.97 -4.20 -14.30
C ILE A 435 21.68 -4.47 -15.03
N ALA A 436 20.55 -4.09 -14.41
CA ALA A 436 19.22 -4.26 -14.97
C ALA A 436 18.80 -5.71 -15.09
N ARG A 437 19.39 -6.59 -14.29
CA ARG A 437 19.04 -8.01 -14.28
C ARG A 437 18.83 -8.46 -12.84
N GLY A 438 17.97 -9.46 -12.67
CA GLY A 438 17.64 -9.92 -11.35
C GLY A 438 17.21 -11.38 -11.27
N ASN A 439 16.62 -11.75 -10.14
CA ASN A 439 16.20 -13.12 -9.87
C ASN A 439 14.69 -13.23 -10.02
N LEU A 440 14.23 -14.29 -10.69
CA LEU A 440 12.82 -14.48 -10.95
C LEU A 440 12.12 -15.20 -9.80
N SER A 441 12.69 -16.31 -9.33
CA SER A 441 12.11 -17.05 -8.23
C SER A 441 13.11 -18.11 -7.78
N PHE A 442 13.02 -18.49 -6.51
CA PHE A 442 13.91 -19.51 -5.97
C PHE A 442 13.18 -20.35 -4.94
N SER A 443 13.39 -21.66 -5.02
CA SER A 443 12.81 -22.63 -4.09
C SER A 443 13.91 -23.21 -3.20
N THR A 444 13.49 -23.96 -2.19
CA THR A 444 14.40 -24.55 -1.22
C THR A 444 14.12 -26.04 -1.09
N ILE A 445 15.20 -26.82 -0.98
CA ILE A 445 15.14 -28.27 -0.86
C ILE A 445 15.72 -28.67 0.48
N ASN A 446 14.95 -29.44 1.26
CA ASN A 446 15.40 -29.93 2.54
C ASN A 446 16.20 -31.22 2.36
N ILE A 447 17.36 -31.29 3.02
CA ILE A 447 18.25 -32.43 2.91
C ILE A 447 18.50 -33.10 4.26
N VAL A 448 17.73 -32.73 5.28
CA VAL A 448 17.87 -33.36 6.60
C VAL A 448 16.91 -34.53 6.74
N LYS A 449 15.66 -34.37 6.30
CA LYS A 449 14.71 -35.47 6.35
C LYS A 449 15.17 -36.63 5.46
N LEU A 450 15.70 -36.31 4.28
CA LEU A 450 16.21 -37.36 3.40
C LEU A 450 17.29 -38.19 4.06
N ALA A 451 17.99 -37.64 5.05
CA ALA A 451 18.99 -38.38 5.78
C ALA A 451 18.40 -39.05 7.02
N ILE A 452 17.43 -38.41 7.67
CA ILE A 452 16.80 -39.02 8.85
C ILE A 452 16.04 -40.27 8.45
N GLU A 453 15.54 -40.33 7.22
CA GLU A 453 14.80 -41.51 6.76
C GLU A 453 15.72 -42.62 6.29
N CYS A 454 17.03 -42.43 6.31
CA CYS A 454 18.01 -43.43 5.93
C CYS A 454 19.04 -43.60 7.04
N MET A 455 18.55 -43.68 8.28
CA MET A 455 19.42 -43.76 9.45
C MET A 455 19.36 -45.15 10.10
N GLY A 456 19.01 -46.17 9.34
CA GLY A 456 18.92 -47.52 9.87
C GLY A 456 19.90 -48.48 9.23
N ILE A 457 20.28 -48.20 7.98
CA ILE A 457 21.19 -49.09 7.27
C ILE A 457 22.59 -48.98 7.88
N GLU A 458 23.15 -50.12 8.24
CA GLU A 458 24.48 -50.16 8.84
C GLU A 458 25.61 -50.18 7.82
N ASN A 459 25.29 -50.39 6.54
CA ASN A 459 26.30 -50.37 5.49
C ASN A 459 26.41 -48.95 4.93
N GLU A 460 27.58 -48.34 5.12
CA GLU A 460 27.74 -46.92 4.77
C GLU A 460 27.54 -46.69 3.28
N LYS A 461 28.10 -47.55 2.43
CA LYS A 461 28.01 -47.34 1.00
C LYS A 461 26.56 -47.35 0.53
N GLN A 462 25.77 -48.30 1.04
CA GLN A 462 24.35 -48.33 0.69
C GLN A 462 23.65 -47.07 1.16
N ARG A 463 24.00 -46.57 2.35
CA ARG A 463 23.39 -45.35 2.86
C ARG A 463 23.68 -44.19 1.93
N ILE A 464 24.93 -44.03 1.50
CA ILE A 464 25.29 -42.93 0.63
C ILE A 464 24.59 -43.05 -0.71
N ASP A 465 24.54 -44.27 -1.27
CA ASP A 465 23.88 -44.44 -2.57
C ASP A 465 22.40 -44.11 -2.48
N MET A 466 21.73 -44.56 -1.43
CA MET A 466 20.32 -44.25 -1.27
C MET A 466 20.10 -42.75 -1.12
N PHE A 467 20.96 -42.09 -0.33
CA PHE A 467 20.85 -40.64 -0.19
C PHE A 467 20.98 -39.95 -1.53
N PHE A 468 21.95 -40.37 -2.34
CA PHE A 468 22.14 -39.73 -3.63
C PHE A 468 20.96 -39.95 -4.55
N ALA A 469 20.38 -41.16 -4.54
CA ALA A 469 19.20 -41.42 -5.38
C ALA A 469 18.04 -40.52 -4.98
N LYS A 470 17.77 -40.42 -3.67
CA LYS A 470 16.68 -39.57 -3.22
C LYS A 470 16.93 -38.12 -3.61
N LEU A 471 18.17 -37.66 -3.44
CA LEU A 471 18.49 -36.27 -3.80
C LEU A 471 18.27 -36.04 -5.28
N ASP A 472 18.66 -37.00 -6.12
CA ASP A 472 18.44 -36.86 -7.55
C ASP A 472 16.96 -36.70 -7.86
N ASN A 473 16.13 -37.56 -7.29
CA ASN A 473 14.69 -37.51 -7.58
C ASN A 473 14.10 -36.17 -7.16
N ILE A 474 14.39 -35.75 -5.93
CA ILE A 474 13.80 -34.50 -5.43
C ILE A 474 14.29 -33.31 -6.23
N LEU A 475 15.56 -33.33 -6.65
CA LEU A 475 16.09 -32.22 -7.42
C LEU A 475 15.42 -32.13 -8.78
N ASP A 476 15.16 -33.27 -9.42
CA ASP A 476 14.44 -33.26 -10.68
C ASP A 476 13.04 -32.67 -10.50
N ILE A 477 12.36 -33.07 -9.42
CA ILE A 477 11.03 -32.52 -9.16
C ILE A 477 11.10 -31.01 -9.00
N THR A 478 12.09 -30.52 -8.25
CA THR A 478 12.21 -29.08 -8.03
C THR A 478 12.48 -28.33 -9.32
N ALA A 479 13.34 -28.89 -10.19
CA ALA A 479 13.58 -28.26 -11.48
C ALA A 479 12.30 -28.16 -12.30
N LYS A 480 11.51 -29.24 -12.31
CA LYS A 480 10.25 -29.19 -13.03
C LYS A 480 9.33 -28.11 -12.48
N GLN A 481 9.27 -27.99 -11.15
CA GLN A 481 8.41 -26.98 -10.54
C GLN A 481 8.84 -25.57 -10.93
N LEU A 482 10.16 -25.30 -10.90
CA LEU A 482 10.64 -23.98 -11.28
C LEU A 482 10.32 -23.68 -12.74
N ASP A 483 10.48 -24.68 -13.62
CA ASP A 483 10.15 -24.46 -15.02
C ASP A 483 8.67 -24.15 -15.20
N GLU A 484 7.81 -24.85 -14.46
CA GLU A 484 6.37 -24.57 -14.56
C GLU A 484 6.06 -23.15 -14.11
N ARG A 485 6.68 -22.71 -13.01
CA ARG A 485 6.44 -21.33 -12.57
C ARG A 485 6.92 -20.32 -13.61
N PHE A 486 8.07 -20.59 -14.23
CA PHE A 486 8.55 -19.70 -15.29
C PHE A 486 7.56 -19.64 -16.44
N GLN A 487 7.02 -20.79 -16.84
CA GLN A 487 6.04 -20.81 -17.93
C GLN A 487 4.81 -20.02 -17.55
N PHE A 488 4.38 -20.12 -16.30
CA PHE A 488 3.22 -19.34 -15.85
C PHE A 488 3.51 -17.84 -15.91
N GLN A 489 4.71 -17.43 -15.51
CA GLN A 489 5.05 -16.01 -15.51
C GLN A 489 5.31 -15.46 -16.91
N LYS A 490 5.63 -16.32 -17.87
CA LYS A 490 5.95 -15.83 -19.21
C LYS A 490 4.81 -15.03 -19.81
N THR A 491 3.57 -15.42 -19.51
CA THR A 491 2.42 -14.84 -20.20
C THR A 491 2.04 -13.45 -19.70
N ALA A 492 2.68 -12.95 -18.65
CA ALA A 492 2.36 -11.64 -18.12
C ALA A 492 2.45 -10.59 -19.22
N MET A 493 1.76 -9.45 -19.03
CA MET A 493 1.66 -8.43 -20.05
C MET A 493 2.46 -7.19 -19.66
N ALA A 494 2.71 -6.34 -20.64
CA ALA A 494 3.61 -5.20 -20.44
C ALA A 494 3.06 -4.25 -19.38
N LYS A 495 1.78 -3.93 -19.46
CA LYS A 495 1.20 -2.96 -18.53
C LYS A 495 1.07 -3.52 -17.12
N GLN A 496 1.46 -4.76 -16.88
CA GLN A 496 1.46 -5.30 -15.52
C GLN A 496 2.38 -4.50 -14.63
N PHE A 497 3.57 -4.16 -15.12
CA PHE A 497 4.56 -3.39 -14.37
C PHE A 497 4.84 -2.11 -15.13
N PRO A 498 4.29 -0.96 -14.70
CA PRO A 498 4.45 0.26 -15.51
C PRO A 498 5.89 0.72 -15.67
N LEU A 499 6.60 0.92 -14.55
CA LEU A 499 7.94 1.50 -14.62
C LEU A 499 9.01 0.46 -14.92
N LEU A 500 8.88 -0.74 -14.34
CA LEU A 500 9.96 -1.72 -14.44
C LEU A 500 10.22 -2.13 -15.87
N MET A 501 9.16 -2.32 -16.66
CA MET A 501 9.28 -2.84 -18.02
C MET A 501 9.18 -1.74 -19.07
N LYS A 502 9.58 -0.53 -18.73
CA LYS A 502 9.62 0.58 -19.69
C LYS A 502 10.98 1.26 -19.73
N TYR A 503 11.66 1.39 -18.59
CA TYR A 503 12.94 2.07 -18.51
C TYR A 503 14.05 1.22 -17.91
N LEU A 504 13.74 0.13 -17.21
CA LEU A 504 14.68 -0.58 -16.36
C LEU A 504 15.18 -1.88 -16.95
N TRP A 505 14.28 -2.79 -17.33
CA TRP A 505 14.64 -4.17 -17.61
C TRP A 505 15.27 -4.29 -18.99
N VAL A 506 16.59 -4.21 -19.03
CA VAL A 506 17.42 -4.51 -20.20
C VAL A 506 16.70 -4.18 -21.50
N GLY A 507 16.46 -5.19 -22.34
CA GLY A 507 15.93 -4.97 -23.67
C GLY A 507 14.52 -4.40 -23.70
N ALA A 508 13.84 -4.37 -22.55
CA ALA A 508 12.46 -3.90 -22.51
C ALA A 508 12.38 -2.39 -22.64
N GLU A 509 12.51 -1.88 -23.86
CA GLU A 509 12.31 -0.47 -24.13
C GLU A 509 11.56 -0.20 -25.43
N ASN A 510 11.14 -1.24 -26.16
CA ASN A 510 10.45 -1.09 -27.43
C ASN A 510 9.28 -2.06 -27.51
N LEU A 511 8.52 -2.17 -26.41
CA LEU A 511 7.38 -3.08 -26.36
C LEU A 511 6.12 -2.28 -26.04
N LYS A 512 5.01 -2.68 -26.65
CA LYS A 512 3.74 -1.99 -26.47
C LYS A 512 3.15 -2.31 -25.10
N PRO A 513 2.25 -1.46 -24.60
CA PRO A 513 1.65 -1.71 -23.29
C PRO A 513 0.71 -2.91 -23.25
N GLU A 514 0.42 -3.54 -24.38
CA GLU A 514 -0.47 -4.69 -24.46
C GLU A 514 0.22 -5.86 -25.17
N GLU A 515 1.46 -6.12 -24.78
CA GLU A 515 2.26 -7.18 -25.37
C GLU A 515 2.91 -7.99 -24.25
N THR A 516 3.25 -9.23 -24.57
CA THR A 516 3.86 -10.13 -23.61
C THR A 516 5.32 -9.77 -23.36
N ILE A 517 5.91 -10.41 -22.35
CA ILE A 517 7.28 -10.11 -21.94
C ILE A 517 8.14 -11.36 -22.16
N GLU A 518 7.80 -12.17 -23.16
CA GLU A 518 8.53 -13.41 -23.40
C GLU A 518 9.96 -13.14 -23.84
N SER A 519 10.17 -12.08 -24.62
CA SER A 519 11.48 -11.85 -25.23
C SER A 519 12.53 -11.44 -24.20
N VAL A 520 12.14 -10.69 -23.17
CA VAL A 520 13.11 -10.13 -22.23
C VAL A 520 13.29 -11.00 -20.99
N ILE A 521 12.27 -11.79 -20.62
CA ILE A 521 12.31 -12.51 -19.36
C ILE A 521 13.43 -13.53 -19.30
N ASN A 522 13.94 -13.96 -20.46
CA ASN A 522 14.89 -15.05 -20.51
C ASN A 522 16.24 -14.72 -19.86
N HIS A 523 16.51 -13.45 -19.57
CA HIS A 523 17.80 -13.03 -19.05
C HIS A 523 17.89 -13.08 -17.52
N GLY A 524 16.84 -13.53 -16.86
CA GLY A 524 16.86 -13.65 -15.41
C GLY A 524 17.56 -14.91 -14.96
N THR A 525 17.45 -15.19 -13.66
CA THR A 525 18.08 -16.34 -13.05
C THR A 525 17.09 -17.09 -12.17
N LEU A 526 17.29 -18.39 -12.05
CA LEU A 526 16.50 -19.27 -11.20
C LEU A 526 17.42 -19.92 -10.18
N GLY A 527 16.99 -19.94 -8.93
CA GLY A 527 17.84 -20.41 -7.85
C GLY A 527 17.31 -21.61 -7.12
N ILE A 528 18.16 -22.62 -6.94
CA ILE A 528 17.84 -23.80 -6.15
C ILE A 528 18.64 -23.69 -4.86
N GLY A 529 17.93 -23.57 -3.75
CA GLY A 529 18.57 -23.33 -2.46
C GLY A 529 18.67 -24.59 -1.64
N PHE A 530 19.66 -24.60 -0.73
CA PHE A 530 19.82 -25.71 0.18
C PHE A 530 20.02 -25.20 1.61
N ILE A 531 19.62 -26.01 2.57
CA ILE A 531 19.58 -25.61 3.98
C ILE A 531 19.95 -26.81 4.85
N GLY A 532 20.53 -26.52 6.01
CA GLY A 532 20.85 -27.55 6.98
C GLY A 532 21.91 -28.54 6.55
N LEU A 533 23.00 -28.06 5.96
CA LEU A 533 24.09 -28.96 5.58
C LEU A 533 24.89 -29.42 6.80
N ALA A 534 24.84 -28.68 7.90
CA ALA A 534 25.60 -29.08 9.08
C ALA A 534 24.93 -30.25 9.79
N GLU A 535 23.66 -30.07 10.18
CA GLU A 535 22.93 -31.13 10.87
C GLU A 535 22.66 -32.34 9.98
N CYS A 536 22.84 -32.22 8.67
CA CYS A 536 22.57 -33.34 7.77
C CYS A 536 23.51 -34.52 8.03
N LEU A 537 24.62 -34.31 8.74
CA LEU A 537 25.57 -35.39 8.96
C LEU A 537 26.14 -35.40 10.38
N VAL A 538 25.57 -34.63 11.32
CA VAL A 538 26.09 -34.64 12.69
C VAL A 538 26.00 -36.03 13.28
N ALA A 539 24.85 -36.69 13.09
CA ALA A 539 24.67 -38.07 13.49
C ALA A 539 24.04 -38.92 12.40
N LEU A 540 23.59 -38.32 11.30
CA LEU A 540 22.97 -39.08 10.23
C LEU A 540 23.98 -40.01 9.56
N ILE A 541 25.13 -39.46 9.15
CA ILE A 541 26.08 -40.21 8.34
C ILE A 541 27.48 -40.10 8.96
N GLY A 542 27.55 -39.83 10.26
CA GLY A 542 28.83 -39.77 10.93
C GLY A 542 28.90 -38.75 12.05
N LYS A 543 29.93 -37.92 12.02
CA LYS A 543 30.21 -36.94 13.07
C LYS A 543 29.92 -35.52 12.56
N HIS A 544 30.20 -34.54 13.40
CA HIS A 544 29.89 -33.15 13.11
C HIS A 544 30.80 -32.61 12.02
N HIS A 545 30.33 -31.54 11.36
CA HIS A 545 31.07 -30.81 10.34
C HIS A 545 32.23 -29.98 10.92
N GLY A 546 32.53 -30.14 12.20
CA GLY A 546 33.62 -29.41 12.84
C GLY A 546 34.88 -30.25 12.93
N GLU A 547 35.15 -30.79 14.11
CA GLU A 547 36.38 -31.55 14.34
C GLU A 547 36.26 -32.89 13.62
N SER A 548 36.54 -32.87 12.32
CA SER A 548 36.45 -34.05 11.49
C SER A 548 37.02 -33.71 10.11
N GLU A 549 37.46 -34.75 9.41
CA GLU A 549 37.99 -34.60 8.06
C GLU A 549 37.14 -35.26 6.99
N LYS A 550 36.39 -36.32 7.34
CA LYS A 550 35.50 -36.95 6.38
C LYS A 550 34.31 -36.04 6.05
N ALA A 551 33.88 -35.23 7.02
CA ALA A 551 32.74 -34.35 6.78
C ALA A 551 33.01 -33.39 5.64
N GLN A 552 34.22 -32.84 5.58
CA GLN A 552 34.55 -31.91 4.50
C GLN A 552 34.45 -32.59 3.15
N GLU A 553 35.00 -33.78 3.02
CA GLU A 553 34.95 -34.49 1.74
C GLU A 553 33.51 -34.80 1.36
N LEU A 554 32.71 -35.27 2.31
CA LEU A 554 31.32 -35.60 2.01
C LEU A 554 30.55 -34.36 1.57
N GLY A 555 30.74 -33.24 2.28
CA GLY A 555 30.05 -32.01 1.89
C GLY A 555 30.46 -31.53 0.52
N LEU A 556 31.76 -31.58 0.23
CA LEU A 556 32.22 -31.18 -1.09
C LEU A 556 31.61 -32.05 -2.17
N LYS A 557 31.55 -33.36 -1.93
CA LYS A 557 30.93 -34.26 -2.91
C LYS A 557 29.47 -33.89 -3.13
N ILE A 558 28.73 -33.64 -2.04
CA ILE A 558 27.31 -33.32 -2.17
C ILE A 558 27.13 -32.05 -2.98
N ILE A 559 27.89 -31.00 -2.65
CA ILE A 559 27.70 -29.72 -3.32
C ILE A 559 28.12 -29.82 -4.79
N THR A 560 29.20 -30.56 -5.07
CA THR A 560 29.62 -30.74 -6.46
C THR A 560 28.56 -31.48 -7.26
N TYR A 561 27.96 -32.51 -6.67
CA TYR A 561 26.88 -33.22 -7.35
C TYR A 561 25.72 -32.29 -7.65
N MET A 562 25.34 -31.46 -6.66
CA MET A 562 24.25 -30.51 -6.89
C MET A 562 24.59 -29.54 -8.01
N ARG A 563 25.84 -29.06 -8.04
CA ARG A 563 26.23 -28.12 -9.09
C ARG A 563 26.17 -28.77 -10.46
N ASP A 564 26.64 -30.01 -10.57
CA ASP A 564 26.59 -30.71 -11.85
C ASP A 564 25.15 -30.91 -12.30
N ARG A 565 24.26 -31.29 -11.38
CA ARG A 565 22.86 -31.43 -11.72
C ARG A 565 22.27 -30.11 -12.20
N ALA A 566 22.62 -29.02 -11.53
CA ALA A 566 22.11 -27.72 -11.95
C ALA A 566 22.60 -27.36 -13.34
N ASN A 567 23.87 -27.65 -13.63
CA ASN A 567 24.41 -27.34 -14.96
C ASN A 567 23.68 -28.13 -16.04
N GLU A 568 23.44 -29.42 -15.80
CA GLU A 568 22.75 -30.22 -16.81
C GLU A 568 21.31 -29.76 -16.95
N PHE A 569 20.66 -29.35 -15.86
CA PHE A 569 19.32 -28.78 -15.98
C PHE A 569 19.32 -27.53 -16.83
N SER A 570 20.31 -26.66 -16.63
CA SER A 570 20.40 -25.45 -17.43
C SER A 570 20.58 -25.79 -18.91
N GLU A 571 21.40 -26.80 -19.20
CA GLU A 571 21.58 -27.22 -20.59
C GLU A 571 20.30 -27.82 -21.16
N GLN A 572 19.48 -28.47 -20.32
CA GLN A 572 18.30 -29.18 -20.80
C GLN A 572 17.14 -28.23 -21.05
N TYR A 573 16.69 -27.52 -20.02
CA TYR A 573 15.51 -26.67 -20.12
C TYR A 573 15.78 -25.33 -20.78
N HIS A 574 17.04 -25.01 -21.10
CA HIS A 574 17.38 -23.77 -21.79
C HIS A 574 17.07 -22.56 -20.90
N HIS A 575 17.53 -22.61 -19.66
CA HIS A 575 17.35 -21.52 -18.70
C HIS A 575 18.65 -21.36 -17.92
N ASN A 576 18.60 -20.54 -16.88
CA ASN A 576 19.73 -20.31 -15.98
C ASN A 576 19.38 -20.88 -14.60
N TYR A 577 20.24 -21.75 -14.09
CA TYR A 577 20.06 -22.35 -12.77
C TYR A 577 21.31 -22.11 -11.94
N SER A 578 21.11 -21.76 -10.67
CA SER A 578 22.22 -21.49 -9.77
C SER A 578 21.92 -22.04 -8.39
N ILE A 579 22.92 -22.67 -7.78
CA ILE A 579 22.78 -23.14 -6.42
C ILE A 579 22.84 -21.94 -5.47
N LEU A 580 22.18 -22.07 -4.33
CA LEU A 580 22.04 -20.94 -3.42
C LEU A 580 22.03 -21.41 -1.97
N ALA A 581 22.58 -20.55 -1.11
CA ALA A 581 22.47 -20.69 0.34
C ALA A 581 21.31 -19.81 0.79
N THR A 582 20.14 -20.42 0.96
CA THR A 582 18.93 -19.65 1.17
C THR A 582 19.00 -18.89 2.50
N PRO A 583 18.66 -17.60 2.53
CA PRO A 583 18.50 -16.91 3.81
C PRO A 583 17.30 -17.43 4.57
N ALA A 584 17.35 -17.29 5.89
CA ALA A 584 16.27 -17.75 6.77
C ALA A 584 15.17 -16.69 6.79
N GLU A 585 14.34 -16.71 5.76
CA GLU A 585 13.19 -15.82 5.70
C GLU A 585 12.32 -16.04 6.93
N GLY A 586 11.75 -17.23 7.04
CA GLY A 586 11.10 -17.67 8.25
C GLY A 586 11.32 -19.16 8.45
N LEU A 587 12.18 -19.74 7.61
CA LEU A 587 12.37 -21.19 7.57
C LEU A 587 13.44 -21.63 8.55
N SER A 588 13.28 -21.21 9.81
CA SER A 588 14.17 -21.62 10.89
C SER A 588 13.49 -22.47 11.94
N GLY A 589 12.16 -22.44 12.03
CA GLY A 589 11.43 -23.28 12.95
C GLY A 589 10.31 -24.03 12.27
N LYS A 590 10.26 -23.98 10.94
CA LYS A 590 9.19 -24.62 10.20
C LYS A 590 9.44 -26.12 10.05
N PHE A 591 10.54 -26.48 9.39
CA PHE A 591 10.83 -27.90 9.18
C PHE A 591 11.10 -28.61 10.49
N THR A 592 11.72 -27.93 11.46
CA THR A 592 12.09 -28.58 12.70
C THR A 592 10.85 -29.05 13.46
N LYS A 593 9.76 -28.28 13.43
CA LYS A 593 8.56 -28.67 14.15
C LYS A 593 7.97 -29.95 13.57
N LYS A 594 7.85 -30.02 12.25
CA LYS A 594 7.32 -31.22 11.63
C LYS A 594 8.24 -32.42 11.89
N ASP A 595 9.56 -32.20 11.82
CA ASP A 595 10.48 -33.30 12.07
C ASP A 595 10.36 -33.82 13.51
N ARG A 596 10.25 -32.90 14.47
CA ARG A 596 10.08 -33.30 15.86
C ARG A 596 8.76 -34.05 16.06
N LYS A 597 7.69 -33.58 15.43
CA LYS A 597 6.41 -34.26 15.56
C LYS A 597 6.46 -35.67 14.98
N GLN A 598 7.12 -35.82 13.83
CA GLN A 598 7.09 -37.12 13.12
C GLN A 598 8.10 -38.09 13.72
N PHE A 599 9.38 -37.75 13.68
CA PHE A 599 10.43 -38.68 14.06
C PHE A 599 10.84 -38.57 15.52
N GLY A 600 10.20 -37.69 16.29
CA GLY A 600 10.53 -37.59 17.70
C GLY A 600 11.88 -36.92 17.95
N VAL A 601 12.30 -37.00 19.20
CA VAL A 601 13.54 -36.35 19.63
C VAL A 601 14.72 -37.24 19.30
N ILE A 602 15.76 -36.63 18.76
CA ILE A 602 17.02 -37.31 18.44
C ILE A 602 18.15 -36.50 19.06
N PRO A 603 19.09 -37.11 19.80
CA PRO A 603 20.11 -36.32 20.50
C PRO A 603 21.05 -35.65 19.50
N GLY A 604 21.05 -34.31 19.51
CA GLY A 604 21.98 -33.55 18.70
C GLY A 604 21.56 -33.34 17.26
N VAL A 605 20.33 -33.69 16.88
CA VAL A 605 19.88 -33.51 15.51
C VAL A 605 18.65 -32.60 15.49
N THR A 606 17.59 -33.03 16.16
CA THR A 606 16.32 -32.29 16.21
C THR A 606 16.01 -31.85 17.64
N ASP A 607 17.02 -31.38 18.36
CA ASP A 607 16.86 -30.91 19.73
C ASP A 607 16.99 -29.40 19.86
N ARG A 608 17.55 -28.72 18.87
CA ARG A 608 17.81 -27.29 18.96
C ARG A 608 16.69 -26.43 18.40
N ASP A 609 15.58 -27.05 17.98
CA ASP A 609 14.40 -26.34 17.47
C ASP A 609 14.76 -25.32 16.39
N TYR A 610 15.85 -25.57 15.67
CA TYR A 610 16.17 -24.80 14.47
C TYR A 610 17.40 -25.40 13.81
N TYR A 611 17.51 -25.18 12.50
CA TYR A 611 18.59 -25.75 11.70
C TYR A 611 19.62 -24.67 11.38
N THR A 612 20.90 -25.02 11.54
CA THR A 612 21.97 -24.10 11.20
C THR A 612 21.92 -23.77 9.71
N ASN A 613 22.30 -22.54 9.38
CA ASN A 613 22.13 -22.06 8.02
C ASN A 613 23.07 -22.81 7.07
N SER A 614 22.98 -22.48 5.79
CA SER A 614 23.68 -23.24 4.75
C SER A 614 25.19 -23.17 4.93
N ASN A 615 25.82 -24.35 4.83
CA ASN A 615 27.28 -24.49 4.84
C ASN A 615 27.95 -23.59 5.86
N HIS A 616 27.38 -23.48 7.05
CA HIS A 616 27.96 -22.74 8.15
C HIS A 616 28.40 -23.70 9.25
N VAL A 617 29.03 -23.14 10.26
CA VAL A 617 29.39 -23.88 11.47
C VAL A 617 28.41 -23.48 12.57
N PRO A 618 27.87 -24.42 13.35
CA PRO A 618 26.88 -24.06 14.35
C PRO A 618 27.42 -23.00 15.32
N VAL A 619 26.54 -22.08 15.70
CA VAL A 619 26.96 -20.94 16.51
C VAL A 619 27.40 -21.39 17.90
N TYR A 620 26.71 -22.38 18.46
CA TYR A 620 27.05 -22.85 19.79
C TYR A 620 28.37 -23.63 19.86
N TYR A 621 29.08 -23.76 18.74
CA TYR A 621 30.37 -24.45 18.70
C TYR A 621 31.47 -23.40 18.64
N LYS A 622 32.20 -23.26 19.74
CA LYS A 622 33.22 -22.22 19.83
C LYS A 622 34.39 -22.53 18.89
N CYS A 623 34.91 -21.48 18.27
CA CYS A 623 36.04 -21.60 17.35
C CYS A 623 36.59 -20.21 17.08
N THR A 624 37.76 -20.16 16.44
CA THR A 624 38.43 -18.92 16.11
C THR A 624 38.13 -18.54 14.66
N ALA A 625 38.54 -17.32 14.30
CA ALA A 625 38.26 -16.81 12.95
C ALA A 625 38.98 -17.64 11.90
N LEU A 626 40.24 -18.01 12.16
CA LEU A 626 41.01 -18.77 11.17
C LEU A 626 40.36 -20.11 10.87
N LYS A 627 39.89 -20.81 11.91
CA LYS A 627 39.24 -22.10 11.69
C LYS A 627 38.02 -21.96 10.81
N LYS A 628 37.17 -20.96 11.10
CA LYS A 628 35.98 -20.75 10.30
C LYS A 628 36.34 -20.41 8.86
N ALA A 629 37.33 -19.55 8.68
CA ALA A 629 37.73 -19.18 7.31
C ALA A 629 38.19 -20.39 6.54
N GLN A 630 39.04 -21.22 7.14
CA GLN A 630 39.54 -22.40 6.47
C GLN A 630 38.40 -23.36 6.14
N ILE A 631 37.48 -23.57 7.09
CA ILE A 631 36.41 -24.52 6.88
C ILE A 631 35.47 -24.06 5.77
N GLU A 632 35.07 -22.79 5.79
CA GLU A 632 34.06 -22.30 4.88
C GLU A 632 34.62 -21.78 3.56
N ALA A 633 35.93 -21.70 3.41
CA ALA A 633 36.49 -21.16 2.17
C ALA A 633 36.11 -21.96 0.93
N PRO A 634 36.32 -23.29 0.89
CA PRO A 634 36.11 -24.01 -0.38
C PRO A 634 34.67 -24.02 -0.86
N TYR A 635 33.69 -23.80 0.01
CA TYR A 635 32.29 -23.90 -0.40
C TYR A 635 31.86 -22.71 -1.27
N HIS A 636 32.50 -21.55 -1.10
CA HIS A 636 32.05 -20.36 -1.80
C HIS A 636 32.13 -20.53 -3.31
N ASP A 637 33.20 -21.15 -3.80
CA ASP A 637 33.38 -21.28 -5.23
C ASP A 637 32.26 -22.07 -5.89
N LEU A 638 31.55 -22.91 -5.13
CA LEU A 638 30.48 -23.74 -5.67
C LEU A 638 29.11 -23.08 -5.59
N THR A 639 28.92 -22.15 -4.67
CA THR A 639 27.65 -21.46 -4.50
C THR A 639 27.67 -20.15 -5.29
N ARG A 640 27.61 -20.28 -6.61
CA ARG A 640 27.69 -19.12 -7.49
C ARG A 640 26.47 -18.23 -7.40
N GLY A 641 25.39 -18.68 -6.76
CA GLY A 641 24.19 -17.89 -6.64
C GLY A 641 24.08 -17.08 -5.37
N GLY A 642 24.92 -17.35 -4.37
CA GLY A 642 24.88 -16.63 -3.12
C GLY A 642 25.69 -17.28 -2.03
N HIS A 643 26.20 -16.48 -1.10
CA HIS A 643 27.02 -16.97 0.00
C HIS A 643 27.23 -15.81 0.97
N ILE A 644 27.79 -16.14 2.14
CA ILE A 644 27.94 -15.14 3.20
C ILE A 644 29.01 -15.63 4.16
N PHE A 645 29.65 -14.67 4.83
CA PHE A 645 30.61 -14.95 5.89
C PHE A 645 30.21 -14.12 7.10
N TYR A 646 30.25 -14.72 8.28
CA TYR A 646 29.77 -14.09 9.50
C TYR A 646 30.86 -14.14 10.56
N VAL A 647 31.05 -13.03 11.26
CA VAL A 647 31.97 -12.94 12.39
C VAL A 647 31.29 -12.17 13.51
N GLU A 648 31.55 -12.60 14.74
CA GLU A 648 31.05 -11.95 15.93
C GLU A 648 32.22 -11.45 16.75
N ILE A 649 31.98 -10.42 17.56
CA ILE A 649 33.04 -9.83 18.38
C ILE A 649 32.41 -9.23 19.64
N ASP A 650 33.25 -9.01 20.65
CA ASP A 650 32.81 -8.50 21.94
C ASP A 650 32.70 -6.97 21.90
N GLY A 651 32.03 -6.43 22.91
CA GLY A 651 31.85 -5.00 23.06
C GLY A 651 33.07 -4.17 22.71
N ASP A 652 34.21 -4.50 23.33
CA ASP A 652 35.46 -3.77 23.13
C ASP A 652 35.69 -3.40 21.66
N ALA A 653 35.35 -4.31 20.75
CA ALA A 653 35.58 -4.13 19.32
C ALA A 653 35.31 -2.69 18.87
N THR A 654 34.24 -2.09 19.40
CA THR A 654 33.83 -0.75 19.01
C THR A 654 35.01 0.21 18.92
N HIS A 655 35.91 0.17 19.88
CA HIS A 655 37.00 1.14 19.98
C HIS A 655 38.32 0.59 19.44
N ASN A 656 38.28 -0.28 18.44
CA ASN A 656 39.49 -0.79 17.84
C ASN A 656 39.23 -1.26 16.40
N PRO A 657 39.43 -0.40 15.40
CA PRO A 657 39.20 -0.82 14.01
C PRO A 657 40.27 -1.75 13.46
N SER A 658 41.26 -2.14 14.26
CA SER A 658 42.28 -3.08 13.79
C SER A 658 41.68 -4.47 13.54
N VAL A 659 40.70 -4.87 14.35
CA VAL A 659 40.10 -6.20 14.19
C VAL A 659 39.44 -6.31 12.83
N ILE A 660 38.74 -5.26 12.39
CA ILE A 660 38.09 -5.31 11.08
C ILE A 660 39.13 -5.42 9.98
N GLU A 661 40.24 -4.69 10.11
CA GLU A 661 41.30 -4.79 9.12
C GLU A 661 41.86 -6.20 9.06
N SER A 662 42.08 -6.83 10.23
CA SER A 662 42.58 -8.20 10.23
C SER A 662 41.59 -9.15 9.58
N VAL A 663 40.29 -8.98 9.85
CA VAL A 663 39.29 -9.85 9.26
C VAL A 663 39.29 -9.70 7.75
N VAL A 664 39.36 -8.46 7.26
CA VAL A 664 39.33 -8.23 5.81
C VAL A 664 40.59 -8.80 5.16
N ASP A 665 41.75 -8.66 5.82
CA ASP A 665 42.97 -9.23 5.27
C ASP A 665 42.87 -10.75 5.21
N MET A 666 42.31 -11.36 6.25
CA MET A 666 42.11 -12.81 6.23
C MET A 666 41.18 -13.21 5.09
N MET A 667 40.11 -12.45 4.88
CA MET A 667 39.20 -12.75 3.77
C MET A 667 39.94 -12.66 2.44
N ASP A 668 40.80 -11.65 2.28
CA ASP A 668 41.54 -11.50 1.03
C ASP A 668 42.52 -12.65 0.82
N LYS A 669 43.19 -13.09 1.89
CA LYS A 669 44.20 -14.14 1.77
C LYS A 669 43.58 -15.40 1.17
N TYR A 670 42.48 -15.87 1.75
CA TYR A 670 41.76 -17.01 1.21
C TYR A 670 40.88 -16.52 0.05
N ASN A 671 40.00 -17.38 -0.44
CA ASN A 671 39.13 -17.06 -1.57
C ASN A 671 37.70 -16.93 -1.06
N MET A 672 37.24 -15.69 -0.89
CA MET A 672 35.90 -15.41 -0.41
C MET A 672 35.33 -14.24 -1.21
N GLY A 673 34.04 -13.95 -0.97
CA GLY A 673 33.36 -12.94 -1.75
C GLY A 673 32.38 -12.08 -0.99
N TYR A 674 32.35 -12.17 0.33
CA TYR A 674 31.40 -11.41 1.13
C TYR A 674 31.78 -11.56 2.60
N GLY A 675 31.37 -10.57 3.39
CA GLY A 675 31.71 -10.59 4.81
C GLY A 675 30.87 -9.60 5.59
N SER A 676 30.93 -9.74 6.91
CA SER A 676 30.22 -8.87 7.83
C SER A 676 30.69 -9.17 9.24
N VAL A 677 30.47 -8.22 10.14
CA VAL A 677 30.87 -8.34 11.53
C VAL A 677 29.74 -7.82 12.41
N ASN A 678 29.49 -8.50 13.53
CA ASN A 678 28.42 -8.11 14.45
C ASN A 678 28.91 -8.20 15.89
N HIS A 679 28.30 -7.39 16.75
CA HIS A 679 28.55 -7.39 18.19
C HIS A 679 27.25 -7.65 18.91
N ASN A 680 27.26 -8.60 19.84
CA ASN A 680 26.05 -8.96 20.59
C ASN A 680 25.64 -7.81 21.51
N LYS A 709 16.52 -4.29 22.44
CA LYS A 709 17.89 -4.58 22.03
C LYS A 709 17.98 -4.81 20.52
N LEU A 710 18.93 -4.15 19.89
CA LEU A 710 19.14 -4.24 18.44
C LEU A 710 20.32 -5.15 18.16
N GLN A 711 20.12 -6.11 17.25
CA GLN A 711 21.18 -7.04 16.88
C GLN A 711 20.78 -7.72 15.57
N ARG A 712 21.75 -7.94 14.71
CA ARG A 712 21.49 -8.57 13.41
C ARG A 712 20.90 -9.96 13.59
N LEU A 717 18.57 -6.01 9.55
CA LEU A 717 18.61 -5.52 10.92
C LEU A 717 17.20 -5.26 11.43
N VAL A 718 16.99 -5.46 12.74
CA VAL A 718 15.67 -5.33 13.36
C VAL A 718 15.82 -4.58 14.67
N GLY A 719 14.70 -4.04 15.14
CA GLY A 719 14.68 -3.30 16.39
C GLY A 719 14.67 -4.19 17.61
N THR A 720 13.94 -3.78 18.65
CA THR A 720 13.94 -4.53 19.90
C THR A 720 13.52 -5.98 19.66
N THR A 721 14.00 -6.87 20.53
CA THR A 721 13.76 -8.30 20.40
C THR A 721 12.33 -8.62 20.85
N ASP A 722 11.38 -8.11 20.08
CA ASP A 722 9.96 -8.38 20.31
C ASP A 722 9.20 -8.77 19.04
N ARG A 723 9.70 -8.41 17.86
CA ARG A 723 9.07 -8.76 16.60
C ARG A 723 9.72 -9.95 15.92
N TRP A 724 10.64 -10.63 16.61
CA TRP A 724 11.31 -11.79 16.04
C TRP A 724 10.36 -12.96 15.93
N ASN A 725 10.73 -13.91 15.07
CA ASN A 725 10.05 -15.20 15.04
C ASN A 725 10.42 -16.01 16.28
N SER A 726 9.56 -16.98 16.61
CA SER A 726 9.78 -17.77 17.81
C SER A 726 11.09 -18.56 17.74
N GLY A 727 11.39 -19.14 16.58
CA GLY A 727 12.56 -20.00 16.46
C GLY A 727 13.87 -19.25 16.65
N LYS A 728 14.00 -18.07 16.03
CA LYS A 728 15.29 -17.38 16.02
C LYS A 728 15.66 -16.81 17.39
N LEU A 729 14.71 -16.69 18.31
CA LEU A 729 15.04 -16.17 19.63
C LEU A 729 16.00 -17.10 20.36
N ALA A 730 15.76 -18.41 20.28
CA ALA A 730 16.67 -19.36 20.89
C ALA A 730 18.05 -19.29 20.24
N GLU A 731 18.08 -19.16 18.91
CA GLU A 731 19.36 -19.02 18.23
C GLU A 731 20.11 -17.79 18.72
N LEU A 732 19.41 -16.68 18.89
CA LEU A 732 20.04 -15.47 19.43
C LEU A 732 20.56 -15.72 20.83
N HIS A 733 19.77 -16.40 21.66
CA HIS A 733 20.20 -16.70 23.02
C HIS A 733 21.34 -17.71 23.07
N ASP A 734 21.62 -18.39 21.95
CA ASP A 734 22.68 -19.38 21.88
C ASP A 734 23.79 -18.94 20.94
N ARG A 735 24.20 -17.68 21.03
CA ARG A 735 25.24 -17.12 20.19
C ARG A 735 26.53 -16.96 20.99
N VAL A 736 27.67 -17.16 20.32
CA VAL A 736 28.98 -17.02 20.93
C VAL A 736 29.71 -15.86 20.28
N THR A 737 30.90 -15.54 20.79
CA THR A 737 31.69 -14.40 20.30
C THR A 737 33.02 -14.90 19.77
N HIS A 738 33.36 -14.47 18.55
CA HIS A 738 34.65 -14.81 17.93
C HIS A 738 35.56 -13.59 18.11
N ILE A 739 36.25 -13.53 19.24
CA ILE A 739 37.12 -12.40 19.54
C ILE A 739 38.14 -12.23 18.43
N ILE B 6 -21.84 -44.29 20.33
CA ILE B 6 -22.34 -45.31 19.41
C ILE B 6 -23.13 -44.64 18.30
N GLN B 7 -24.00 -43.70 18.69
CA GLN B 7 -24.84 -42.94 17.75
C GLN B 7 -24.52 -41.46 17.91
N THR B 8 -23.50 -41.00 17.18
CA THR B 8 -23.13 -39.59 17.16
C THR B 8 -22.61 -39.27 15.76
N VAL B 9 -23.50 -38.78 14.91
CA VAL B 9 -23.18 -38.45 13.52
C VAL B 9 -23.65 -37.03 13.25
N VAL B 10 -22.75 -36.17 12.81
CA VAL B 10 -23.05 -34.79 12.48
C VAL B 10 -22.58 -34.56 11.05
N LYS B 11 -23.47 -34.75 10.09
CA LYS B 11 -23.11 -34.60 8.68
C LYS B 11 -22.67 -33.17 8.39
N ARG B 12 -21.38 -32.97 8.14
CA ARG B 12 -20.80 -31.65 7.92
C ARG B 12 -21.55 -30.63 8.77
N ASP B 13 -22.05 -29.54 8.15
CA ASP B 13 -22.89 -28.52 8.78
C ASP B 13 -22.93 -28.61 10.30
N GLY B 14 -24.14 -28.61 10.88
CA GLY B 14 -24.28 -28.71 12.31
C GLY B 14 -25.41 -29.63 12.73
N ARG B 15 -26.14 -30.16 11.75
CA ARG B 15 -27.28 -31.00 12.06
C ARG B 15 -26.85 -32.23 12.86
N ILE B 16 -27.66 -32.58 13.86
CA ILE B 16 -27.46 -33.79 14.66
C ILE B 16 -28.49 -34.81 14.20
N VAL B 17 -28.02 -35.93 13.66
CA VAL B 17 -28.87 -36.95 13.08
C VAL B 17 -28.53 -38.30 13.69
N GLY B 18 -29.38 -39.28 13.42
CA GLY B 18 -29.16 -40.62 13.92
C GLY B 18 -28.26 -41.43 13.00
N PHE B 19 -27.77 -42.55 13.53
CA PHE B 19 -26.91 -43.45 12.77
C PHE B 19 -27.79 -44.49 12.10
N ASN B 20 -28.15 -44.22 10.84
CA ASN B 20 -29.02 -45.15 10.10
C ASN B 20 -28.31 -46.48 9.85
N GLU B 21 -27.03 -46.43 9.49
CA GLU B 21 -26.22 -47.62 9.26
C GLU B 21 -26.59 -48.31 7.96
N GLN B 22 -27.63 -47.83 7.28
CA GLN B 22 -28.10 -48.44 6.04
C GLN B 22 -27.61 -47.74 4.79
N LYS B 23 -27.01 -46.55 4.92
CA LYS B 23 -26.44 -45.84 3.77
C LYS B 23 -24.94 -46.01 3.66
N ILE B 24 -24.25 -46.33 4.76
CA ILE B 24 -22.82 -46.59 4.68
C ILE B 24 -22.55 -47.77 3.76
N MET B 25 -23.51 -48.69 3.64
CA MET B 25 -23.43 -49.74 2.65
C MET B 25 -23.90 -49.28 1.28
N ALA B 26 -24.88 -48.37 1.24
CA ALA B 26 -25.36 -47.86 -0.04
C ALA B 26 -24.26 -47.10 -0.77
N ALA B 27 -23.53 -46.25 -0.06
CA ALA B 27 -22.48 -45.47 -0.72
C ALA B 27 -21.37 -46.37 -1.24
N ILE B 28 -20.94 -47.35 -0.44
CA ILE B 28 -19.87 -48.25 -0.88
C ILE B 28 -20.32 -49.04 -2.10
N ARG B 29 -21.56 -49.52 -2.09
CA ARG B 29 -22.08 -50.20 -3.27
C ARG B 29 -22.09 -49.27 -4.47
N LYS B 30 -22.46 -48.01 -4.26
CA LYS B 30 -22.48 -47.05 -5.35
C LYS B 30 -21.08 -46.83 -5.92
N ALA B 31 -20.06 -46.91 -5.06
CA ALA B 31 -18.69 -46.72 -5.51
C ALA B 31 -18.11 -47.93 -6.23
N MET B 32 -18.80 -49.06 -6.21
CA MET B 32 -18.34 -50.27 -6.88
C MET B 32 -19.22 -50.68 -8.06
N LEU B 33 -20.17 -49.83 -8.48
CA LEU B 33 -21.07 -50.20 -9.55
C LEU B 33 -20.31 -50.62 -10.80
N HIS B 34 -19.23 -49.91 -11.13
CA HIS B 34 -18.42 -50.25 -12.30
C HIS B 34 -16.97 -49.90 -12.00
N THR B 35 -16.23 -50.89 -11.51
CA THR B 35 -14.78 -50.78 -11.32
C THR B 35 -14.09 -52.09 -11.66
N ASP B 36 -14.67 -52.87 -12.57
CA ASP B 36 -14.17 -54.21 -12.90
C ASP B 36 -14.44 -55.16 -11.75
N LYS B 37 -13.73 -54.96 -10.64
CA LYS B 37 -13.95 -55.77 -9.43
C LYS B 37 -15.27 -55.70 -8.65
N ASP B 40 -17.50 -57.82 -2.83
CA ASP B 40 -18.77 -58.52 -2.86
C ASP B 40 -19.64 -58.15 -1.66
N THR B 41 -20.85 -58.70 -1.60
CA THR B 41 -21.76 -58.38 -0.52
C THR B 41 -21.16 -58.76 0.83
N THR B 42 -20.45 -59.88 0.89
CA THR B 42 -19.83 -60.29 2.15
C THR B 42 -18.79 -59.28 2.60
N LEU B 43 -17.98 -58.77 1.67
CA LEU B 43 -16.98 -57.77 2.03
C LEU B 43 -17.64 -56.50 2.54
N ILE B 44 -18.72 -56.07 1.89
CA ILE B 44 -19.43 -54.87 2.33
C ILE B 44 -20.00 -55.08 3.74
N GLU B 45 -20.58 -56.25 3.98
CA GLU B 45 -21.12 -56.55 5.30
C GLU B 45 -20.01 -56.54 6.35
N GLN B 46 -18.85 -57.11 6.02
CA GLN B 46 -17.73 -57.10 6.94
C GLN B 46 -17.28 -55.68 7.24
N ILE B 47 -17.22 -54.82 6.22
CA ILE B 47 -16.80 -53.44 6.44
C ILE B 47 -17.81 -52.73 7.34
N THR B 48 -19.11 -52.92 7.09
CA THR B 48 -20.13 -52.30 7.93
C THR B 48 -20.01 -52.78 9.36
N ASP B 49 -19.80 -54.08 9.55
CA ASP B 49 -19.65 -54.60 10.91
C ASP B 49 -18.43 -54.01 11.60
N HIS B 50 -17.32 -53.91 10.87
CA HIS B 50 -16.09 -53.39 11.47
C HIS B 50 -16.27 -51.93 11.88
N ILE B 51 -16.85 -51.12 11.00
CA ILE B 51 -17.04 -49.70 11.32
C ILE B 51 -18.03 -49.54 12.46
N SER B 52 -19.06 -50.40 12.51
CA SER B 52 -20.07 -50.27 13.55
C SER B 52 -19.48 -50.39 14.94
N TYR B 53 -18.32 -51.00 15.08
CA TYR B 53 -17.69 -51.17 16.39
C TYR B 53 -17.17 -49.83 16.91
N MET B 59 -19.23 -39.09 17.01
CA MET B 59 -18.26 -39.21 15.94
C MET B 59 -18.41 -38.08 14.93
N SER B 60 -17.42 -37.92 14.07
CA SER B 60 -17.43 -36.90 13.01
C SER B 60 -17.39 -37.63 11.68
N VAL B 61 -18.35 -37.30 10.80
CA VAL B 61 -18.49 -38.03 9.55
C VAL B 61 -17.19 -37.94 8.75
N GLU B 62 -16.79 -36.72 8.38
CA GLU B 62 -15.64 -36.53 7.50
C GLU B 62 -14.47 -37.43 7.89
N ALA B 63 -14.04 -37.35 9.15
CA ALA B 63 -12.86 -38.11 9.57
C ALA B 63 -13.01 -39.60 9.25
N ILE B 64 -14.16 -40.18 9.61
CA ILE B 64 -14.31 -41.62 9.46
C ILE B 64 -14.08 -42.04 8.02
N GLN B 65 -14.33 -41.14 7.07
CA GLN B 65 -14.15 -41.49 5.66
C GLN B 65 -12.77 -42.07 5.42
N ASP B 66 -11.74 -41.48 6.02
CA ASP B 66 -10.38 -41.96 5.79
C ASP B 66 -10.25 -43.42 6.18
N ALA B 67 -10.80 -43.79 7.34
CA ALA B 67 -10.78 -45.19 7.75
C ALA B 67 -11.44 -46.06 6.68
N ILE B 68 -12.60 -45.62 6.19
CA ILE B 68 -13.29 -46.39 5.16
C ILE B 68 -12.32 -46.70 4.03
N GLU B 69 -11.51 -45.71 3.65
CA GLU B 69 -10.60 -45.90 2.53
C GLU B 69 -9.76 -47.15 2.71
N MET B 70 -9.13 -47.29 3.88
CA MET B 70 -8.25 -48.45 4.07
C MET B 70 -9.05 -49.74 3.96
N GLU B 71 -10.25 -49.77 4.52
CA GLU B 71 -11.08 -50.98 4.42
C GLU B 71 -11.31 -51.35 2.95
N LEU B 72 -11.42 -50.34 2.08
CA LEU B 72 -11.56 -50.63 0.65
C LEU B 72 -10.22 -51.05 0.04
N MET B 73 -9.12 -50.44 0.50
CA MET B 73 -7.83 -50.71 -0.11
C MET B 73 -7.42 -52.16 0.11
N LYS B 74 -7.63 -52.68 1.31
CA LYS B 74 -7.23 -54.05 1.65
C LYS B 74 -8.26 -55.06 1.11
N SER B 75 -8.44 -55.01 -0.20
CA SER B 75 -9.39 -55.88 -0.88
C SER B 75 -9.34 -55.66 -2.39
N ASP B 79 -9.25 -50.48 -6.12
CA ASP B 79 -10.22 -50.32 -7.20
C ASP B 79 -11.50 -49.64 -6.70
N VAL B 80 -11.58 -49.41 -5.39
CA VAL B 80 -12.70 -48.72 -4.77
C VAL B 80 -12.25 -47.42 -4.11
N ALA B 81 -11.10 -47.42 -3.44
CA ALA B 81 -10.60 -46.21 -2.81
C ALA B 81 -10.38 -45.11 -3.84
N GLN B 82 -9.79 -45.45 -4.98
CA GLN B 82 -9.61 -44.48 -6.04
C GLN B 82 -10.94 -43.96 -6.56
N LYS B 83 -12.00 -44.79 -6.47
CA LYS B 83 -13.32 -44.41 -6.92
C LYS B 83 -14.13 -43.70 -5.85
N TYR B 84 -13.56 -43.47 -4.67
CA TYR B 84 -14.27 -42.85 -3.54
C TYR B 84 -13.78 -41.45 -3.25
N ILE B 85 -12.47 -41.27 -3.03
CA ILE B 85 -11.95 -39.94 -2.76
C ILE B 85 -12.08 -39.05 -3.99
N ALA B 86 -11.93 -39.63 -5.19
CA ALA B 86 -11.98 -38.82 -6.41
C ALA B 86 -13.33 -38.13 -6.55
N TYR B 87 -14.42 -38.86 -6.34
CA TYR B 87 -15.74 -38.26 -6.45
C TYR B 87 -15.97 -37.19 -5.39
N ARG B 88 -15.51 -37.44 -4.17
CA ARG B 88 -15.67 -36.45 -3.11
C ARG B 88 -14.92 -35.17 -3.44
N ASN B 89 -13.71 -35.29 -3.98
CA ASN B 89 -12.96 -34.09 -4.34
C ASN B 89 -13.56 -33.41 -5.57
N GLN B 90 -14.14 -34.17 -6.49
CA GLN B 90 -14.75 -33.58 -7.67
C GLN B 90 -16.05 -32.85 -7.34
N ARG B 91 -16.75 -33.27 -6.29
CA ARG B 91 -17.93 -32.55 -5.84
C ARG B 91 -17.59 -31.40 -4.88
N ASN B 92 -16.52 -31.55 -4.10
CA ASN B 92 -16.12 -30.49 -3.19
C ASN B 92 -15.56 -29.28 -3.94
N ILE B 93 -15.19 -29.44 -5.20
CA ILE B 93 -14.63 -28.33 -5.97
C ILE B 93 -15.73 -27.55 -6.70
N ALA B 94 -16.75 -28.25 -7.20
CA ALA B 94 -17.83 -27.58 -7.90
C ALA B 94 -18.71 -26.76 -6.98
N ARG B 95 -18.57 -26.91 -5.66
CA ARG B 95 -19.35 -26.13 -4.71
C ARG B 95 -18.89 -24.68 -4.60
N LYS B 96 -17.70 -24.36 -5.09
CA LYS B 96 -17.16 -23.01 -5.04
C LYS B 96 -16.67 -22.58 -6.42
N ALA B 97 -17.49 -22.81 -7.44
CA ALA B 97 -17.18 -22.39 -8.79
C ALA B 97 -17.53 -20.93 -9.04
N LYS B 98 -18.07 -20.23 -8.05
CA LYS B 98 -18.39 -18.81 -8.19
C LYS B 98 -17.22 -17.93 -7.82
N THR B 99 -16.43 -18.32 -6.82
CA THR B 99 -15.25 -17.56 -6.45
C THR B 99 -14.15 -17.68 -7.51
N ARG B 100 -14.07 -18.83 -8.17
CA ARG B 100 -13.03 -19.03 -9.18
C ARG B 100 -13.18 -18.03 -10.32
N ASP B 101 -14.41 -17.75 -10.74
CA ASP B 101 -14.63 -16.82 -11.84
C ASP B 101 -14.10 -15.44 -11.49
N VAL B 102 -14.44 -14.94 -10.30
CA VAL B 102 -13.99 -13.60 -9.92
C VAL B 102 -12.48 -13.58 -9.74
N PHE B 103 -11.89 -14.65 -9.19
CA PHE B 103 -10.45 -14.70 -9.05
C PHE B 103 -9.77 -14.67 -10.42
N MET B 104 -10.28 -15.43 -11.38
CA MET B 104 -9.71 -15.40 -12.73
C MET B 104 -9.86 -14.02 -13.35
N SER B 105 -11.01 -13.37 -13.13
CA SER B 105 -11.20 -12.03 -13.67
C SER B 105 -10.18 -11.05 -13.10
N ILE B 106 -9.93 -11.14 -11.79
CA ILE B 106 -8.93 -10.26 -11.17
C ILE B 106 -7.55 -10.55 -11.74
N VAL B 107 -7.20 -11.84 -11.84
CA VAL B 107 -5.85 -12.20 -12.28
C VAL B 107 -5.60 -11.75 -13.71
N ASN B 108 -6.57 -11.99 -14.59
CA ASN B 108 -6.40 -11.60 -15.99
C ASN B 108 -6.52 -10.10 -16.20
N ALA B 109 -6.92 -9.34 -15.19
CA ALA B 109 -6.98 -7.89 -15.26
C ALA B 109 -7.89 -7.45 -16.41
N LYS B 110 -9.17 -7.82 -16.29
CA LYS B 110 -10.19 -7.44 -17.26
C LYS B 110 -11.01 -6.29 -16.71
N ASN B 111 -11.65 -5.57 -17.64
CA ASN B 111 -12.43 -4.37 -17.29
C ASN B 111 -13.83 -4.78 -16.86
N ASN B 112 -13.90 -5.39 -15.69
CA ASN B 112 -15.16 -5.82 -15.09
C ASN B 112 -15.55 -4.87 -13.96
N ASP B 113 -16.81 -4.99 -13.53
CA ASP B 113 -17.35 -4.07 -12.55
C ASP B 113 -16.69 -4.22 -11.18
N ILE B 114 -15.99 -5.33 -10.93
CA ILE B 114 -15.41 -5.57 -9.61
C ILE B 114 -13.95 -5.12 -9.52
N THR B 115 -13.41 -4.52 -10.59
CA THR B 115 -12.04 -4.02 -10.59
C THR B 115 -11.96 -2.53 -10.84
N ARG B 116 -13.11 -1.83 -10.95
CA ARG B 116 -13.13 -0.39 -11.17
C ARG B 116 -13.95 0.34 -10.12
N GLU B 117 -14.26 -0.31 -8.99
CA GLU B 117 -15.05 0.35 -7.96
C GLU B 117 -14.33 1.58 -7.40
N ASN B 118 -13.02 1.65 -7.51
CA ASN B 118 -12.24 2.81 -7.11
C ASN B 118 -11.38 3.24 -8.29
N ALA B 119 -11.57 4.47 -8.74
CA ALA B 119 -10.92 4.97 -9.95
C ALA B 119 -9.54 5.56 -9.68
N ASN B 120 -9.08 5.56 -8.43
CA ASN B 120 -7.75 6.04 -8.10
C ASN B 120 -6.71 4.95 -7.99
N MET B 121 -7.12 3.70 -7.72
CA MET B 121 -6.21 2.59 -7.66
C MET B 121 -5.87 2.08 -9.06
N ASN B 122 -4.85 1.23 -9.13
CA ASN B 122 -4.46 0.55 -10.37
C ASN B 122 -4.40 -0.94 -10.06
N ALA B 123 -5.40 -1.69 -10.52
CA ALA B 123 -5.50 -3.10 -10.20
C ALA B 123 -4.52 -3.97 -10.99
N ASP B 124 -3.98 -3.46 -12.09
CA ASP B 124 -3.06 -4.25 -12.89
C ASP B 124 -1.79 -4.60 -12.11
N THR B 125 -1.29 -3.65 -11.34
CA THR B 125 -0.05 -3.89 -10.61
C THR B 125 -0.27 -4.93 -9.51
N PRO B 126 0.77 -5.69 -9.15
CA PRO B 126 0.60 -6.67 -8.07
C PRO B 126 0.12 -6.06 -6.76
N ALA B 127 0.60 -4.87 -6.42
CA ALA B 127 0.16 -4.26 -5.16
C ALA B 127 -1.34 -3.97 -5.19
N GLY B 128 -1.83 -3.43 -6.30
CA GLY B 128 -3.26 -3.21 -6.42
C GLY B 128 -4.04 -4.51 -6.49
N MET B 129 -3.48 -5.51 -7.17
CA MET B 129 -4.16 -6.80 -7.29
C MET B 129 -4.22 -7.54 -5.96
N MET B 130 -3.36 -7.20 -5.01
CA MET B 130 -3.33 -7.87 -3.72
C MET B 130 -4.36 -7.30 -2.74
N MET B 131 -5.07 -6.24 -3.11
CA MET B 131 -6.08 -5.65 -2.25
C MET B 131 -7.48 -6.17 -2.55
N LYS B 132 -7.75 -6.53 -3.81
CA LYS B 132 -9.05 -7.05 -4.18
C LYS B 132 -9.35 -8.34 -3.43
N PHE B 133 -8.36 -9.23 -3.33
CA PHE B 133 -8.56 -10.48 -2.62
C PHE B 133 -8.90 -10.23 -1.16
N ALA B 134 -8.17 -9.32 -0.51
CA ALA B 134 -8.45 -9.04 0.90
C ALA B 134 -9.85 -8.46 1.07
N SER B 135 -10.25 -7.54 0.21
CA SER B 135 -11.58 -6.96 0.32
C SER B 135 -12.67 -8.01 0.13
N GLU B 136 -12.53 -8.84 -0.90
CA GLU B 136 -13.54 -9.84 -1.20
C GLU B 136 -13.58 -10.94 -0.15
N THR B 137 -12.48 -11.19 0.55
CA THR B 137 -12.48 -12.19 1.61
C THR B 137 -12.97 -11.63 2.94
N THR B 138 -12.80 -10.33 3.17
CA THR B 138 -13.21 -9.74 4.44
C THR B 138 -14.64 -9.23 4.43
N LYS B 139 -15.23 -8.99 3.26
CA LYS B 139 -16.64 -8.57 3.25
C LYS B 139 -17.57 -9.61 3.83
N PRO B 140 -17.53 -10.89 3.40
CA PRO B 140 -18.44 -11.88 4.01
C PRO B 140 -18.25 -12.04 5.51
N PHE B 141 -17.02 -11.94 6.00
CA PHE B 141 -16.78 -12.11 7.44
C PHE B 141 -17.55 -11.08 8.24
N VAL B 142 -17.41 -9.81 7.88
CA VAL B 142 -18.15 -8.76 8.59
C VAL B 142 -19.64 -8.92 8.34
N ASP B 143 -20.03 -9.38 7.15
CA ASP B 143 -21.44 -9.54 6.86
C ASP B 143 -22.09 -10.56 7.79
N ASP B 144 -21.40 -11.67 8.06
CA ASP B 144 -22.03 -12.81 8.71
C ASP B 144 -21.70 -12.97 10.18
N TYR B 145 -20.61 -12.40 10.69
CA TYR B 145 -20.17 -12.68 12.05
C TYR B 145 -20.09 -11.46 12.96
N LEU B 146 -20.36 -10.26 12.47
CA LEU B 146 -20.25 -9.05 13.29
C LEU B 146 -21.53 -8.24 13.37
N LEU B 147 -22.27 -8.12 12.27
CA LEU B 147 -23.49 -7.32 12.28
C LEU B 147 -24.61 -8.05 13.02
N SER B 148 -25.65 -7.30 13.37
CA SER B 148 -26.82 -7.86 14.01
C SER B 148 -27.75 -8.46 12.95
N GLU B 149 -28.90 -8.96 13.40
CA GLU B 149 -29.84 -9.61 12.49
C GLU B 149 -30.75 -8.61 11.78
N ASP B 150 -31.28 -7.62 12.50
CA ASP B 150 -32.12 -6.61 11.85
C ASP B 150 -31.33 -5.81 10.83
N VAL B 151 -30.12 -5.40 11.19
CA VAL B 151 -29.29 -4.65 10.25
C VAL B 151 -28.96 -5.51 9.04
N ARG B 152 -28.67 -6.80 9.27
CA ARG B 152 -28.36 -7.69 8.16
C ARG B 152 -29.55 -7.83 7.22
N ASP B 153 -30.75 -8.00 7.77
CA ASP B 153 -31.93 -8.13 6.92
C ASP B 153 -32.21 -6.84 6.17
N ALA B 154 -31.98 -5.69 6.80
CA ALA B 154 -32.16 -4.42 6.10
C ALA B 154 -31.17 -4.27 4.95
N VAL B 155 -29.91 -4.64 5.18
CA VAL B 155 -28.89 -4.49 4.15
C VAL B 155 -29.15 -5.45 3.00
N MET B 156 -29.60 -6.66 3.32
CA MET B 156 -29.79 -7.66 2.28
C MET B 156 -30.80 -7.21 1.23
N HIS B 157 -31.78 -6.40 1.62
CA HIS B 157 -32.85 -5.98 0.73
C HIS B 157 -32.56 -4.65 0.04
N ASN B 158 -31.32 -4.18 0.08
CA ASN B 158 -30.91 -2.98 -0.66
C ASN B 158 -31.62 -1.73 -0.11
N TYR B 159 -31.52 -1.53 1.20
CA TYR B 159 -32.02 -0.33 1.86
C TYR B 159 -30.91 0.53 2.44
N ILE B 160 -30.05 -0.06 3.26
CA ILE B 160 -28.97 0.67 3.93
C ILE B 160 -27.64 0.23 3.34
N HIS B 161 -26.69 1.17 3.29
CA HIS B 161 -25.35 0.89 2.78
C HIS B 161 -24.32 1.36 3.81
N ILE B 162 -23.31 0.52 4.03
CA ILE B 162 -22.19 0.83 4.90
C ILE B 162 -21.00 1.20 4.02
N HIS B 163 -20.39 2.35 4.31
CA HIS B 163 -19.27 2.84 3.51
C HIS B 163 -17.96 2.30 4.04
N ASP B 164 -17.07 1.93 3.13
CA ASP B 164 -15.79 1.33 3.49
C ASP B 164 -16.00 0.12 4.39
N LYS B 165 -16.84 -0.80 3.95
CA LYS B 165 -17.16 -1.97 4.76
C LYS B 165 -15.94 -2.83 5.00
N ASP B 166 -15.09 -3.02 3.98
CA ASP B 166 -13.97 -3.93 4.10
C ASP B 166 -12.82 -3.25 4.83
N TYR B 167 -13.14 -2.62 5.96
CA TYR B 167 -12.16 -2.25 6.97
C TYR B 167 -12.72 -2.46 8.35
N TYR B 168 -13.92 -3.03 8.48
CA TYR B 168 -14.60 -3.13 9.77
C TYR B 168 -13.74 -3.76 10.85
N PRO B 169 -13.12 -4.93 10.65
CA PRO B 169 -12.38 -5.56 11.76
C PRO B 169 -11.15 -4.80 12.21
N THR B 170 -10.62 -3.91 11.38
CA THR B 170 -9.38 -3.22 11.71
C THR B 170 -9.58 -2.13 12.76
N LYS B 171 -10.80 -1.65 12.96
CA LYS B 171 -11.07 -0.55 13.88
C LYS B 171 -10.38 0.73 13.42
N SER B 172 -10.61 1.08 12.15
CA SER B 172 -9.92 2.19 11.50
C SER B 172 -10.85 3.38 11.37
N LEU B 173 -10.38 4.55 11.80
CA LEU B 173 -11.13 5.79 11.68
C LEU B 173 -11.02 6.32 10.25
N THR B 174 -11.67 7.46 9.98
CA THR B 174 -11.80 7.95 8.62
C THR B 174 -10.90 9.14 8.32
N CYS B 175 -10.99 10.23 9.08
CA CYS B 175 -10.26 11.45 8.75
C CYS B 175 -9.90 12.19 10.02
N VAL B 176 -8.92 13.09 9.91
CA VAL B 176 -8.48 13.90 11.04
C VAL B 176 -7.76 15.13 10.51
N GLN B 177 -7.89 16.23 11.23
CA GLN B 177 -7.15 17.46 10.95
C GLN B 177 -5.85 17.46 11.75
N HIS B 178 -4.74 17.70 11.06
CA HIS B 178 -3.43 17.55 11.68
C HIS B 178 -3.02 18.83 12.40
N PRO B 179 -2.74 18.78 13.71
CA PRO B 179 -2.01 19.88 14.36
C PRO B 179 -0.52 19.77 14.04
N LEU B 180 -0.04 20.67 13.19
CA LEU B 180 1.32 20.60 12.66
C LEU B 180 2.27 21.54 13.38
N ASP B 181 2.00 21.86 14.63
CA ASP B 181 2.90 22.67 15.44
C ASP B 181 3.69 21.86 16.45
N VAL B 182 3.10 20.80 17.00
CA VAL B 182 3.85 19.93 17.91
C VAL B 182 4.91 19.14 17.15
N ILE B 183 4.54 18.60 15.97
CA ILE B 183 5.47 17.79 15.21
C ILE B 183 6.70 18.60 14.82
N LEU B 184 6.48 19.78 14.24
CA LEU B 184 7.61 20.58 13.79
C LEU B 184 8.48 21.04 14.95
N ASN B 185 7.85 21.45 16.05
CA ASN B 185 8.63 22.01 17.16
C ASN B 185 9.41 20.94 17.90
N HIS B 186 8.78 19.81 18.18
CA HIS B 186 9.43 18.77 18.98
C HIS B 186 9.91 17.58 18.16
N GLY B 187 9.44 17.42 16.94
CA GLY B 187 9.89 16.32 16.10
C GLY B 187 9.53 14.98 16.69
N PHE B 188 9.85 13.91 15.96
CA PHE B 188 9.57 12.56 16.43
C PHE B 188 10.65 11.59 15.98
N ARG B 196 14.79 15.56 14.80
CA ARG B 196 15.20 16.77 15.53
C ARG B 196 14.35 17.97 15.07
N PRO B 197 14.30 19.01 15.90
CA PRO B 197 13.52 20.20 15.52
C PRO B 197 14.04 20.79 14.22
N ALA B 198 13.10 21.25 13.39
CA ALA B 198 13.45 21.89 12.13
C ALA B 198 13.97 23.30 12.37
N LYS B 199 14.86 23.76 11.48
CA LYS B 199 15.39 25.10 11.56
C LYS B 199 15.49 25.79 10.20
N ARG B 200 14.96 25.17 9.14
CA ARG B 200 14.98 25.74 7.81
C ARG B 200 13.65 25.45 7.12
N ILE B 201 13.45 26.07 5.96
CA ILE B 201 12.18 25.92 5.26
C ILE B 201 12.02 24.49 4.72
N GLU B 202 13.08 23.94 4.13
CA GLU B 202 12.96 22.63 3.49
C GLU B 202 12.70 21.54 4.52
N THR B 203 13.30 21.66 5.70
CA THR B 203 13.10 20.65 6.73
C THR B 203 11.62 20.54 7.10
N ALA B 204 10.96 21.68 7.33
CA ALA B 204 9.53 21.65 7.64
C ALA B 204 8.73 21.19 6.44
N ALA B 205 9.11 21.64 5.24
CA ALA B 205 8.38 21.25 4.04
C ALA B 205 8.40 19.74 3.84
N VAL B 206 9.47 19.07 4.26
CA VAL B 206 9.52 17.61 4.16
C VAL B 206 8.87 16.92 5.36
N LEU B 207 8.98 17.51 6.55
CA LEU B 207 8.31 16.94 7.72
C LEU B 207 6.80 16.90 7.52
N ALA B 208 6.25 17.91 6.84
CA ALA B 208 4.82 17.90 6.57
C ALA B 208 4.42 16.68 5.75
N CYS B 209 5.15 16.41 4.67
CA CYS B 209 4.84 15.25 3.83
C CYS B 209 5.03 13.96 4.62
N ILE B 210 6.09 13.87 5.42
CA ILE B 210 6.33 12.65 6.18
C ILE B 210 5.17 12.39 7.14
N SER B 211 4.69 13.43 7.82
CA SER B 211 3.57 13.26 8.74
C SER B 211 2.31 12.85 7.99
N LEU B 212 2.04 13.48 6.85
CA LEU B 212 0.85 13.13 6.08
C LEU B 212 0.89 11.66 5.65
N GLU B 213 2.02 11.08 5.28
CA GLU B 213 2.00 9.70 4.74
C GLU B 213 2.13 8.64 5.81
N THR B 214 2.31 9.02 7.08
CA THR B 214 2.50 8.09 8.20
C THR B 214 1.21 7.98 8.98
N CYS B 215 0.13 8.60 8.52
CA CYS B 215 -1.20 8.49 9.18
C CYS B 215 -2.25 8.19 8.13
N GLN B 216 -1.89 7.92 6.90
CA GLN B 216 -2.87 7.47 5.90
C GLN B 216 -2.49 6.01 5.88
N ASN B 217 -2.07 5.49 7.02
CA ASN B 217 -1.76 4.05 7.13
C ASN B 217 -2.34 3.66 8.47
N GLU B 218 -3.21 4.49 8.99
CA GLU B 218 -3.93 4.16 10.22
C GLU B 218 -5.35 4.69 10.02
N MET B 219 -5.71 5.03 8.77
CA MET B 219 -7.04 5.51 8.48
C MET B 219 -7.36 5.18 7.03
N HIS B 220 -8.66 5.20 6.71
CA HIS B 220 -9.13 4.86 5.37
C HIS B 220 -9.68 6.05 4.60
N GLY B 221 -9.62 7.26 5.17
CA GLY B 221 -10.16 8.44 4.50
C GLY B 221 -9.09 9.34 3.94
N GLY B 222 -9.04 10.59 4.42
CA GLY B 222 -8.10 11.56 3.92
C GLY B 222 -7.61 12.48 5.02
N GLN B 223 -6.55 13.23 4.72
CA GLN B 223 -5.92 14.13 5.67
C GLN B 223 -5.99 15.56 5.16
N ALA B 224 -6.05 16.50 6.10
CA ALA B 224 -6.12 17.92 5.77
C ALA B 224 -5.23 18.69 6.72
N ILE B 225 -4.64 19.78 6.22
CA ILE B 225 -3.84 20.68 7.03
C ILE B 225 -4.52 22.05 7.06
N PRO B 226 -5.02 22.49 8.23
CA PRO B 226 -5.96 23.63 8.25
C PRO B 226 -5.30 25.00 8.17
N ALA B 227 -4.08 25.15 8.67
CA ALA B 227 -3.39 26.44 8.67
C ALA B 227 -1.99 26.25 8.10
N PHE B 228 -1.88 26.32 6.78
CA PHE B 228 -0.57 26.20 6.14
C PHE B 228 0.33 27.39 6.49
N ASP B 229 -0.20 28.60 6.33
CA ASP B 229 0.61 29.80 6.52
C ASP B 229 0.98 30.00 7.99
N PHE B 230 0.00 29.90 8.89
CA PHE B 230 0.29 30.13 10.30
C PHE B 230 1.29 29.13 10.85
N TYR B 231 1.45 27.98 10.21
CA TYR B 231 2.42 26.99 10.67
C TYR B 231 3.78 27.13 9.99
N LEU B 232 3.81 27.49 8.70
CA LEU B 232 5.06 27.55 7.96
C LEU B 232 5.60 28.97 7.80
N ALA B 233 5.02 29.95 8.48
CA ALA B 233 5.51 31.32 8.37
C ALA B 233 6.78 31.56 9.18
N PRO B 234 6.85 31.14 10.44
CA PRO B 234 7.97 31.56 11.30
C PRO B 234 9.34 31.08 10.86
N TYR B 235 9.46 30.34 9.76
CA TYR B 235 10.76 29.83 9.33
C TYR B 235 11.41 30.68 8.23
N VAL B 236 10.64 31.50 7.52
CA VAL B 236 11.23 32.42 6.56
C VAL B 236 12.14 33.40 7.28
N ARG B 237 11.77 33.80 8.49
CA ARG B 237 12.63 34.69 9.28
C ARG B 237 13.95 34.01 9.61
N MET B 238 13.91 32.74 9.99
CA MET B 238 15.16 32.02 10.27
C MET B 238 16.01 31.88 9.02
N SER B 239 15.38 31.62 7.88
CA SER B 239 16.13 31.56 6.63
C SER B 239 16.81 32.90 6.33
N TYR B 240 16.08 33.99 6.53
CA TYR B 240 16.66 35.32 6.31
C TYR B 240 17.82 35.58 7.26
N GLN B 241 17.68 35.19 8.53
CA GLN B 241 18.78 35.37 9.47
C GLN B 241 20.01 34.60 9.05
N GLU B 242 19.83 33.35 8.62
CA GLU B 242 20.97 32.55 8.15
C GLU B 242 21.61 33.18 6.93
N GLU B 243 20.80 33.68 6.00
CA GLU B 243 21.35 34.34 4.82
C GLU B 243 22.18 35.55 5.21
N VAL B 244 21.67 36.37 6.13
CA VAL B 244 22.40 37.56 6.56
C VAL B 244 23.70 37.16 7.25
N LYS B 245 23.66 36.13 8.08
CA LYS B 245 24.88 35.68 8.76
C LYS B 245 25.93 35.23 7.75
N ASN B 246 25.51 34.46 6.74
CA ASN B 246 26.46 34.02 5.72
C ASN B 246 27.05 35.21 4.96
N LEU B 247 26.19 36.16 4.58
CA LEU B 247 26.67 37.32 3.83
C LEU B 247 27.65 38.13 4.66
N GLU B 248 27.37 38.29 5.96
CA GLU B 248 28.30 38.99 6.84
C GLU B 248 29.62 38.23 6.97
N LYS B 249 29.54 36.90 7.03
CA LYS B 249 30.76 36.10 7.13
C LYS B 249 31.63 36.29 5.89
N LEU B 250 31.02 36.34 4.71
CA LEU B 250 31.81 36.52 3.49
C LEU B 250 32.61 37.81 3.54
N THR B 251 31.92 38.95 3.60
CA THR B 251 32.56 40.26 3.66
C THR B 251 32.47 40.77 5.10
N GLY B 252 33.63 40.92 5.73
CA GLY B 252 33.66 41.34 7.12
C GLY B 252 32.93 42.64 7.35
N GLU B 253 31.78 42.57 8.03
CA GLU B 253 30.98 43.73 8.37
C GLU B 253 30.11 43.38 9.57
N ASP B 254 29.43 44.38 10.09
CA ASP B 254 28.50 44.22 11.22
C ASP B 254 27.11 44.55 10.73
N LEU B 255 26.32 43.51 10.41
CA LEU B 255 24.94 43.66 9.99
C LEU B 255 23.98 43.11 11.03
N SER B 256 24.38 43.17 12.31
CA SER B 256 23.57 42.58 13.36
C SER B 256 22.22 43.28 13.48
N ASN B 257 22.20 44.60 13.36
CA ASN B 257 20.95 45.34 13.53
C ASN B 257 19.92 44.92 12.50
N LEU B 258 20.36 44.44 11.33
CA LEU B 258 19.45 44.08 10.24
C LEU B 258 18.99 42.63 10.36
N TYR B 259 18.48 42.26 11.54
CA TYR B 259 17.86 40.96 11.76
C TYR B 259 16.37 41.10 12.02
N ASP B 260 15.98 41.91 12.99
CA ASP B 260 14.57 42.20 13.28
C ASP B 260 14.11 43.46 12.58
N ALA B 261 14.35 43.55 11.26
CA ALA B 261 13.95 44.72 10.50
C ALA B 261 12.54 44.52 9.97
N PRO B 262 11.59 45.42 10.26
CA PRO B 262 10.22 45.22 9.76
C PRO B 262 10.17 45.22 8.25
N ILE B 263 9.82 44.08 7.68
CA ILE B 263 9.74 43.91 6.23
C ILE B 263 8.28 44.01 5.83
N ASP B 264 7.98 44.96 4.93
CA ASP B 264 6.61 45.08 4.43
C ASP B 264 6.27 43.96 3.45
N ASP B 265 7.21 43.63 2.56
CA ASP B 265 6.99 42.58 1.58
C ASP B 265 8.33 41.93 1.23
N TYR B 266 8.27 40.62 0.98
CA TYR B 266 9.45 39.87 0.51
C TYR B 266 9.46 39.81 -1.02
N ILE B 267 9.47 40.99 -1.62
CA ILE B 267 9.47 41.10 -3.07
C ILE B 267 10.91 41.09 -3.57
N GLU B 268 11.07 40.71 -4.84
CA GLU B 268 12.38 40.65 -5.49
C GLU B 268 12.48 41.75 -6.55
N LYS B 269 13.66 42.34 -6.67
CA LYS B 269 13.92 43.37 -7.66
C LYS B 269 15.30 43.15 -8.27
N PRO B 270 15.47 43.46 -9.56
CA PRO B 270 16.80 43.36 -10.15
C PRO B 270 17.78 44.35 -9.53
N LEU B 271 19.05 43.95 -9.48
CA LEU B 271 20.11 44.80 -8.95
C LEU B 271 20.69 45.67 -10.08
N ASP B 272 19.83 46.53 -10.62
CA ASP B 272 20.20 47.39 -11.74
C ASP B 272 20.63 48.76 -11.23
N GLY B 273 21.75 48.77 -10.51
CA GLY B 273 22.34 50.01 -10.03
C GLY B 273 22.06 50.29 -8.58
N LEU B 274 23.03 50.00 -7.71
CA LEU B 274 22.93 50.25 -6.29
C LEU B 274 24.25 49.82 -5.66
N GLN B 275 24.44 50.18 -4.40
CA GLN B 275 25.68 49.88 -3.70
C GLN B 275 25.45 49.96 -2.20
N GLY B 276 26.47 49.57 -1.44
CA GLY B 276 26.47 49.68 0.01
C GLY B 276 25.58 48.62 0.65
N ARG B 277 25.18 48.86 1.91
CA ARG B 277 24.40 47.87 2.65
C ARG B 277 23.09 47.53 1.96
N GLU B 278 22.52 48.48 1.21
CA GLU B 278 21.26 48.23 0.52
C GLU B 278 21.38 47.05 -0.44
N ARG B 279 22.50 46.98 -1.17
CA ARG B 279 22.73 45.85 -2.06
C ARG B 279 22.73 44.53 -1.30
N LEU B 280 23.40 44.50 -0.15
CA LEU B 280 23.43 43.27 0.64
C LEU B 280 22.04 42.88 1.09
N GLU B 281 21.23 43.84 1.55
CA GLU B 281 19.89 43.52 2.00
C GLU B 281 19.03 43.00 0.85
N GLN B 282 19.11 43.64 -0.31
CA GLN B 282 18.35 43.17 -1.46
C GLN B 282 18.76 41.76 -1.86
N HIS B 283 20.06 41.48 -1.85
CA HIS B 283 20.55 40.14 -2.17
C HIS B 283 20.01 39.11 -1.18
N ALA B 284 20.02 39.45 0.11
CA ALA B 284 19.49 38.52 1.11
C ALA B 284 18.01 38.25 0.88
N ILE B 285 17.23 39.29 0.56
CA ILE B 285 15.80 39.10 0.29
C ILE B 285 15.61 38.18 -0.90
N ASN B 286 16.35 38.41 -1.98
CA ASN B 286 16.20 37.59 -3.18
C ASN B 286 16.51 36.13 -2.89
N LYS B 287 17.62 35.88 -2.20
CA LYS B 287 18.03 34.50 -1.95
C LYS B 287 17.15 33.83 -0.89
N THR B 288 16.45 34.60 -0.07
CA THR B 288 15.47 34.00 0.83
C THR B 288 14.17 33.67 0.08
N VAL B 289 13.82 34.45 -0.93
CA VAL B 289 12.62 34.15 -1.71
C VAL B 289 12.84 32.90 -2.57
N ASN B 290 14.01 32.78 -3.17
CA ASN B 290 14.26 31.65 -4.07
C ASN B 290 14.15 30.32 -3.32
N ARG B 291 14.69 30.25 -2.11
CA ARG B 291 14.65 28.99 -1.35
C ARG B 291 13.23 28.60 -1.01
N VAL B 292 12.39 29.58 -0.65
CA VAL B 292 11.00 29.29 -0.35
C VAL B 292 10.29 28.76 -1.60
N HIS B 293 10.56 29.38 -2.75
CA HIS B 293 9.97 28.89 -3.99
C HIS B 293 10.36 27.43 -4.24
N GLN B 294 11.65 27.12 -4.07
CA GLN B 294 12.12 25.76 -4.30
C GLN B 294 11.46 24.78 -3.33
N ALA B 295 11.36 25.16 -2.05
CA ALA B 295 10.76 24.27 -1.07
C ALA B 295 9.30 23.99 -1.39
N MET B 296 8.55 25.02 -1.79
CA MET B 296 7.15 24.81 -2.12
C MET B 296 7.00 23.93 -3.36
N GLU B 297 7.85 24.14 -4.37
CA GLU B 297 7.79 23.29 -5.56
C GLU B 297 8.08 21.84 -5.20
N ALA B 298 9.09 21.61 -4.34
CA ALA B 298 9.40 20.25 -3.92
C ALA B 298 8.24 19.63 -3.16
N PHE B 299 7.61 20.40 -2.28
CA PHE B 299 6.45 19.88 -1.55
C PHE B 299 5.34 19.47 -2.51
N ILE B 300 5.06 20.31 -3.51
CA ILE B 300 4.01 19.97 -4.47
C ILE B 300 4.37 18.71 -5.23
N HIS B 301 5.62 18.60 -5.68
CA HIS B 301 6.04 17.43 -6.46
C HIS B 301 6.14 16.17 -5.61
N ASN B 302 6.16 16.31 -4.28
CA ASN B 302 6.34 15.14 -3.43
C ASN B 302 5.02 14.42 -3.15
N MET B 303 3.90 15.13 -3.16
CA MET B 303 2.60 14.57 -2.84
C MET B 303 1.80 14.19 -4.08
N ASN B 304 2.47 13.99 -5.21
CA ASN B 304 1.80 13.67 -6.47
C ASN B 304 2.40 12.47 -7.18
N THR B 305 3.55 11.96 -6.74
CA THR B 305 4.18 10.81 -7.38
C THR B 305 4.57 9.69 -6.42
N ILE B 306 4.74 9.97 -5.14
CA ILE B 306 5.12 8.94 -4.17
C ILE B 306 3.91 8.03 -3.98
N HIS B 307 3.85 6.93 -4.76
CA HIS B 307 2.69 5.99 -4.70
C HIS B 307 2.89 5.17 -3.45
N SER B 308 2.51 5.72 -2.30
CA SER B 308 2.78 5.03 -1.03
C SER B 308 1.63 5.17 -0.03
N ARG B 309 0.49 4.51 -0.28
CA ARG B 309 -0.69 4.74 0.60
C ARG B 309 -1.49 3.48 0.84
N GLY B 310 -1.12 2.36 0.22
CA GLY B 310 -1.94 1.17 0.30
C GLY B 310 -1.99 0.42 -1.01
N GLY B 311 -3.18 0.25 -1.57
CA GLY B 311 -3.33 -0.45 -2.83
C GLY B 311 -2.91 0.36 -4.03
N ASN B 312 -1.65 0.81 -4.04
CA ASN B 312 -1.10 1.59 -5.15
C ASN B 312 -1.90 2.88 -5.36
N GLN B 313 -1.85 3.74 -4.34
CA GLN B 313 -2.59 5.00 -4.35
C GLN B 313 -1.66 6.14 -3.98
N VAL B 314 -2.20 7.36 -4.08
CA VAL B 314 -1.55 8.58 -3.62
C VAL B 314 -2.34 9.11 -2.43
N VAL B 315 -1.62 9.57 -1.41
CA VAL B 315 -2.28 9.96 -0.16
C VAL B 315 -3.28 11.07 -0.45
N PHE B 316 -4.49 10.92 0.10
CA PHE B 316 -5.54 11.91 -0.04
C PHE B 316 -5.25 13.07 0.90
N SER B 317 -4.78 14.19 0.35
CA SER B 317 -4.34 15.33 1.16
C SER B 317 -5.01 16.61 0.68
N SER B 318 -5.35 17.46 1.64
CA SER B 318 -5.91 18.78 1.34
C SER B 318 -5.23 19.82 2.21
N ILE B 319 -5.18 21.06 1.73
CA ILE B 319 -4.52 22.16 2.42
C ILE B 319 -5.45 23.36 2.46
N ASN B 320 -5.34 24.12 3.55
CA ASN B 320 -6.14 25.33 3.75
C ASN B 320 -5.21 26.53 3.93
N TYR B 321 -5.63 27.68 3.41
CA TYR B 321 -4.89 28.92 3.58
C TYR B 321 -5.75 30.08 3.09
N GLY B 322 -5.30 31.29 3.40
CA GLY B 322 -5.93 32.49 2.87
C GLY B 322 -6.38 33.50 3.92
N THR B 323 -5.91 33.36 5.15
CA THR B 323 -6.35 34.22 6.25
C THR B 323 -5.16 34.67 7.09
N ASP B 324 -4.07 35.08 6.45
CA ASP B 324 -2.89 35.60 7.13
C ASP B 324 -2.51 36.95 6.54
N THR B 325 -1.91 37.79 7.37
CA THR B 325 -1.56 39.15 6.98
C THR B 325 -0.06 39.45 7.02
N SER B 326 0.70 38.75 7.87
CA SER B 326 2.13 39.02 7.96
C SER B 326 2.81 38.77 6.62
N ALA B 327 4.02 39.33 6.48
CA ALA B 327 4.73 39.23 5.21
C ALA B 327 5.06 37.79 4.87
N GLU B 328 5.44 36.99 5.88
CA GLU B 328 5.84 35.62 5.60
C GLU B 328 4.69 34.80 5.02
N GLY B 329 3.51 34.96 5.63
CA GLY B 329 2.32 34.26 5.18
C GLY B 329 2.03 34.67 3.77
N ARG B 330 2.03 35.96 3.52
CA ARG B 330 1.68 36.43 2.18
C ARG B 330 2.79 36.06 1.20
N CYS B 331 3.96 35.60 1.68
CA CYS B 331 5.12 35.20 0.85
C CYS B 331 4.98 33.75 0.44
N ILE B 332 4.49 32.95 1.37
CA ILE B 332 4.24 31.52 1.19
C ILE B 332 3.05 31.31 0.25
N MET B 333 1.96 32.07 0.46
CA MET B 333 0.79 31.93 -0.39
C MET B 333 1.14 32.26 -1.83
N ARG B 334 1.88 33.33 -2.05
CA ARG B 334 2.24 33.71 -3.41
C ARG B 334 3.09 32.64 -4.07
N GLU B 335 4.06 32.08 -3.34
CA GLU B 335 4.91 31.05 -3.92
C GLU B 335 4.11 29.80 -4.27
N ILE B 336 3.21 29.38 -3.38
CA ILE B 336 2.45 28.16 -3.67
C ILE B 336 1.51 28.38 -4.83
N LEU B 337 0.86 29.54 -4.91
CA LEU B 337 -0.02 29.82 -6.04
C LEU B 337 0.77 29.88 -7.34
N GLN B 338 1.95 30.51 -7.33
CA GLN B 338 2.76 30.55 -8.54
C GLN B 338 3.18 29.16 -8.96
N SER B 339 3.58 28.31 -8.01
CA SER B 339 3.95 26.94 -8.34
C SER B 339 2.78 26.18 -8.93
N THR B 340 1.59 26.33 -8.36
CA THR B 340 0.42 25.65 -8.89
C THR B 340 0.12 26.11 -10.31
N TYR B 341 0.18 27.42 -10.54
CA TYR B 341 -0.09 27.93 -11.89
C TYR B 341 0.94 27.40 -12.89
N GLN B 342 2.21 27.37 -12.49
CA GLN B 342 3.27 26.95 -13.41
C GLN B 342 3.05 25.51 -13.86
N GLY B 343 2.68 24.63 -12.94
CA GLY B 343 2.43 23.24 -13.24
C GLY B 343 3.62 22.35 -12.91
N VAL B 344 3.41 21.05 -13.11
CA VAL B 344 4.44 20.04 -12.90
C VAL B 344 4.63 19.28 -14.20
N GLY B 345 5.87 19.23 -14.68
CA GLY B 345 6.17 18.57 -15.93
C GLY B 345 6.20 19.54 -17.10
N ASN B 346 5.68 19.10 -18.25
CA ASN B 346 5.64 19.94 -19.45
C ASN B 346 4.29 20.68 -19.50
N GLY B 347 4.10 21.55 -18.52
CA GLY B 347 2.86 22.31 -18.43
C GLY B 347 1.64 21.46 -18.17
N GLU B 348 1.74 20.50 -17.26
CA GLU B 348 0.63 19.62 -16.93
C GLU B 348 -0.11 20.19 -15.71
N THR B 349 -1.06 19.41 -15.19
CA THR B 349 -1.84 19.81 -14.02
C THR B 349 -1.69 18.76 -12.94
N ALA B 350 -1.50 19.21 -11.69
CA ALA B 350 -1.29 18.31 -10.58
C ALA B 350 -2.63 17.81 -10.05
N ILE B 351 -2.73 16.50 -9.85
CA ILE B 351 -3.97 15.91 -9.35
C ILE B 351 -4.14 16.12 -7.85
N PHE B 352 -3.05 16.29 -7.12
CA PHE B 352 -3.08 16.52 -5.68
C PHE B 352 -2.03 17.55 -5.32
N PRO B 353 -2.16 18.20 -4.17
CA PRO B 353 -3.22 18.08 -3.15
C PRO B 353 -4.42 18.97 -3.45
N ILE B 354 -5.53 18.76 -2.75
CA ILE B 354 -6.70 19.62 -2.89
C ILE B 354 -6.44 20.93 -2.16
N GLN B 355 -6.64 22.04 -2.85
CA GLN B 355 -6.44 23.38 -2.30
C GLN B 355 -7.79 24.09 -2.23
N ILE B 356 -8.06 24.72 -1.09
CA ILE B 356 -9.29 25.46 -0.88
C ILE B 356 -8.97 26.82 -0.28
N TRP B 357 -9.56 27.86 -0.85
CA TRP B 357 -9.35 29.23 -0.41
C TRP B 357 -10.42 29.62 0.61
N LYS B 358 -10.02 30.41 1.60
CA LYS B 358 -10.92 30.84 2.67
C LYS B 358 -11.26 32.31 2.46
N LYS B 359 -12.55 32.62 2.52
CA LYS B 359 -13.08 33.95 2.24
C LYS B 359 -13.66 34.55 3.51
N LYS B 360 -13.38 35.83 3.74
CA LYS B 360 -13.91 36.53 4.90
C LYS B 360 -13.87 38.02 4.64
N ARG B 361 -15.04 38.67 4.70
CA ARG B 361 -15.11 40.10 4.46
C ARG B 361 -14.29 40.85 5.50
N GLY B 362 -13.56 41.86 5.05
CA GLY B 362 -12.66 42.60 5.90
C GLY B 362 -11.25 42.06 5.95
N VAL B 363 -11.00 40.89 5.36
CA VAL B 363 -9.67 40.32 5.27
C VAL B 363 -9.27 40.05 3.82
N ASN B 364 -10.17 39.48 3.02
CA ASN B 364 -9.86 39.05 1.67
C ASN B 364 -10.76 39.65 0.60
N TYR B 365 -12.06 39.81 0.87
CA TYR B 365 -13.01 40.05 -0.20
C TYR B 365 -12.99 41.51 -0.67
N LEU B 366 -13.22 42.45 0.24
CA LEU B 366 -13.39 43.84 -0.18
C LEU B 366 -12.09 44.38 -0.79
N PRO B 367 -12.19 45.30 -1.75
CA PRO B 367 -10.97 45.85 -2.35
C PRO B 367 -10.05 46.52 -1.34
N GLU B 368 -10.60 47.14 -0.31
CA GLU B 368 -9.78 47.78 0.72
C GLU B 368 -9.07 46.78 1.62
N ASP B 369 -9.37 45.49 1.57
CA ASP B 369 -8.79 44.58 2.61
C ASP B 369 -7.34 44.18 2.31
N ARG B 370 -6.59 43.74 3.33
CA ARG B 370 -5.14 43.47 3.15
C ARG B 370 -4.79 42.46 2.06
N ASN B 371 -5.49 41.33 1.87
CA ASN B 371 -5.09 40.25 0.94
C ASN B 371 -5.91 40.23 -0.33
N TYR B 372 -6.47 41.33 -0.78
CA TYR B 372 -7.37 41.27 -1.95
C TYR B 372 -6.57 41.09 -3.23
N ASP B 373 -5.26 41.14 -3.19
CA ASP B 373 -4.43 41.08 -4.42
C ASP B 373 -4.05 39.62 -4.63
N LEU B 374 -3.94 38.86 -3.54
CA LEU B 374 -3.69 37.41 -3.62
C LEU B 374 -5.01 36.76 -4.02
N TYR B 375 -6.17 37.18 -3.51
CA TYR B 375 -7.50 36.72 -3.98
C TYR B 375 -7.69 36.98 -5.46
N LYS B 376 -7.61 38.18 -5.95
CA LYS B 376 -7.81 38.31 -7.41
C LYS B 376 -6.88 37.39 -8.21
N LEU B 377 -6.00 36.63 -7.57
CA LEU B 377 -5.11 35.64 -8.24
C LEU B 377 -5.68 34.22 -8.08
N ALA B 378 -5.92 33.77 -6.86
CA ALA B 378 -6.56 32.45 -6.65
C ALA B 378 -7.56 32.33 -7.76
N CYS B 379 -8.18 33.42 -8.10
CA CYS B 379 -9.19 33.29 -9.14
C CYS B 379 -8.56 32.95 -10.48
N LYS B 380 -7.46 33.63 -10.81
CA LYS B 380 -6.78 33.36 -12.07
C LYS B 380 -6.30 31.92 -12.14
N VAL B 381 -5.74 31.42 -11.04
CA VAL B 381 -5.26 30.02 -11.03
C VAL B 381 -6.44 29.06 -11.18
N THR B 382 -7.51 29.28 -10.41
CA THR B 382 -8.66 28.39 -10.48
C THR B 382 -9.35 28.40 -11.83
N ALA B 383 -9.15 29.45 -12.62
CA ALA B 383 -9.67 29.46 -13.98
C ALA B 383 -8.85 28.60 -14.94
N ARG B 384 -7.77 27.99 -14.46
CA ARG B 384 -6.86 27.21 -15.30
C ARG B 384 -6.59 25.80 -14.79
N ARG B 385 -6.50 25.60 -13.47
CA ARG B 385 -6.03 24.33 -12.92
C ARG B 385 -7.06 23.67 -11.99
N PHE B 386 -8.32 24.09 -12.05
CA PHE B 386 -9.40 23.46 -11.29
C PHE B 386 -9.30 23.74 -9.80
N PHE B 387 -8.25 24.45 -9.37
CA PHE B 387 -8.05 24.72 -7.95
C PHE B 387 -7.56 26.15 -7.75
N PRO B 388 -7.73 26.74 -6.56
CA PRO B 388 -8.40 26.19 -5.37
C PRO B 388 -9.92 26.37 -5.39
N ASN B 389 -10.62 25.68 -4.49
CA ASN B 389 -12.05 25.90 -4.30
C ASN B 389 -12.23 27.09 -3.37
N PHE B 390 -13.47 27.38 -2.98
CA PHE B 390 -13.79 28.53 -2.14
C PHE B 390 -14.68 28.10 -0.99
N LEU B 391 -14.31 28.51 0.23
CA LEU B 391 -15.09 28.26 1.42
C LEU B 391 -15.53 29.59 2.00
N ASN B 392 -16.83 29.75 2.19
CA ASN B 392 -17.41 31.01 2.66
C ASN B 392 -17.53 30.97 4.18
N LEU B 393 -16.61 31.63 4.86
CA LEU B 393 -16.69 31.72 6.31
C LEU B 393 -17.82 32.66 6.72
N ASP B 394 -18.16 32.63 8.00
CA ASP B 394 -19.20 33.47 8.60
C ASP B 394 -20.47 33.45 7.75
N ALA B 395 -20.84 32.27 7.26
CA ALA B 395 -22.09 32.13 6.50
C ALA B 395 -23.25 31.76 7.41
N THR B 396 -23.41 32.51 8.49
CA THR B 396 -24.56 32.40 9.39
C THR B 396 -24.55 31.10 10.20
N PHE B 397 -23.62 30.19 9.91
CA PHE B 397 -23.39 29.04 10.76
C PHE B 397 -21.93 28.71 10.97
N ASN B 398 -21.01 29.29 10.18
CA ASN B 398 -19.59 29.08 10.36
C ASN B 398 -18.96 30.12 11.29
N GLN B 399 -19.75 31.03 11.85
CA GLN B 399 -19.21 32.07 12.70
C GLN B 399 -18.80 31.49 14.05
N ASN B 400 -18.05 32.30 14.81
CA ASN B 400 -17.62 31.93 16.14
C ASN B 400 -17.51 33.19 16.99
N GLU B 401 -17.55 33.00 18.31
CA GLU B 401 -17.60 34.12 19.24
C GLU B 401 -16.24 34.47 19.84
N LYS B 402 -15.28 33.54 19.82
CA LYS B 402 -13.96 33.78 20.39
C LYS B 402 -12.94 34.13 19.33
N TRP B 403 -13.34 34.84 18.29
CA TRP B 403 -12.48 35.20 17.17
C TRP B 403 -12.14 36.68 17.27
N ARG B 404 -10.89 36.99 17.62
CA ARG B 404 -10.39 38.35 17.69
C ARG B 404 -9.46 38.60 16.52
N ALA B 405 -9.70 39.70 15.78
CA ALA B 405 -8.88 40.02 14.63
C ALA B 405 -7.50 40.52 14.99
N ASP B 406 -7.27 40.87 16.25
CA ASP B 406 -5.98 41.39 16.70
C ASP B 406 -5.21 40.39 17.57
N ASP B 407 -5.73 39.18 17.76
CA ASP B 407 -5.03 38.15 18.52
C ASP B 407 -4.45 37.15 17.53
N PRO B 408 -3.11 37.07 17.38
CA PRO B 408 -2.50 36.38 16.23
C PRO B 408 -3.42 35.80 15.17
N GLU B 409 -4.50 36.49 14.83
CA GLU B 409 -5.46 36.03 13.83
C GLU B 409 -5.79 34.55 14.06
N ARG B 410 -6.38 34.28 15.23
CA ARG B 410 -6.53 32.92 15.72
C ARG B 410 -7.06 31.99 14.62
N TYR B 411 -6.27 30.98 14.31
CA TYR B 411 -6.66 29.95 13.35
C TYR B 411 -7.44 28.81 13.98
N LYS B 412 -7.39 28.68 15.31
CA LYS B 412 -8.12 27.61 15.98
C LYS B 412 -9.63 27.80 15.81
N TRP B 413 -10.11 29.02 15.92
CA TRP B 413 -11.53 29.32 15.84
C TRP B 413 -11.96 29.61 14.40
N GLU B 414 -11.66 28.68 13.50
CA GLU B 414 -12.02 28.81 12.09
C GLU B 414 -12.39 27.43 11.55
N ILE B 415 -13.06 27.44 10.41
CA ILE B 415 -13.58 26.22 9.80
C ILE B 415 -12.60 25.72 8.75
N ALA B 416 -12.29 24.43 8.81
CA ALA B 416 -11.47 23.76 7.80
C ALA B 416 -12.24 22.58 7.23
N THR B 417 -12.01 22.31 5.95
CA THR B 417 -12.73 21.27 5.23
C THR B 417 -11.77 20.18 4.77
N MET B 418 -12.13 18.94 5.04
CA MET B 418 -11.32 17.79 4.63
C MET B 418 -11.70 17.42 3.20
N GLY B 419 -11.20 16.26 2.74
CA GLY B 419 -11.47 15.85 1.39
C GLY B 419 -12.89 15.32 1.21
N CYS B 420 -13.42 15.53 0.00
CA CYS B 420 -14.72 15.01 -0.39
C CYS B 420 -15.83 15.52 0.54
N ARG B 421 -16.00 16.84 0.54
CA ARG B 421 -17.14 17.52 1.16
C ARG B 421 -17.45 16.96 2.55
N THR B 422 -16.48 17.10 3.45
CA THR B 422 -16.63 16.70 4.84
C THR B 422 -16.45 17.93 5.73
N ARG B 423 -17.33 18.08 6.71
CA ARG B 423 -17.35 19.25 7.58
C ARG B 423 -17.53 18.78 9.02
N VAL B 424 -16.63 19.22 9.90
CA VAL B 424 -16.71 18.90 11.31
C VAL B 424 -16.37 20.15 12.12
N PHE B 425 -17.40 20.81 12.64
CA PHE B 425 -17.22 22.09 13.34
C PHE B 425 -17.93 22.19 14.67
N GLU B 426 -18.97 21.39 14.92
CA GLU B 426 -19.81 21.56 16.09
C GLU B 426 -19.51 20.51 17.15
N ASP B 427 -19.70 20.89 18.40
CA ASP B 427 -19.49 20.00 19.53
C ASP B 427 -20.50 20.33 20.61
N ARG B 428 -20.73 19.36 21.49
CA ARG B 428 -21.75 19.49 22.53
C ARG B 428 -21.22 19.30 23.94
N TRP B 429 -19.99 18.80 24.11
CA TRP B 429 -19.41 18.58 25.43
C TRP B 429 -17.98 19.11 25.49
N GLY B 430 -17.65 20.08 24.65
CA GLY B 430 -16.30 20.65 24.62
C GLY B 430 -16.33 22.06 24.12
N GLU B 431 -15.37 22.42 23.28
CA GLU B 431 -15.25 23.75 22.71
C GLU B 431 -15.31 23.67 21.20
N LYS B 432 -15.91 24.69 20.60
CA LYS B 432 -16.17 24.70 19.16
C LYS B 432 -14.88 24.99 18.40
N THR B 433 -14.36 23.98 17.72
CA THR B 433 -13.15 24.12 16.92
C THR B 433 -13.21 23.11 15.77
N SER B 434 -12.13 23.03 15.01
CA SER B 434 -12.04 22.07 13.92
C SER B 434 -10.68 21.39 13.81
N ILE B 435 -9.76 21.63 14.74
CA ILE B 435 -8.42 21.07 14.70
C ILE B 435 -8.33 19.92 15.69
N ALA B 436 -7.70 18.82 15.26
CA ALA B 436 -7.47 17.64 16.10
C ALA B 436 -8.74 16.82 16.31
N ARG B 437 -9.69 16.91 15.38
CA ARG B 437 -10.92 16.14 15.45
C ARG B 437 -11.30 15.69 14.04
N GLY B 438 -12.10 14.64 13.97
CA GLY B 438 -12.48 14.09 12.69
C GLY B 438 -13.73 13.24 12.77
N ASN B 439 -13.91 12.40 11.75
CA ASN B 439 -15.09 11.57 11.59
C ASN B 439 -14.76 10.12 11.85
N LEU B 440 -15.74 9.37 12.34
CA LEU B 440 -15.57 7.98 12.71
C LEU B 440 -16.20 7.00 11.72
N SER B 441 -17.37 7.31 11.17
CA SER B 441 -18.03 6.44 10.21
C SER B 441 -19.29 7.14 9.72
N PHE B 442 -19.84 6.63 8.63
CA PHE B 442 -21.10 7.16 8.11
C PHE B 442 -21.71 6.14 7.16
N SER B 443 -23.04 6.05 7.19
CA SER B 443 -23.79 5.10 6.39
C SER B 443 -24.89 5.83 5.63
N THR B 444 -25.36 5.22 4.55
CA THR B 444 -26.29 5.85 3.62
C THR B 444 -27.61 5.10 3.59
N ILE B 445 -28.68 5.87 3.39
CA ILE B 445 -30.05 5.35 3.34
C ILE B 445 -30.61 5.57 1.95
N ASN B 446 -31.26 4.55 1.41
CA ASN B 446 -31.87 4.62 0.09
C ASN B 446 -33.33 5.05 0.24
N ILE B 447 -33.71 6.13 -0.44
CA ILE B 447 -35.07 6.64 -0.37
C ILE B 447 -35.87 6.35 -1.62
N VAL B 448 -35.23 6.07 -2.75
CA VAL B 448 -35.97 5.80 -3.98
C VAL B 448 -36.82 4.54 -3.82
N LYS B 449 -36.27 3.50 -3.20
CA LYS B 449 -37.01 2.26 -3.04
C LYS B 449 -38.21 2.45 -2.11
N LEU B 450 -38.05 3.22 -1.04
CA LEU B 450 -39.18 3.47 -0.15
C LEU B 450 -40.30 4.18 -0.90
N ALA B 451 -39.95 5.14 -1.76
CA ALA B 451 -40.98 5.84 -2.54
C ALA B 451 -41.64 4.90 -3.54
N ILE B 452 -40.84 4.14 -4.29
CA ILE B 452 -41.40 3.28 -5.33
C ILE B 452 -42.22 2.16 -4.73
N GLU B 453 -41.99 1.80 -3.47
CA GLU B 453 -42.80 0.79 -2.81
C GLU B 453 -44.22 1.24 -2.55
N CYS B 454 -44.51 2.53 -2.71
CA CYS B 454 -45.83 3.11 -2.42
C CYS B 454 -46.34 3.90 -3.61
N MET B 455 -46.24 3.32 -4.80
CA MET B 455 -46.66 3.97 -6.04
C MET B 455 -47.95 3.37 -6.59
N GLY B 456 -48.77 2.76 -5.73
CA GLY B 456 -50.03 2.18 -6.16
C GLY B 456 -51.22 2.73 -5.41
N ILE B 457 -51.18 4.01 -5.06
CA ILE B 457 -52.23 4.64 -4.28
C ILE B 457 -52.58 5.97 -4.93
N GLU B 458 -53.81 6.42 -4.69
CA GLU B 458 -54.32 7.66 -5.27
C GLU B 458 -54.51 8.78 -4.25
N ASN B 459 -54.60 8.46 -2.96
CA ASN B 459 -54.72 9.47 -1.92
C ASN B 459 -53.32 9.96 -1.54
N GLU B 460 -53.04 11.23 -1.84
CA GLU B 460 -51.69 11.75 -1.61
C GLU B 460 -51.35 11.77 -0.13
N LYS B 461 -52.31 12.13 0.72
CA LYS B 461 -52.03 12.24 2.15
C LYS B 461 -51.58 10.90 2.72
N GLN B 462 -52.28 9.82 2.35
CA GLN B 462 -51.90 8.50 2.82
C GLN B 462 -50.54 8.09 2.27
N ARG B 463 -50.27 8.43 1.01
CA ARG B 463 -48.97 8.12 0.42
C ARG B 463 -47.85 8.76 1.21
N ILE B 464 -47.99 10.06 1.51
CA ILE B 464 -46.95 10.76 2.23
C ILE B 464 -46.82 10.22 3.66
N ASP B 465 -47.95 9.90 4.30
CA ASP B 465 -47.89 9.37 5.65
C ASP B 465 -47.15 8.04 5.69
N MET B 466 -47.42 7.16 4.72
CA MET B 466 -46.72 5.89 4.68
C MET B 466 -45.23 6.09 4.40
N PHE B 467 -44.91 7.02 3.50
CA PHE B 467 -43.51 7.34 3.24
C PHE B 467 -42.80 7.74 4.54
N PHE B 468 -43.42 8.66 5.29
CA PHE B 468 -42.81 9.13 6.52
C PHE B 468 -42.66 8.00 7.54
N ALA B 469 -43.67 7.14 7.65
CA ALA B 469 -43.59 6.03 8.59
C ALA B 469 -42.42 5.10 8.24
N LYS B 470 -42.28 4.77 6.96
CA LYS B 470 -41.18 3.90 6.55
C LYS B 470 -39.83 4.55 6.81
N LEU B 471 -39.71 5.85 6.52
CA LEU B 471 -38.45 6.54 6.77
C LEU B 471 -38.10 6.54 8.25
N ASP B 472 -39.10 6.78 9.10
CA ASP B 472 -38.88 6.70 10.54
C ASP B 472 -38.40 5.31 10.94
N ASN B 473 -39.00 4.28 10.36
CA ASN B 473 -38.57 2.92 10.69
C ASN B 473 -37.11 2.68 10.32
N ILE B 474 -36.69 3.16 9.14
CA ILE B 474 -35.33 2.92 8.68
C ILE B 474 -34.32 3.69 9.53
N LEU B 475 -34.68 4.90 9.95
CA LEU B 475 -33.71 5.75 10.65
C LEU B 475 -33.21 5.10 11.94
N ASP B 476 -34.12 4.47 12.70
CA ASP B 476 -33.71 3.87 13.97
C ASP B 476 -32.72 2.74 13.75
N ILE B 477 -32.95 1.92 12.73
CA ILE B 477 -32.02 0.85 12.40
C ILE B 477 -30.65 1.43 12.04
N THR B 478 -30.64 2.51 11.25
CA THR B 478 -29.36 3.13 10.91
C THR B 478 -28.63 3.61 12.16
N ALA B 479 -29.36 4.26 13.08
CA ALA B 479 -28.74 4.75 14.30
C ALA B 479 -28.17 3.59 15.12
N LYS B 480 -28.92 2.49 15.23
CA LYS B 480 -28.41 1.34 15.95
C LYS B 480 -27.13 0.79 15.32
N GLN B 481 -27.09 0.75 13.99
CA GLN B 481 -25.89 0.26 13.31
C GLN B 481 -24.69 1.14 13.64
N LEU B 482 -24.88 2.46 13.59
CA LEU B 482 -23.77 3.35 13.90
C LEU B 482 -23.31 3.18 15.35
N ASP B 483 -24.25 3.04 16.28
CA ASP B 483 -23.88 2.83 17.68
C ASP B 483 -23.11 1.53 17.85
N GLU B 484 -23.52 0.47 17.15
CA GLU B 484 -22.82 -0.80 17.25
C GLU B 484 -21.39 -0.68 16.74
N ARG B 485 -21.20 0.01 15.61
CA ARG B 485 -19.85 0.19 15.10
C ARG B 485 -19.00 1.02 16.07
N PHE B 486 -19.59 2.04 16.67
CA PHE B 486 -18.87 2.81 17.67
C PHE B 486 -18.45 1.94 18.85
N GLN B 487 -19.35 1.07 19.31
CA GLN B 487 -19.03 0.18 20.42
C GLN B 487 -17.88 -0.75 20.04
N PHE B 488 -17.89 -1.27 18.82
CA PHE B 488 -16.79 -2.13 18.38
C PHE B 488 -15.47 -1.37 18.32
N GLN B 489 -15.51 -0.12 17.86
CA GLN B 489 -14.27 0.65 17.73
C GLN B 489 -13.73 1.10 19.09
N LYS B 490 -14.60 1.26 20.08
CA LYS B 490 -14.16 1.78 21.37
C LYS B 490 -13.08 0.92 22.02
N THR B 491 -13.00 -0.36 21.68
CA THR B 491 -12.11 -1.29 22.38
C THR B 491 -10.72 -1.37 21.78
N ALA B 492 -10.43 -0.58 20.75
CA ALA B 492 -9.11 -0.61 20.14
C ALA B 492 -8.04 -0.13 21.12
N MET B 493 -6.85 -0.72 21.03
CA MET B 493 -5.75 -0.37 21.91
C MET B 493 -5.08 0.91 21.44
N ALA B 494 -4.27 1.48 22.34
CA ALA B 494 -3.58 2.73 22.03
C ALA B 494 -2.42 2.51 21.07
N LYS B 495 -1.67 1.41 21.25
CA LYS B 495 -0.47 1.19 20.46
C LYS B 495 -0.76 0.83 19.01
N GLN B 496 -2.00 0.52 18.66
CA GLN B 496 -2.33 0.27 17.26
C GLN B 496 -2.29 1.55 16.43
N PHE B 497 -2.33 2.72 17.08
CA PHE B 497 -2.26 4.01 16.40
C PHE B 497 -1.17 4.84 17.09
N PRO B 498 0.10 4.55 16.81
CA PRO B 498 1.17 5.28 17.52
C PRO B 498 1.16 6.78 17.27
N LEU B 499 1.19 7.20 16.00
CA LEU B 499 1.28 8.63 15.70
C LEU B 499 -0.05 9.35 15.90
N LEU B 500 -1.17 8.69 15.62
CA LEU B 500 -2.47 9.32 15.68
C LEU B 500 -3.07 9.32 17.08
N MET B 501 -2.36 8.75 18.07
CA MET B 501 -2.88 8.68 19.42
C MET B 501 -1.87 9.19 20.44
N LYS B 502 -0.75 9.74 20.01
CA LYS B 502 0.24 10.36 20.89
C LYS B 502 0.38 11.85 20.66
N TYR B 503 0.32 12.31 19.42
CA TYR B 503 0.44 13.72 19.08
C TYR B 503 -0.81 14.28 18.42
N LEU B 504 -1.31 13.62 17.38
CA LEU B 504 -2.35 14.19 16.52
C LEU B 504 -3.74 13.74 16.97
N TRP B 505 -4.18 14.27 18.10
CA TRP B 505 -5.55 14.09 18.54
C TRP B 505 -5.83 15.04 19.69
N VAL B 506 -7.11 15.36 19.89
CA VAL B 506 -7.51 16.43 20.80
C VAL B 506 -7.31 16.08 22.27
N GLY B 507 -7.00 14.84 22.60
CA GLY B 507 -6.91 14.45 24.00
C GLY B 507 -5.78 13.50 24.32
N ALA B 508 -4.78 13.42 23.46
CA ALA B 508 -3.68 12.48 23.63
C ALA B 508 -2.69 13.05 24.65
N GLU B 509 -1.53 12.40 24.77
CA GLU B 509 -0.42 12.76 25.65
C GLU B 509 -0.66 12.32 27.08
N ASN B 510 -1.76 11.62 27.39
CA ASN B 510 -2.01 11.17 28.75
C ASN B 510 -2.51 9.73 28.79
N LEU B 511 -2.09 8.90 27.83
CA LEU B 511 -2.51 7.51 27.79
C LEU B 511 -1.34 6.64 27.33
N LYS B 512 -1.12 5.54 28.05
CA LYS B 512 -0.02 4.64 27.74
C LYS B 512 -0.35 3.81 26.51
N PRO B 513 0.65 3.19 25.89
CA PRO B 513 0.41 2.34 24.71
C PRO B 513 -0.17 0.97 25.03
N GLU B 514 -0.63 0.73 26.26
CA GLU B 514 -1.31 -0.50 26.62
C GLU B 514 -2.65 -0.20 27.26
N GLU B 515 -3.36 0.80 26.72
CA GLU B 515 -4.64 1.22 27.26
C GLU B 515 -5.58 1.54 26.11
N THR B 516 -6.87 1.48 26.38
CA THR B 516 -7.90 1.73 25.38
C THR B 516 -8.09 3.25 25.21
N ILE B 517 -8.87 3.60 24.18
CA ILE B 517 -9.10 5.00 23.83
C ILE B 517 -10.55 5.36 24.13
N GLU B 518 -11.15 4.69 25.12
CA GLU B 518 -12.58 4.87 25.38
C GLU B 518 -12.90 6.29 25.78
N SER B 519 -12.03 6.94 26.54
CA SER B 519 -12.31 8.25 27.12
C SER B 519 -11.77 9.40 26.28
N VAL B 520 -11.27 9.12 25.08
CA VAL B 520 -10.75 10.17 24.20
C VAL B 520 -11.33 10.01 22.80
N ILE B 521 -12.39 9.21 22.67
CA ILE B 521 -12.98 8.93 21.37
C ILE B 521 -14.33 9.60 21.17
N ASN B 522 -15.01 10.00 22.24
CA ASN B 522 -16.33 10.60 22.11
C ASN B 522 -16.28 11.93 21.35
N HIS B 523 -15.11 12.56 21.23
CA HIS B 523 -14.97 13.82 20.51
C HIS B 523 -14.85 13.52 19.01
N GLY B 524 -15.97 13.08 18.44
CA GLY B 524 -16.02 12.70 17.05
C GLY B 524 -17.42 12.87 16.52
N THR B 525 -17.59 12.56 15.22
CA THR B 525 -18.85 12.76 14.54
C THR B 525 -19.29 11.48 13.85
N LEU B 526 -20.60 11.29 13.77
CA LEU B 526 -21.23 10.20 13.03
C LEU B 526 -22.17 10.82 11.99
N GLY B 527 -22.20 10.22 10.81
CA GLY B 527 -22.91 10.79 9.68
C GLY B 527 -24.02 9.88 9.18
N ILE B 528 -25.14 10.49 8.82
CA ILE B 528 -26.25 9.81 8.16
C ILE B 528 -26.50 10.52 6.85
N GLY B 529 -26.51 9.78 5.75
CA GLY B 529 -26.63 10.39 4.44
C GLY B 529 -27.83 9.92 3.65
N PHE B 530 -27.92 10.37 2.39
CA PHE B 530 -29.02 9.98 1.52
C PHE B 530 -28.59 10.18 0.09
N ILE B 531 -29.31 9.52 -0.82
CA ILE B 531 -28.99 9.55 -2.24
C ILE B 531 -30.29 9.63 -3.04
N GLY B 532 -30.29 10.45 -4.07
CA GLY B 532 -31.41 10.52 -4.99
C GLY B 532 -32.66 11.17 -4.42
N LEU B 533 -32.54 12.42 -4.00
CA LEU B 533 -33.71 13.20 -3.60
C LEU B 533 -34.37 13.90 -4.79
N ALA B 534 -33.69 13.95 -5.92
CA ALA B 534 -34.25 14.50 -7.15
C ALA B 534 -35.08 13.47 -7.91
N GLU B 535 -35.18 12.25 -7.42
CA GLU B 535 -36.02 11.22 -8.01
C GLU B 535 -36.97 10.58 -7.01
N CYS B 536 -36.54 10.39 -5.77
CA CYS B 536 -37.35 9.63 -4.81
C CYS B 536 -38.68 10.32 -4.56
N LEU B 537 -38.64 11.51 -3.97
CA LEU B 537 -39.87 12.22 -3.62
C LEU B 537 -40.58 12.77 -4.85
N VAL B 538 -39.95 12.75 -6.02
CA VAL B 538 -40.53 13.31 -7.23
C VAL B 538 -40.76 12.26 -8.31
N ALA B 539 -40.38 11.01 -8.08
CA ALA B 539 -40.87 9.93 -8.92
C ALA B 539 -42.31 9.58 -8.60
N LEU B 540 -42.81 10.00 -7.44
CA LEU B 540 -44.21 9.82 -7.08
C LEU B 540 -45.09 10.99 -7.51
N ILE B 541 -44.49 12.13 -7.83
CA ILE B 541 -45.22 13.31 -8.26
C ILE B 541 -44.88 13.58 -9.72
N GLY B 542 -45.60 14.53 -10.31
CA GLY B 542 -45.43 14.79 -11.74
C GLY B 542 -44.02 15.22 -12.12
N LYS B 543 -43.42 16.11 -11.32
CA LYS B 543 -42.17 16.74 -11.69
C LYS B 543 -41.25 16.83 -10.49
N HIS B 544 -40.00 17.22 -10.76
CA HIS B 544 -38.95 17.31 -9.75
C HIS B 544 -38.80 18.76 -9.26
N HIS B 545 -37.87 18.96 -8.33
CA HIS B 545 -37.70 20.23 -7.66
C HIS B 545 -36.98 21.27 -8.51
N GLY B 546 -36.68 20.97 -9.77
CA GLY B 546 -36.03 21.93 -10.64
C GLY B 546 -36.98 22.62 -11.58
N GLU B 547 -38.23 22.14 -11.63
CA GLU B 547 -39.24 22.73 -12.50
C GLU B 547 -40.59 22.92 -11.84
N SER B 548 -40.81 22.43 -10.62
CA SER B 548 -42.07 22.57 -9.91
C SER B 548 -41.83 23.28 -8.59
N GLU B 549 -42.64 24.31 -8.31
CA GLU B 549 -42.45 25.09 -7.10
C GLU B 549 -42.92 24.34 -5.86
N LYS B 550 -43.89 23.44 -6.02
CA LYS B 550 -44.45 22.75 -4.86
C LYS B 550 -43.59 21.58 -4.39
N ALA B 551 -42.70 21.08 -5.24
CA ALA B 551 -41.83 19.98 -4.83
C ALA B 551 -40.78 20.44 -3.82
N GLN B 552 -40.39 21.71 -3.88
CA GLN B 552 -39.41 22.23 -2.94
C GLN B 552 -39.90 22.15 -1.50
N GLU B 553 -41.19 22.45 -1.29
CA GLU B 553 -41.74 22.40 0.06
C GLU B 553 -41.66 20.98 0.62
N LEU B 554 -42.03 19.99 -0.19
CA LEU B 554 -41.97 18.61 0.27
C LEU B 554 -40.53 18.17 0.53
N GLY B 555 -39.61 18.57 -0.35
CA GLY B 555 -38.21 18.22 -0.12
C GLY B 555 -37.68 18.79 1.18
N LEU B 556 -37.96 20.08 1.42
CA LEU B 556 -37.51 20.70 2.66
C LEU B 556 -38.17 20.06 3.87
N LYS B 557 -39.44 19.66 3.75
CA LYS B 557 -40.10 18.97 4.85
C LYS B 557 -39.38 17.66 5.17
N ILE B 558 -39.02 16.89 4.13
CA ILE B 558 -38.32 15.63 4.35
C ILE B 558 -36.99 15.87 5.04
N ILE B 559 -36.22 16.86 4.55
CA ILE B 559 -34.90 17.10 5.12
C ILE B 559 -35.02 17.57 6.57
N THR B 560 -36.01 18.42 6.86
CA THR B 560 -36.19 18.87 8.23
C THR B 560 -36.59 17.73 9.15
N TYR B 561 -37.42 16.82 8.66
CA TYR B 561 -37.77 15.64 9.45
C TYR B 561 -36.52 14.81 9.76
N MET B 562 -35.67 14.60 8.76
CA MET B 562 -34.45 13.84 8.99
C MET B 562 -33.56 14.54 10.01
N ARG B 563 -33.42 15.86 9.91
CA ARG B 563 -32.58 16.60 10.85
C ARG B 563 -33.13 16.50 12.27
N ASP B 564 -34.45 16.61 12.43
CA ASP B 564 -35.03 16.50 13.75
C ASP B 564 -34.79 15.12 14.35
N ARG B 565 -34.96 14.07 13.54
CA ARG B 565 -34.70 12.72 14.04
C ARG B 565 -33.23 12.55 14.41
N ALA B 566 -32.33 13.15 13.62
CA ALA B 566 -30.92 13.07 13.95
C ALA B 566 -30.63 13.73 15.29
N ASN B 567 -31.24 14.89 15.54
CA ASN B 567 -31.05 15.56 16.82
C ASN B 567 -31.59 14.70 17.96
N GLU B 568 -32.74 14.07 17.76
CA GLU B 568 -33.29 13.20 18.79
C GLU B 568 -32.35 12.04 19.08
N PHE B 569 -31.79 11.43 18.04
CA PHE B 569 -30.83 10.34 18.25
C PHE B 569 -29.61 10.84 19.00
N SER B 570 -29.11 12.02 18.66
CA SER B 570 -27.97 12.57 19.38
C SER B 570 -28.29 12.73 20.86
N GLU B 571 -29.48 13.26 21.17
CA GLU B 571 -29.86 13.42 22.56
C GLU B 571 -30.02 12.07 23.26
N GLN B 572 -30.38 11.03 22.51
CA GLN B 572 -30.64 9.72 23.12
C GLN B 572 -29.37 8.94 23.39
N TYR B 573 -28.56 8.71 22.36
CA TYR B 573 -27.40 7.82 22.45
C TYR B 573 -26.16 8.50 23.00
N HIS B 574 -26.18 9.81 23.25
CA HIS B 574 -25.07 10.51 23.85
C HIS B 574 -23.89 10.64 22.88
N HIS B 575 -24.20 10.83 21.59
CA HIS B 575 -23.17 11.00 20.57
C HIS B 575 -23.43 12.26 19.76
N ASN B 576 -22.67 12.44 18.67
CA ASN B 576 -22.83 13.59 17.76
C ASN B 576 -23.23 13.05 16.39
N TYR B 577 -24.51 13.19 16.05
CA TYR B 577 -25.02 12.78 14.75
C TYR B 577 -25.19 14.01 13.86
N SER B 578 -24.90 13.84 12.57
CA SER B 578 -25.09 14.92 11.61
C SER B 578 -25.52 14.31 10.29
N ILE B 579 -26.21 15.11 9.49
CA ILE B 579 -26.64 14.71 8.15
C ILE B 579 -25.55 15.11 7.17
N LEU B 580 -25.47 14.38 6.06
CA LEU B 580 -24.40 14.57 5.09
C LEU B 580 -24.89 14.21 3.71
N ALA B 581 -24.35 14.89 2.71
CA ALA B 581 -24.63 14.59 1.31
C ALA B 581 -23.55 13.63 0.82
N THR B 582 -23.90 12.36 0.69
CA THR B 582 -22.92 11.34 0.39
C THR B 582 -22.36 11.53 -1.02
N PRO B 583 -21.03 11.64 -1.18
CA PRO B 583 -20.44 11.65 -2.53
C PRO B 583 -20.37 10.23 -3.08
N ALA B 584 -21.25 9.94 -4.04
CA ALA B 584 -21.38 8.59 -4.58
C ALA B 584 -20.36 8.39 -5.69
N GLU B 585 -19.46 7.42 -5.49
CA GLU B 585 -18.47 7.05 -6.50
C GLU B 585 -18.75 5.66 -7.06
N GLY B 586 -18.82 4.65 -6.19
CA GLY B 586 -19.18 3.31 -6.62
C GLY B 586 -20.65 3.02 -6.37
N LEU B 587 -21.30 3.89 -5.62
CA LEU B 587 -22.71 3.72 -5.28
C LEU B 587 -23.63 4.40 -6.30
N SER B 588 -23.08 5.07 -7.31
CA SER B 588 -23.89 5.76 -8.30
C SER B 588 -24.61 4.80 -9.23
N GLY B 589 -24.23 3.53 -9.27
CA GLY B 589 -24.88 2.57 -10.14
C GLY B 589 -25.07 1.21 -9.51
N LYS B 590 -25.14 1.17 -8.18
CA LYS B 590 -25.29 -0.08 -7.46
C LYS B 590 -26.76 -0.38 -7.14
N PHE B 591 -27.48 0.60 -6.61
CA PHE B 591 -28.91 0.41 -6.34
C PHE B 591 -29.73 0.34 -7.63
N THR B 592 -29.32 1.10 -8.65
CA THR B 592 -30.16 1.22 -9.84
C THR B 592 -30.33 -0.12 -10.54
N LYS B 593 -29.26 -0.92 -10.65
CA LYS B 593 -29.36 -2.18 -11.36
C LYS B 593 -30.33 -3.14 -10.67
N LYS B 594 -30.20 -3.27 -9.34
CA LYS B 594 -31.11 -4.16 -8.61
C LYS B 594 -32.54 -3.66 -8.66
N ASP B 595 -32.74 -2.35 -8.54
CA ASP B 595 -34.09 -1.80 -8.61
C ASP B 595 -34.71 -2.06 -9.98
N ARG B 596 -33.93 -1.88 -11.05
CA ARG B 596 -34.45 -2.12 -12.38
C ARG B 596 -34.77 -3.59 -12.59
N LYS B 597 -33.93 -4.48 -12.07
CA LYS B 597 -34.20 -5.91 -12.17
C LYS B 597 -35.49 -6.27 -11.45
N GLN B 598 -35.69 -5.72 -10.26
CA GLN B 598 -36.85 -6.11 -9.45
C GLN B 598 -38.14 -5.47 -9.96
N PHE B 599 -38.21 -4.14 -9.98
CA PHE B 599 -39.43 -3.44 -10.35
C PHE B 599 -39.54 -3.16 -11.84
N GLY B 600 -38.46 -3.30 -12.59
CA GLY B 600 -38.52 -3.10 -14.03
C GLY B 600 -38.04 -1.72 -14.46
N VAL B 601 -38.68 -1.16 -15.49
CA VAL B 601 -38.32 0.13 -16.05
C VAL B 601 -39.49 1.09 -15.85
N ILE B 602 -39.22 2.22 -15.22
CA ILE B 602 -40.20 3.28 -15.03
C ILE B 602 -39.64 4.56 -15.64
N PRO B 603 -40.36 5.24 -16.53
CA PRO B 603 -39.79 6.42 -17.18
C PRO B 603 -39.44 7.51 -16.17
N GLY B 604 -38.31 8.17 -16.41
CA GLY B 604 -37.89 9.28 -15.58
C GLY B 604 -37.50 8.91 -14.17
N VAL B 605 -37.38 7.63 -13.86
CA VAL B 605 -37.00 7.16 -12.53
C VAL B 605 -35.79 6.22 -12.58
N THR B 606 -35.89 5.17 -13.38
CA THR B 606 -34.83 4.17 -13.51
C THR B 606 -34.55 3.88 -14.98
N ASP B 607 -34.41 4.93 -15.78
CA ASP B 607 -34.09 4.82 -17.19
C ASP B 607 -32.79 5.54 -17.52
N ARG B 608 -31.87 5.60 -16.56
CA ARG B 608 -30.62 6.35 -16.72
C ARG B 608 -29.37 5.58 -16.32
N ASP B 609 -29.48 4.50 -15.54
CA ASP B 609 -28.36 3.71 -15.05
C ASP B 609 -27.59 4.42 -13.94
N TYR B 610 -28.08 5.57 -13.47
CA TYR B 610 -27.44 6.27 -12.37
C TYR B 610 -28.48 7.13 -11.65
N TYR B 611 -28.16 7.50 -10.42
CA TYR B 611 -29.02 8.34 -9.60
C TYR B 611 -28.34 9.69 -9.38
N THR B 612 -29.12 10.76 -9.49
CA THR B 612 -28.60 12.09 -9.24
C THR B 612 -28.15 12.22 -7.80
N ASN B 613 -27.01 12.89 -7.60
CA ASN B 613 -26.43 13.00 -6.27
C ASN B 613 -27.40 13.74 -5.34
N SER B 614 -27.05 13.73 -4.05
CA SER B 614 -27.94 14.26 -3.02
C SER B 614 -28.22 15.74 -3.25
N ASN B 615 -29.48 16.13 -3.02
CA ASN B 615 -29.92 17.52 -3.05
C ASN B 615 -29.31 18.31 -4.20
N HIS B 616 -29.23 17.71 -5.39
CA HIS B 616 -28.68 18.36 -6.57
C HIS B 616 -29.68 18.29 -7.71
N VAL B 617 -29.72 19.34 -8.51
CA VAL B 617 -30.59 19.33 -9.70
C VAL B 617 -30.07 18.28 -10.67
N PRO B 618 -30.94 17.60 -11.42
CA PRO B 618 -30.44 16.62 -12.39
C PRO B 618 -29.48 17.27 -13.38
N VAL B 619 -28.41 16.55 -13.69
CA VAL B 619 -27.38 17.11 -14.57
C VAL B 619 -27.93 17.34 -15.97
N TYR B 620 -28.81 16.47 -16.43
CA TYR B 620 -29.33 16.55 -17.79
C TYR B 620 -30.44 17.58 -17.94
N TYR B 621 -30.62 18.46 -16.96
CA TYR B 621 -31.62 19.53 -17.02
C TYR B 621 -30.89 20.85 -17.23
N LYS B 622 -31.23 21.56 -18.30
CA LYS B 622 -30.57 22.81 -18.63
C LYS B 622 -31.09 23.93 -17.74
N CYS B 623 -30.18 24.64 -17.09
CA CYS B 623 -30.55 25.74 -16.21
C CYS B 623 -29.36 26.68 -16.07
N THR B 624 -29.67 27.94 -15.79
CA THR B 624 -28.64 28.95 -15.57
C THR B 624 -28.14 28.89 -14.13
N ALA B 625 -27.06 29.64 -13.88
CA ALA B 625 -26.45 29.60 -12.55
C ALA B 625 -27.40 30.15 -11.49
N LEU B 626 -28.14 31.21 -11.82
CA LEU B 626 -28.97 31.87 -10.81
C LEU B 626 -30.04 30.92 -10.28
N LYS B 627 -30.79 30.29 -11.18
CA LYS B 627 -31.87 29.39 -10.76
C LYS B 627 -31.32 28.21 -9.97
N LYS B 628 -30.21 27.64 -10.44
CA LYS B 628 -29.62 26.50 -9.74
C LYS B 628 -29.20 26.89 -8.33
N ALA B 629 -28.56 28.05 -8.17
CA ALA B 629 -28.14 28.50 -6.86
C ALA B 629 -29.34 28.75 -5.96
N GLN B 630 -30.38 29.40 -6.50
CA GLN B 630 -31.56 29.69 -5.69
C GLN B 630 -32.27 28.41 -5.25
N ILE B 631 -32.23 27.37 -6.09
CA ILE B 631 -32.93 26.14 -5.75
C ILE B 631 -32.10 25.29 -4.78
N GLU B 632 -30.77 25.35 -4.86
CA GLU B 632 -29.92 24.55 -3.99
C GLU B 632 -29.43 25.32 -2.77
N ALA B 633 -29.88 26.56 -2.57
CA ALA B 633 -29.36 27.35 -1.46
C ALA B 633 -29.91 26.89 -0.11
N PRO B 634 -31.23 26.80 0.10
CA PRO B 634 -31.73 26.58 1.46
C PRO B 634 -31.32 25.26 2.09
N TYR B 635 -30.90 24.27 1.31
CA TYR B 635 -30.54 22.97 1.87
C TYR B 635 -29.23 23.00 2.65
N HIS B 636 -28.31 23.91 2.32
CA HIS B 636 -27.01 23.90 2.96
C HIS B 636 -27.07 24.15 4.45
N ASP B 637 -28.14 24.80 4.94
CA ASP B 637 -28.28 25.01 6.37
C ASP B 637 -28.68 23.72 7.08
N LEU B 638 -29.40 22.83 6.41
CA LEU B 638 -29.86 21.60 7.03
C LEU B 638 -28.77 20.52 7.01
N THR B 639 -28.13 20.33 5.85
CA THR B 639 -27.04 19.37 5.71
C THR B 639 -25.79 19.97 6.34
N ARG B 640 -25.67 19.79 7.66
CA ARG B 640 -24.60 20.38 8.44
C ARG B 640 -23.43 19.42 8.65
N GLY B 641 -23.20 18.53 7.68
CA GLY B 641 -22.05 17.64 7.72
C GLY B 641 -21.25 17.68 6.44
N GLY B 642 -21.83 18.26 5.39
CA GLY B 642 -21.14 18.39 4.12
C GLY B 642 -22.06 18.82 3.00
N HIS B 643 -21.56 19.69 2.12
CA HIS B 643 -22.34 20.15 0.98
C HIS B 643 -21.37 20.65 -0.09
N ILE B 644 -21.91 20.88 -1.28
CA ILE B 644 -21.11 21.34 -2.41
C ILE B 644 -22.07 21.97 -3.43
N PHE B 645 -21.52 22.83 -4.29
CA PHE B 645 -22.30 23.51 -5.33
C PHE B 645 -21.44 23.58 -6.59
N TYR B 646 -21.63 22.59 -7.47
CA TYR B 646 -20.90 22.55 -8.72
C TYR B 646 -21.43 23.61 -9.68
N VAL B 647 -20.56 24.04 -10.59
CA VAL B 647 -20.97 24.93 -11.69
C VAL B 647 -20.12 24.59 -12.90
N GLU B 648 -20.70 24.12 -13.96
CA GLU B 648 -19.93 23.85 -15.19
C GLU B 648 -19.67 25.18 -15.90
N ILE B 649 -18.74 25.22 -16.85
CA ILE B 649 -18.43 26.46 -17.64
C ILE B 649 -17.92 25.98 -18.97
N ASP B 650 -18.26 26.65 -20.06
CA ASP B 650 -17.84 26.13 -21.38
C ASP B 650 -16.35 26.36 -21.51
N GLY B 651 -15.70 25.83 -22.56
CA GLY B 651 -14.23 25.92 -22.65
C GLY B 651 -13.70 27.31 -22.98
N ASP B 652 -14.50 28.14 -23.68
CA ASP B 652 -14.08 29.49 -24.13
C ASP B 652 -14.27 30.54 -23.03
N ALA B 653 -14.91 30.17 -21.93
CA ALA B 653 -15.04 31.15 -20.85
C ALA B 653 -14.16 30.69 -19.69
N THR B 654 -13.09 29.96 -20.00
CA THR B 654 -12.15 29.46 -18.95
C THR B 654 -10.94 30.38 -18.99
N HIS B 655 -10.87 31.25 -19.99
CA HIS B 655 -9.74 32.21 -20.12
C HIS B 655 -9.94 33.38 -19.16
N ASN B 656 -11.12 33.99 -19.16
CA ASN B 656 -11.43 35.10 -18.24
C ASN B 656 -11.51 34.61 -16.80
N PRO B 657 -10.79 35.22 -15.86
CA PRO B 657 -10.91 34.86 -14.46
C PRO B 657 -11.98 35.76 -13.88
N SER B 658 -12.84 36.32 -14.73
CA SER B 658 -13.96 37.20 -14.27
C SER B 658 -15.12 36.30 -13.84
N VAL B 659 -15.41 35.24 -14.61
CA VAL B 659 -16.54 34.32 -14.32
C VAL B 659 -16.34 33.69 -12.94
N ILE B 660 -15.15 33.26 -12.56
CA ILE B 660 -15.05 32.67 -11.21
C ILE B 660 -15.31 33.76 -10.16
N GLU B 661 -15.51 35.00 -10.58
CA GLU B 661 -15.83 36.03 -9.55
C GLU B 661 -17.34 36.20 -9.49
N SER B 662 -18.07 35.88 -10.54
CA SER B 662 -19.55 35.87 -10.46
C SER B 662 -19.93 34.79 -9.44
N VAL B 663 -19.64 33.54 -9.77
CA VAL B 663 -19.94 32.41 -8.85
C VAL B 663 -19.64 32.82 -7.43
N VAL B 664 -18.54 33.51 -7.15
CA VAL B 664 -18.26 33.71 -5.74
C VAL B 664 -19.19 34.75 -5.13
N ASP B 665 -19.49 35.82 -5.88
CA ASP B 665 -20.41 36.82 -5.33
C ASP B 665 -21.83 36.28 -5.29
N MET B 666 -22.21 35.43 -6.25
CA MET B 666 -23.50 34.75 -6.16
C MET B 666 -23.56 33.88 -4.90
N MET B 667 -22.48 33.17 -4.62
CA MET B 667 -22.41 32.37 -3.40
C MET B 667 -22.55 33.24 -2.15
N ASP B 668 -21.87 34.39 -2.14
CA ASP B 668 -21.90 35.26 -0.98
C ASP B 668 -23.28 35.88 -0.78
N LYS B 669 -24.00 36.18 -1.86
CA LYS B 669 -25.30 36.82 -1.72
C LYS B 669 -26.26 35.96 -0.92
N TYR B 670 -26.29 34.66 -1.18
CA TYR B 670 -27.07 33.71 -0.41
C TYR B 670 -26.17 33.09 0.66
N ASN B 671 -26.70 32.09 1.36
CA ASN B 671 -25.95 31.38 2.40
C ASN B 671 -25.49 30.04 1.85
N MET B 672 -24.24 30.00 1.39
CA MET B 672 -23.63 28.77 0.91
C MET B 672 -22.21 28.69 1.46
N GLY B 673 -21.69 27.48 1.56
CA GLY B 673 -20.41 27.28 2.22
C GLY B 673 -19.41 26.43 1.46
N TYR B 674 -19.61 26.26 0.16
CA TYR B 674 -18.67 25.47 -0.63
C TYR B 674 -18.99 25.65 -2.10
N GLY B 675 -17.96 25.70 -2.95
CA GLY B 675 -18.15 25.89 -4.37
C GLY B 675 -17.00 25.32 -5.16
N SER B 676 -17.18 25.32 -6.48
CA SER B 676 -16.18 24.78 -7.40
C SER B 676 -16.61 25.10 -8.82
N VAL B 677 -15.68 24.95 -9.76
CA VAL B 677 -15.93 25.16 -11.17
C VAL B 677 -15.20 24.09 -11.96
N ASN B 678 -15.83 23.64 -13.04
CA ASN B 678 -15.28 22.53 -13.83
C ASN B 678 -15.44 22.82 -15.31
N HIS B 679 -14.56 22.20 -16.11
CA HIS B 679 -14.58 22.34 -17.56
C HIS B 679 -13.94 21.10 -18.16
N ASN B 680 -14.09 20.95 -19.47
CA ASN B 680 -13.48 19.84 -20.19
C ASN B 680 -12.03 20.17 -20.54
N ARG B 681 -11.18 19.15 -20.50
CA ARG B 681 -9.74 19.34 -20.73
C ARG B 681 -9.18 18.13 -21.45
N ASN B 682 -8.80 18.33 -22.71
CA ASN B 682 -8.16 17.27 -23.47
C ASN B 682 -6.69 17.13 -23.08
N ARG B 683 -6.20 15.90 -23.13
CA ARG B 683 -4.80 15.60 -22.82
C ARG B 683 -4.22 14.73 -23.93
N CYS B 687 2.24 14.32 -25.78
CA CYS B 687 3.33 14.97 -25.06
C CYS B 687 2.85 15.55 -23.73
N GLY B 688 1.58 15.97 -23.70
CA GLY B 688 1.01 16.57 -22.52
C GLY B 688 0.48 17.97 -22.76
N TYR B 689 0.15 18.27 -24.01
CA TYR B 689 -0.39 19.58 -24.38
C TYR B 689 -1.84 19.64 -23.92
N GLU B 690 -2.04 20.08 -22.68
CA GLU B 690 -3.37 20.10 -22.06
C GLU B 690 -4.15 21.29 -22.62
N ASN B 691 -4.71 21.09 -23.81
CA ASN B 691 -5.58 22.09 -24.43
C ASN B 691 -6.99 21.94 -23.89
N ALA B 692 -7.65 23.08 -23.67
CA ALA B 692 -8.98 23.10 -23.07
C ALA B 692 -10.11 23.24 -24.09
N ASP B 693 -9.81 23.15 -25.38
CA ASP B 693 -10.86 23.33 -26.38
C ASP B 693 -11.92 22.23 -26.25
N ALA B 694 -13.07 22.48 -26.88
CA ALA B 694 -14.17 21.53 -26.78
C ALA B 694 -13.81 20.18 -27.36
N HIS B 695 -13.13 20.17 -28.52
CA HIS B 695 -12.76 18.92 -29.16
C HIS B 695 -11.43 19.12 -29.89
N LEU B 696 -10.60 18.07 -29.88
CA LEU B 696 -9.32 18.08 -30.57
C LEU B 696 -9.18 16.78 -31.35
N GLU B 697 -8.49 16.88 -32.49
CA GLU B 697 -8.26 15.74 -33.38
C GLU B 697 -6.83 15.23 -33.32
N VAL B 698 -5.85 16.12 -33.50
CA VAL B 698 -4.44 15.77 -33.46
C VAL B 698 -3.71 16.76 -32.56
N CYS B 699 -2.89 16.24 -31.66
CA CYS B 699 -2.15 17.12 -30.76
C CYS B 699 -1.14 17.95 -31.55
N PRO B 700 -0.95 19.23 -31.18
CA PRO B 700 -0.03 20.07 -31.98
C PRO B 700 1.40 19.52 -32.04
N LYS B 701 1.89 18.93 -30.95
CA LYS B 701 3.29 18.49 -30.88
C LYS B 701 3.41 16.97 -31.05
N CYS B 702 2.70 16.21 -30.21
CA CYS B 702 2.77 14.76 -30.28
C CYS B 702 1.83 14.24 -31.36
N GLY B 703 2.36 13.42 -32.26
CA GLY B 703 1.55 12.87 -33.33
C GLY B 703 0.67 11.70 -32.93
N SER B 704 0.79 11.22 -31.71
CA SER B 704 -0.02 10.09 -31.25
C SER B 704 -1.48 10.49 -31.20
N HIS B 705 -2.36 9.54 -31.56
CA HIS B 705 -3.79 9.79 -31.55
C HIS B 705 -4.39 9.73 -30.15
N HIS B 706 -3.61 9.35 -29.15
CA HIS B 706 -4.13 9.25 -27.78
C HIS B 706 -4.58 10.62 -27.28
N ILE B 707 -5.89 10.79 -27.07
CA ILE B 707 -6.44 12.03 -26.57
C ILE B 707 -7.46 11.71 -25.48
N ASP B 708 -7.06 11.86 -24.23
CA ASP B 708 -7.91 11.54 -23.09
C ASP B 708 -8.56 12.82 -22.56
N LYS B 709 -9.45 12.65 -21.58
CA LYS B 709 -10.17 13.75 -20.96
C LYS B 709 -9.91 13.76 -19.47
N LEU B 710 -9.68 14.96 -18.92
CA LEU B 710 -9.44 15.14 -17.50
C LEU B 710 -10.62 15.89 -16.87
N GLN B 711 -11.21 15.30 -15.84
CA GLN B 711 -12.31 15.92 -15.12
C GLN B 711 -12.34 15.34 -13.71
N ARG B 712 -13.37 15.72 -12.95
CA ARG B 712 -13.54 15.27 -11.57
C ARG B 712 -14.80 14.42 -11.45
N ILE B 713 -14.76 13.46 -10.54
CA ILE B 713 -15.88 12.56 -10.31
C ILE B 713 -16.73 13.06 -9.15
N THR B 714 -16.13 13.13 -7.96
CA THR B 714 -16.86 13.59 -6.79
C THR B 714 -16.02 14.52 -5.91
N GLY B 715 -14.95 15.08 -6.43
CA GLY B 715 -14.12 15.98 -5.66
C GLY B 715 -12.63 15.85 -5.91
N TYR B 716 -12.23 14.89 -6.74
CA TYR B 716 -10.83 14.73 -7.10
C TYR B 716 -10.72 14.33 -8.57
N LEU B 717 -9.73 14.88 -9.26
CA LEU B 717 -9.51 14.56 -10.65
C LEU B 717 -9.04 13.12 -10.80
N VAL B 718 -9.44 12.49 -11.91
CA VAL B 718 -9.21 11.06 -12.11
C VAL B 718 -8.68 10.86 -13.52
N GLY B 719 -7.35 10.89 -13.67
CA GLY B 719 -6.67 10.33 -14.82
C GLY B 719 -7.36 10.50 -16.16
N THR B 720 -7.59 9.37 -16.83
CA THR B 720 -8.16 9.33 -18.17
C THR B 720 -9.49 8.58 -18.13
N THR B 721 -10.20 8.61 -19.26
CA THR B 721 -11.52 8.00 -19.34
C THR B 721 -11.41 6.51 -19.63
N ASP B 722 -10.61 5.80 -18.84
CA ASP B 722 -10.54 4.34 -18.89
C ASP B 722 -10.55 3.68 -17.53
N ARG B 723 -10.19 4.40 -16.47
CA ARG B 723 -10.13 3.86 -15.11
C ARG B 723 -11.33 4.27 -14.28
N TRP B 724 -12.45 4.57 -14.93
CA TRP B 724 -13.66 5.03 -14.26
C TRP B 724 -14.57 3.85 -13.95
N ASN B 725 -15.60 4.13 -13.15
CA ASN B 725 -16.64 3.16 -12.92
C ASN B 725 -17.49 2.98 -14.18
N SER B 726 -18.08 1.80 -14.31
CA SER B 726 -18.86 1.49 -15.51
C SER B 726 -20.27 2.07 -15.46
N GLY B 727 -20.67 2.65 -14.34
CA GLY B 727 -22.01 3.21 -14.22
C GLY B 727 -22.02 4.72 -14.15
N LYS B 728 -20.95 5.31 -13.62
CA LYS B 728 -20.85 6.76 -13.50
C LYS B 728 -20.29 7.42 -14.75
N LEU B 729 -19.84 6.63 -15.74
CA LEU B 729 -19.36 7.22 -16.98
C LEU B 729 -20.50 7.83 -17.77
N ALA B 730 -21.68 7.20 -17.74
CA ALA B 730 -22.82 7.75 -18.45
C ALA B 730 -23.19 9.13 -17.93
N GLU B 731 -22.93 9.39 -16.64
CA GLU B 731 -23.19 10.72 -16.09
C GLU B 731 -22.31 11.77 -16.76
N LEU B 732 -21.03 11.44 -16.97
CA LEU B 732 -20.13 12.41 -17.59
C LEU B 732 -20.55 12.75 -19.01
N HIS B 733 -21.28 11.87 -19.68
CA HIS B 733 -21.71 12.11 -21.05
C HIS B 733 -23.05 12.85 -21.13
N ASP B 734 -23.65 13.21 -19.99
CA ASP B 734 -24.93 13.89 -19.96
C ASP B 734 -24.88 15.23 -19.23
N ARG B 735 -23.72 15.65 -18.75
CA ARG B 735 -23.63 16.93 -18.05
C ARG B 735 -23.98 18.06 -19.01
N VAL B 736 -24.61 19.11 -18.46
CA VAL B 736 -24.97 20.27 -19.30
C VAL B 736 -24.02 21.41 -18.93
N THR B 737 -23.77 22.33 -19.86
CA THR B 737 -22.79 23.43 -19.62
C THR B 737 -23.48 24.72 -19.21
N HIS B 738 -23.73 24.94 -17.92
CA HIS B 738 -24.21 26.28 -17.53
C HIS B 738 -23.12 27.15 -18.16
N ILE B 739 -23.39 28.19 -18.96
CA ILE B 739 -22.25 28.88 -19.66
C ILE B 739 -21.36 29.62 -18.65
N GLY B 740 -21.89 30.02 -17.51
CA GLY B 740 -21.06 30.80 -16.60
C GLY B 740 -21.21 30.27 -15.21
#